data_6X2M
#
_entry.id   6X2M
#
_cell.length_a   105.313
_cell.length_b   105.313
_cell.length_c   306.710
_cell.angle_alpha   90.000
_cell.angle_beta   90.000
_cell.angle_gamma   90.000
#
_symmetry.space_group_name_H-M   'P 43 21 2'
#
loop_
_entity.id
_entity.type
_entity.pdbx_description
1 polymer 'GTP-binding nuclear protein Ran'
2 polymer 'Ran-specific GTPase-activating protein 1'
3 polymer Exportin-1
4 non-polymer 'PHOSPHOAMINOPHOSPHONIC ACID-GUANYLATE ESTER'
5 non-polymer 'MAGNESIUM ION'
6 non-polymer GLYCEROL
7 water water
#
loop_
_entity_poly.entity_id
_entity_poly.type
_entity_poly.pdbx_seq_one_letter_code
_entity_poly.pdbx_strand_id
1 'polypeptide(L)'
;MAAQGEPQVQFKLVLVGDGGTGKTTFVKRHLTGEFEKKYVATLGVEVHPLVFHTNRGPIKFNVWDTAGQEKFGGLRDGYY
IQAQCAIIMFDVTSRVTYKNVPNWHRDLVRVCENIPIVLCGNKVDIKDRKVKAKSIVFHRKKNLQYYDISAKSNYNFEKP
FLWLARKLIGDPNLEFVAMPALAPPEVVMDPALAAQYEHDLEVAQTTALPDEDDDL
;
A
2 'polypeptide(L)'
;DIHFEPVVHLEKVDVKTMEEDEEVLYKVRAKLFRFDADAKEWKERGTGDCKFLKNKKTNKVRILMRRDKTLKICANHIIA
PEYTLKPNVGSDRSWVYACTADIAEGEAEAFTFAIRFGSKENADKFKEEFEKAQEINKKA
;
B
3 'polypeptide(L)'
;GGSMEGILDFSNDLDIALLDQVVSTFYQGSGVQQKQAQEILTKFQDNPDAWQKADQILQFSTNPQSKFIALSILDKLITR
KWKLLPNDHRIGIRNFVVGMIISMCQDDEVFKTQKNLINKSDLTLVQILKQEWPQNWPEFIPELIGSSSSSVNVCENNMI
VLKLLSEEVFDFSAEQMTQAKALHLKNSMSKEFEQIFKLCFQVLEQGSSSSLIVATLESLLRYLHWIPYRYIYETNILEL
LSTKFMTSPDTRAITLKCLTEVSNLKIPQDNDLIKRQTVLFFQNTLQQIATSVMPVTADLKATYANANGNDQSFLQDLAM
FLTTYLARNRALLESDESLRELLLNAHQYLIQLSKIEERELFKTTLDYWHNLVADLFYEPLKKHIYEEICSQLRLVIIEN
MVRPEEVLVVENDEGEIVREFVKESDTIQLYKSEREVLVYLTHLNVIDTEEIMISKLARQIDGSEWSWHNINTLSWAIGS
ISGTMSEDTEKRFVVTVIKDLLGLCEQKRGKDNKAVVASDIMYVVGQYPRFLKAHWNFLRTVILKLFEFMHETHEGVQDM
ACDTFIKIVQKCKYHFVIQQPRESEPFIQTIIRDIQKTTADLQPQQVHTFYKACGIIISEERSVAERNRLLSDLMQLPNM
AWDTIVEQSTANPTLLLDSETVKIIANIIKTNVAVCTSMGADFYPQLGHIYYNMLQLYRAVSSMISAQVAAEGLIATKTP
KVRGLRTIKKEILKLVETYISKARNLDDVVKVLVEPLLNAVLEDYMNNVPDARDAEVLNCMTTVVEKVGHMIPQGVILIL
QSVFECTLDMINKDFTEYPEHRVEFYKLLKVINEKSFAAFLELPPAAFKLFVDAICWAFKHNNRDVEVNGLQIALDLVKN
IERMGNVPFANEFHKNYFFIFVSETFFVLTDSDHKSGFSKQALLLMKLISLVYDNKISVPLYQEAEVPQGTSNQVYLSQY
LANMLSNAFPHLTSEQIASFLSALTKQCKDLVVFKGTLRDFLVQIKEVGGDPTDYLFAEDKENA
;
C
#
loop_
_chem_comp.id
_chem_comp.type
_chem_comp.name
_chem_comp.formula
GNP non-polymer 'PHOSPHOAMINOPHOSPHONIC ACID-GUANYLATE ESTER' 'C10 H17 N6 O13 P3'
GOL non-polymer GLYCEROL 'C3 H8 O3'
MG non-polymer 'MAGNESIUM ION' 'Mg 2'
#
# COMPACT_ATOMS: atom_id res chain seq x y z
N VAL A 9 17.94 27.44 3.80
CA VAL A 9 16.92 26.87 2.94
C VAL A 9 16.28 25.66 3.60
N GLN A 10 15.37 25.91 4.53
CA GLN A 10 14.66 24.85 5.25
C GLN A 10 13.15 25.03 5.07
N PHE A 11 12.45 23.90 4.97
CA PHE A 11 11.02 23.89 4.73
C PHE A 11 10.34 22.97 5.72
N LYS A 12 9.19 23.41 6.24
CA LYS A 12 8.43 22.59 7.18
C LYS A 12 7.55 21.59 6.43
N LEU A 13 7.65 20.32 6.79
CA LEU A 13 6.89 19.25 6.18
C LEU A 13 6.08 18.54 7.26
N VAL A 14 4.78 18.42 7.04
CA VAL A 14 3.91 17.66 7.93
C VAL A 14 3.61 16.32 7.28
N LEU A 15 3.58 15.26 8.08
CA LEU A 15 3.37 13.91 7.62
C LEU A 15 2.17 13.35 8.35
N VAL A 16 1.08 13.09 7.61
CA VAL A 16 -0.18 12.67 8.21
C VAL A 16 -0.64 11.37 7.57
N GLY A 17 -1.56 10.70 8.25
CA GLY A 17 -2.10 9.44 7.79
C GLY A 17 -2.58 8.62 8.97
N ASP A 18 -3.27 7.53 8.65
CA ASP A 18 -3.77 6.64 9.68
C ASP A 18 -2.61 5.98 10.43
N GLY A 19 -2.93 5.46 11.62
CA GLY A 19 -1.94 4.76 12.40
C GLY A 19 -1.55 3.45 11.74
N GLY A 20 -0.26 3.11 11.84
CA GLY A 20 0.27 1.90 11.26
C GLY A 20 0.59 1.97 9.79
N THR A 21 0.37 3.12 9.14
CA THR A 21 0.59 3.20 7.70
C THR A 21 2.08 3.21 7.34
N GLY A 22 2.96 3.49 8.29
CA GLY A 22 4.38 3.52 8.04
C GLY A 22 5.03 4.90 8.03
N LYS A 23 4.39 5.91 8.62
CA LYS A 23 4.93 7.26 8.60
C LYS A 23 6.28 7.32 9.31
N THR A 24 6.34 6.81 10.55
CA THR A 24 7.57 6.90 11.33
C THR A 24 8.68 6.04 10.73
N THR A 25 8.34 4.85 10.23
CA THR A 25 9.34 4.00 9.60
C THR A 25 9.92 4.65 8.35
N PHE A 26 9.06 5.30 7.56
CA PHE A 26 9.50 5.98 6.35
C PHE A 26 10.50 7.09 6.67
N VAL A 27 10.26 7.84 7.73
CA VAL A 27 11.17 8.91 8.12
C VAL A 27 12.46 8.34 8.68
N LYS A 28 12.36 7.34 9.56
CA LYS A 28 13.55 6.71 10.12
C LYS A 28 14.45 6.17 9.02
N ARG A 29 13.87 5.57 7.99
CA ARG A 29 14.65 5.08 6.87
C ARG A 29 15.46 6.19 6.21
N HIS A 30 14.93 7.42 6.21
CA HIS A 30 15.65 8.52 5.60
C HIS A 30 16.64 9.16 6.56
N LEU A 31 16.39 9.07 7.87
CA LEU A 31 17.32 9.65 8.84
C LEU A 31 18.55 8.77 9.03
N THR A 32 18.34 7.49 9.34
CA THR A 32 19.43 6.60 9.70
C THR A 32 19.69 5.48 8.70
N GLY A 33 18.73 5.19 7.82
CA GLY A 33 18.86 4.09 6.90
C GLY A 33 18.31 2.78 7.43
N GLU A 34 17.79 2.76 8.65
CA GLU A 34 17.33 1.54 9.28
C GLU A 34 15.89 1.24 8.86
N PHE A 35 15.45 0.01 9.15
CA PHE A 35 14.06 -0.39 8.97
C PHE A 35 13.54 -0.88 10.31
N GLU A 36 12.67 -0.08 10.92
CA GLU A 36 12.05 -0.45 12.19
C GLU A 36 10.89 -1.41 11.94
N LYS A 37 10.94 -2.57 12.59
CA LYS A 37 9.88 -3.56 12.46
C LYS A 37 8.82 -3.44 13.54
N LYS A 38 9.18 -2.91 14.70
CA LYS A 38 8.21 -2.72 15.77
C LYS A 38 7.28 -1.56 15.45
N TYR A 39 6.06 -1.64 15.97
CA TYR A 39 5.09 -0.55 15.89
C TYR A 39 5.03 0.11 17.26
N VAL A 40 5.72 1.24 17.39
CA VAL A 40 5.61 2.11 18.56
C VAL A 40 4.89 3.36 18.10
N ALA A 41 3.63 3.51 18.53
CA ALA A 41 2.81 4.61 18.05
C ALA A 41 3.43 5.95 18.41
N THR A 42 3.50 6.85 17.42
CA THR A 42 3.96 8.20 17.68
C THR A 42 2.96 8.91 18.59
N LEU A 43 3.50 9.71 19.51
CA LEU A 43 2.69 10.43 20.49
C LEU A 43 2.74 11.92 20.13
N GLY A 44 1.64 12.41 19.57
CA GLY A 44 1.58 13.79 19.13
C GLY A 44 2.33 14.01 17.83
N VAL A 45 3.61 14.37 17.94
CA VAL A 45 4.44 14.63 16.78
C VAL A 45 5.90 14.45 17.18
N GLU A 46 6.72 14.05 16.22
CA GLU A 46 8.17 14.02 16.39
C GLU A 46 8.79 14.80 15.24
N VAL A 47 9.54 15.84 15.57
CA VAL A 47 10.19 16.69 14.58
C VAL A 47 11.61 16.19 14.39
N HIS A 48 11.97 15.88 13.15
N HIS A 48 11.99 15.93 13.15
CA HIS A 48 13.31 15.46 12.78
CA HIS A 48 13.36 15.50 12.87
C HIS A 48 13.77 16.32 11.62
C HIS A 48 13.86 16.16 11.59
N PRO A 49 15.00 16.84 11.65
CA PRO A 49 15.53 17.50 10.45
C PRO A 49 16.11 16.48 9.48
N LEU A 50 15.89 16.72 8.20
CA LEU A 50 16.31 15.80 7.14
C LEU A 50 16.84 16.62 5.97
N VAL A 51 18.12 16.45 5.65
CA VAL A 51 18.81 17.25 4.65
C VAL A 51 19.11 16.38 3.45
N PHE A 52 18.82 16.90 2.25
CA PHE A 52 19.19 16.26 1.00
C PHE A 52 20.13 17.17 0.23
N HIS A 53 21.09 16.57 -0.47
CA HIS A 53 22.04 17.30 -1.29
C HIS A 53 21.58 17.29 -2.74
N THR A 54 21.40 18.47 -3.32
CA THR A 54 20.93 18.61 -4.69
C THR A 54 21.94 19.39 -5.52
N ASN A 55 21.69 19.45 -6.83
CA ASN A 55 22.49 20.28 -7.72
C ASN A 55 22.19 21.77 -7.56
N ARG A 56 21.22 22.12 -6.71
CA ARG A 56 20.93 23.50 -6.37
C ARG A 56 21.26 23.80 -4.91
N GLY A 57 22.22 23.07 -4.35
CA GLY A 57 22.58 23.24 -2.96
C GLY A 57 21.78 22.34 -2.05
N PRO A 58 22.13 22.31 -0.77
CA PRO A 58 21.37 21.49 0.18
C PRO A 58 19.96 22.03 0.39
N ILE A 59 19.06 21.13 0.75
CA ILE A 59 17.70 21.47 1.13
C ILE A 59 17.37 20.70 2.40
N LYS A 60 16.77 21.38 3.36
CA LYS A 60 16.49 20.80 4.68
C LYS A 60 14.99 20.75 4.90
N PHE A 61 14.50 19.56 5.26
CA PHE A 61 13.09 19.36 5.56
C PHE A 61 12.95 19.17 7.07
N ASN A 62 12.25 20.09 7.72
CA ASN A 62 11.87 19.90 9.12
C ASN A 62 10.61 19.05 9.13
N VAL A 63 10.78 17.75 9.38
CA VAL A 63 9.72 16.77 9.19
C VAL A 63 8.92 16.64 10.48
N TRP A 64 7.65 17.03 10.43
CA TRP A 64 6.73 16.89 11.56
C TRP A 64 5.95 15.60 11.37
N ASP A 65 6.47 14.51 11.92
CA ASP A 65 5.83 13.19 11.84
C ASP A 65 4.77 13.10 12.92
N THR A 66 3.52 13.32 12.52
CA THR A 66 2.41 13.37 13.47
C THR A 66 1.86 11.98 13.76
N ALA A 67 0.93 11.92 14.71
CA ALA A 67 0.35 10.66 15.14
C ALA A 67 -0.95 10.40 14.40
N GLY A 68 -1.13 9.16 13.95
CA GLY A 68 -2.32 8.78 13.22
C GLY A 68 -3.43 8.23 14.11
N GLN A 69 -3.04 7.68 15.26
N GLN A 69 -3.04 7.67 15.26
CA GLN A 69 -4.01 7.16 16.22
CA GLN A 69 -4.01 7.16 16.21
C GLN A 69 -4.73 8.33 16.88
C GLN A 69 -4.73 8.33 16.87
N GLU A 70 -6.06 8.25 16.94
CA GLU A 70 -6.85 9.37 17.46
C GLU A 70 -6.54 9.63 18.93
N LYS A 71 -6.38 8.57 19.72
CA LYS A 71 -6.09 8.74 21.14
C LYS A 71 -4.71 9.34 21.39
N PHE A 72 -3.84 9.36 20.38
CA PHE A 72 -2.52 9.95 20.50
C PHE A 72 -2.36 11.19 19.62
N GLY A 73 -3.48 11.79 19.19
CA GLY A 73 -3.42 12.80 18.14
C GLY A 73 -2.71 14.07 18.53
N GLY A 74 -2.71 14.39 19.82
CA GLY A 74 -2.05 15.62 20.25
C GLY A 74 -2.81 16.84 19.77
N LEU A 75 -2.07 17.84 19.28
CA LEU A 75 -2.67 19.09 18.85
C LEU A 75 -3.43 18.95 17.53
N ARG A 76 -3.30 17.82 16.84
CA ARG A 76 -4.05 17.52 15.61
C ARG A 76 -3.71 18.57 14.56
N ASP A 77 -4.67 19.35 14.06
CA ASP A 77 -4.40 20.30 13.00
C ASP A 77 -3.51 21.46 13.45
N GLY A 78 -3.29 21.60 14.76
CA GLY A 78 -2.34 22.59 15.23
C GLY A 78 -0.92 22.34 14.75
N TYR A 79 -0.61 21.09 14.38
CA TYR A 79 0.70 20.78 13.84
C TYR A 79 0.89 21.30 12.42
N TYR A 80 -0.21 21.58 11.71
CA TYR A 80 -0.13 21.94 10.31
C TYR A 80 0.22 23.40 10.07
N ILE A 81 0.17 24.24 11.12
CA ILE A 81 0.34 25.68 10.94
C ILE A 81 1.72 25.98 10.36
N GLN A 82 1.75 26.79 9.30
CA GLN A 82 2.96 27.25 8.64
C GLN A 82 3.76 26.12 8.00
N ALA A 83 3.11 24.99 7.72
CA ALA A 83 3.74 23.95 6.92
C ALA A 83 3.86 24.41 5.48
N GLN A 84 4.97 24.07 4.83
CA GLN A 84 5.24 24.46 3.46
C GLN A 84 5.09 23.32 2.48
N CYS A 85 4.95 22.08 2.95
CA CYS A 85 4.67 20.92 2.12
C CYS A 85 4.11 19.84 3.02
N ALA A 86 3.70 18.73 2.42
CA ALA A 86 3.05 17.68 3.20
C ALA A 86 3.12 16.35 2.46
N ILE A 87 3.05 15.28 3.24
CA ILE A 87 2.91 13.92 2.71
C ILE A 87 1.72 13.28 3.41
N ILE A 88 0.80 12.73 2.63
CA ILE A 88 -0.32 11.97 3.16
C ILE A 88 -0.04 10.49 2.94
N MET A 89 -0.04 9.72 4.01
CA MET A 89 0.35 8.32 3.97
C MET A 89 -0.86 7.42 4.18
N PHE A 90 -0.95 6.35 3.40
CA PHE A 90 -1.92 5.30 3.64
C PHE A 90 -1.26 3.96 3.35
N ASP A 91 -2.00 2.89 3.63
CA ASP A 91 -1.48 1.53 3.58
C ASP A 91 -2.27 0.74 2.55
N VAL A 92 -1.57 0.29 1.50
CA VAL A 92 -2.25 -0.42 0.42
C VAL A 92 -2.74 -1.80 0.81
N THR A 93 -2.35 -2.30 1.99
CA THR A 93 -2.88 -3.54 2.52
C THR A 93 -4.04 -3.31 3.48
N SER A 94 -4.57 -2.09 3.53
CA SER A 94 -5.65 -1.76 4.44
C SER A 94 -6.56 -0.75 3.74
N ARG A 95 -7.75 -1.20 3.33
CA ARG A 95 -8.68 -0.32 2.63
C ARG A 95 -9.11 0.85 3.51
N VAL A 96 -9.19 0.64 4.82
CA VAL A 96 -9.66 1.68 5.73
C VAL A 96 -8.73 2.89 5.68
N THR A 97 -7.42 2.65 5.60
CA THR A 97 -6.48 3.77 5.60
C THR A 97 -6.61 4.63 4.36
N TYR A 98 -7.10 4.06 3.25
CA TYR A 98 -7.31 4.87 2.05
C TYR A 98 -8.65 5.59 2.08
N LYS A 99 -9.66 5.02 2.75
CA LYS A 99 -10.93 5.72 2.90
C LYS A 99 -10.81 6.90 3.84
N ASN A 100 -9.76 6.98 4.65
CA ASN A 100 -9.52 8.11 5.52
C ASN A 100 -8.63 9.17 4.89
N VAL A 101 -8.07 8.90 3.70
CA VAL A 101 -7.26 9.91 3.01
C VAL A 101 -8.03 11.20 2.78
N PRO A 102 -9.30 11.19 2.35
CA PRO A 102 -10.03 12.46 2.25
C PRO A 102 -10.16 13.19 3.56
N ASN A 103 -10.15 12.47 4.69
CA ASN A 103 -10.29 13.14 5.98
C ASN A 103 -8.99 13.82 6.38
N TRP A 104 -7.85 13.15 6.19
CA TRP A 104 -6.58 13.79 6.48
C TRP A 104 -6.31 14.96 5.54
N HIS A 105 -6.70 14.82 4.27
CA HIS A 105 -6.54 15.93 3.34
C HIS A 105 -7.42 17.11 3.72
N ARG A 106 -8.64 16.83 4.20
CA ARG A 106 -9.56 17.90 4.57
C ARG A 106 -8.99 18.74 5.70
N ASP A 107 -8.54 18.10 6.78
CA ASP A 107 -7.96 18.84 7.89
C ASP A 107 -6.70 19.59 7.46
N LEU A 108 -5.97 19.05 6.49
CA LEU A 108 -4.67 19.61 6.12
C LEU A 108 -4.81 20.89 5.30
N VAL A 109 -5.68 20.86 4.28
CA VAL A 109 -5.79 22.01 3.39
C VAL A 109 -6.66 23.12 3.95
N ARG A 110 -7.41 22.86 5.03
CA ARG A 110 -8.11 23.94 5.70
C ARG A 110 -7.13 24.84 6.46
N VAL A 111 -5.98 24.30 6.83
CA VAL A 111 -4.92 25.08 7.47
C VAL A 111 -3.85 25.48 6.47
N CYS A 112 -3.53 24.61 5.53
CA CYS A 112 -2.51 24.86 4.50
C CYS A 112 -3.21 24.86 3.15
N GLU A 113 -3.64 26.05 2.71
CA GLU A 113 -4.55 26.13 1.57
C GLU A 113 -3.84 25.90 0.23
N ASN A 114 -2.53 26.22 0.14
CA ASN A 114 -1.81 26.15 -1.13
C ASN A 114 -0.37 25.69 -0.87
N ILE A 115 -0.20 24.38 -0.72
CA ILE A 115 1.12 23.78 -0.52
C ILE A 115 1.24 22.54 -1.40
N PRO A 116 2.48 22.15 -1.73
CA PRO A 116 2.68 20.88 -2.43
C PRO A 116 2.41 19.71 -1.50
N ILE A 117 1.64 18.73 -1.99
CA ILE A 117 1.23 17.57 -1.20
C ILE A 117 1.48 16.32 -2.02
N VAL A 118 2.11 15.32 -1.40
CA VAL A 118 2.32 14.01 -2.00
C VAL A 118 1.42 13.01 -1.32
N LEU A 119 0.76 12.16 -2.11
CA LEU A 119 -0.01 11.04 -1.61
C LEU A 119 0.81 9.77 -1.79
N CYS A 120 1.05 9.05 -0.70
CA CYS A 120 1.91 7.88 -0.73
C CYS A 120 1.13 6.65 -0.31
N GLY A 121 1.16 5.61 -1.14
CA GLY A 121 0.62 4.32 -0.76
C GLY A 121 1.72 3.38 -0.34
N ASN A 122 1.83 3.13 0.96
CA ASN A 122 2.96 2.39 1.51
C ASN A 122 2.68 0.89 1.50
N LYS A 123 3.75 0.12 1.74
CA LYS A 123 3.68 -1.33 1.94
C LYS A 123 3.30 -2.07 0.66
N VAL A 124 3.86 -1.62 -0.46
CA VAL A 124 3.55 -2.22 -1.76
C VAL A 124 4.42 -3.47 -1.92
N ASP A 125 5.24 -3.73 -0.90
CA ASP A 125 6.07 -4.92 -0.91
C ASP A 125 5.33 -6.17 -0.49
N ILE A 126 4.13 -6.02 0.08
N ILE A 126 4.12 -6.04 0.05
CA ILE A 126 3.32 -7.15 0.50
CA ILE A 126 3.35 -7.18 0.53
C ILE A 126 2.65 -7.75 -0.73
C ILE A 126 2.55 -7.76 -0.63
N LYS A 127 2.62 -9.08 -0.79
CA LYS A 127 1.99 -9.74 -1.94
C LYS A 127 0.48 -9.57 -1.92
N ASP A 128 -0.13 -9.63 -0.73
CA ASP A 128 -1.59 -9.55 -0.61
C ASP A 128 -2.00 -8.09 -0.51
N ARG A 129 -2.02 -7.43 -1.67
CA ARG A 129 -2.36 -6.01 -1.77
C ARG A 129 -3.87 -5.84 -1.84
N LYS A 130 -4.39 -4.91 -1.04
CA LYS A 130 -5.83 -4.70 -0.93
C LYS A 130 -6.31 -3.46 -1.68
N VAL A 131 -5.57 -2.37 -1.64
CA VAL A 131 -5.93 -1.15 -2.36
C VAL A 131 -5.24 -1.21 -3.72
N LYS A 132 -5.98 -1.68 -4.73
CA LYS A 132 -5.40 -1.84 -6.06
C LYS A 132 -5.11 -0.49 -6.69
N ALA A 133 -4.12 -0.48 -7.59
CA ALA A 133 -3.72 0.76 -8.24
C ALA A 133 -4.86 1.38 -9.04
N LYS A 134 -5.82 0.58 -9.48
CA LYS A 134 -6.91 1.09 -10.31
C LYS A 134 -7.89 1.94 -9.51
N SER A 135 -7.93 1.79 -8.19
CA SER A 135 -8.89 2.49 -7.36
C SER A 135 -8.30 3.70 -6.63
N ILE A 136 -7.02 3.99 -6.84
CA ILE A 136 -6.36 5.13 -6.20
C ILE A 136 -6.45 6.31 -7.18
N VAL A 137 -7.45 7.17 -6.96
CA VAL A 137 -7.70 8.28 -7.88
C VAL A 137 -7.99 9.56 -7.12
N PHE A 138 -7.91 9.53 -5.78
CA PHE A 138 -8.27 10.71 -5.00
C PHE A 138 -7.35 11.89 -5.30
N HIS A 139 -6.10 11.62 -5.66
CA HIS A 139 -5.13 12.69 -5.87
C HIS A 139 -5.42 13.53 -7.10
N ARG A 140 -6.24 13.02 -8.03
CA ARG A 140 -6.41 13.69 -9.32
C ARG A 140 -7.08 15.04 -9.15
N LYS A 141 -8.31 15.06 -8.63
CA LYS A 141 -9.03 16.32 -8.48
C LYS A 141 -8.36 17.26 -7.48
N LYS A 142 -7.52 16.73 -6.60
CA LYS A 142 -6.91 17.52 -5.54
C LYS A 142 -5.49 17.97 -5.86
N ASN A 143 -4.98 17.65 -7.05
CA ASN A 143 -3.67 18.11 -7.51
C ASN A 143 -2.54 17.60 -6.61
N LEU A 144 -2.69 16.38 -6.11
CA LEU A 144 -1.64 15.75 -5.33
C LEU A 144 -0.81 14.86 -6.25
N GLN A 145 0.48 14.74 -5.91
CA GLN A 145 1.34 13.75 -6.54
C GLN A 145 1.19 12.44 -5.80
N TYR A 146 1.13 11.34 -6.56
CA TYR A 146 0.99 10.02 -5.97
C TYR A 146 2.20 9.17 -6.28
N TYR A 147 2.59 8.34 -5.30
CA TYR A 147 3.68 7.39 -5.45
C TYR A 147 3.35 6.12 -4.70
N ASP A 148 3.42 4.98 -5.38
CA ASP A 148 3.56 3.69 -4.71
C ASP A 148 4.93 3.65 -4.06
N ILE A 149 4.98 3.46 -2.74
CA ILE A 149 6.25 3.41 -2.02
C ILE A 149 6.28 2.17 -1.13
N SER A 150 7.47 1.88 -0.64
CA SER A 150 7.66 0.86 0.40
C SER A 150 8.88 1.26 1.21
N ALA A 151 8.68 1.54 2.49
CA ALA A 151 9.81 1.79 3.37
C ALA A 151 10.62 0.53 3.65
N LYS A 152 10.08 -0.64 3.31
CA LYS A 152 10.79 -1.90 3.53
C LYS A 152 11.75 -2.19 2.38
N SER A 153 11.25 -2.19 1.15
CA SER A 153 12.05 -2.47 -0.02
C SER A 153 12.65 -1.22 -0.65
N ASN A 154 12.35 -0.04 -0.11
CA ASN A 154 12.85 1.26 -0.58
C ASN A 154 12.33 1.62 -1.97
N TYR A 155 11.23 1.00 -2.42
CA TYR A 155 10.67 1.34 -3.71
C TYR A 155 10.11 2.76 -3.68
N ASN A 156 10.63 3.61 -4.57
CA ASN A 156 10.19 5.00 -4.70
C ASN A 156 10.30 5.77 -3.39
N PHE A 157 11.21 5.34 -2.51
CA PHE A 157 11.28 5.98 -1.19
C PHE A 157 11.91 7.36 -1.24
N GLU A 158 12.59 7.70 -2.33
CA GLU A 158 13.23 9.01 -2.47
C GLU A 158 12.38 10.01 -3.24
N LYS A 159 11.38 9.54 -3.97
CA LYS A 159 10.61 10.39 -4.88
C LYS A 159 9.68 11.37 -4.17
N PRO A 160 9.10 11.05 -3.00
CA PRO A 160 8.33 12.09 -2.29
C PRO A 160 9.14 13.33 -1.99
N PHE A 161 10.39 13.18 -1.55
CA PHE A 161 11.20 14.34 -1.24
C PHE A 161 11.78 14.99 -2.48
N LEU A 162 12.07 14.20 -3.52
CA LEU A 162 12.58 14.77 -4.76
C LEU A 162 11.53 15.65 -5.44
N TRP A 163 10.27 15.20 -5.44
CA TRP A 163 9.22 16.01 -6.05
C TRP A 163 8.98 17.28 -5.24
N LEU A 164 8.90 17.15 -3.92
CA LEU A 164 8.68 18.34 -3.08
C LEU A 164 9.82 19.33 -3.22
N ALA A 165 11.06 18.84 -3.27
CA ALA A 165 12.21 19.73 -3.46
C ALA A 165 12.13 20.45 -4.80
N ARG A 166 11.62 19.78 -5.83
CA ARG A 166 11.47 20.45 -7.13
C ARG A 166 10.37 21.49 -7.09
N LYS A 167 9.32 21.27 -6.30
CA LYS A 167 8.23 22.24 -6.22
C LYS A 167 8.58 23.39 -5.28
N LEU A 168 9.34 23.12 -4.22
CA LEU A 168 9.68 24.16 -3.25
C LEU A 168 10.78 25.07 -3.78
N ILE A 169 11.77 24.51 -4.48
CA ILE A 169 12.81 25.35 -5.07
C ILE A 169 12.31 26.03 -6.33
N GLY A 170 11.51 25.32 -7.13
CA GLY A 170 11.00 25.88 -8.37
C GLY A 170 11.91 25.55 -9.53
N ASP A 171 12.50 24.36 -9.50
CA ASP A 171 13.44 23.92 -10.54
C ASP A 171 13.09 22.48 -10.91
N PRO A 172 12.39 22.26 -12.01
CA PRO A 172 12.01 20.89 -12.39
C PRO A 172 13.19 20.01 -12.79
N ASN A 173 14.38 20.58 -12.93
CA ASN A 173 15.58 19.82 -13.27
C ASN A 173 16.44 19.53 -12.04
N LEU A 174 15.91 19.76 -10.84
CA LEU A 174 16.65 19.47 -9.61
C LEU A 174 16.90 17.97 -9.50
N GLU A 175 18.11 17.61 -9.10
CA GLU A 175 18.49 16.22 -8.92
C GLU A 175 19.23 16.05 -7.59
N PHE A 176 19.14 14.85 -7.04
CA PHE A 176 19.98 14.49 -5.91
C PHE A 176 21.40 14.24 -6.40
N VAL A 177 22.38 14.77 -5.68
CA VAL A 177 23.78 14.61 -6.03
C VAL A 177 24.53 14.01 -4.86
N ALA A 178 25.64 13.34 -5.15
CA ALA A 178 26.45 12.72 -4.11
C ALA A 178 27.04 13.78 -3.19
N MET A 179 26.76 13.67 -1.91
CA MET A 179 27.39 14.56 -0.95
C MET A 179 28.90 14.32 -0.95
N PRO A 180 29.71 15.36 -0.80
CA PRO A 180 31.16 15.17 -0.86
C PRO A 180 31.66 14.26 0.26
N ALA A 181 32.76 13.58 -0.02
CA ALA A 181 33.33 12.57 0.88
C ALA A 181 34.65 13.12 1.44
N LEU A 182 34.56 13.76 2.60
CA LEU A 182 35.75 14.29 3.26
C LEU A 182 36.74 13.18 3.54
N ALA A 183 38.01 13.55 3.63
CA ALA A 183 39.05 12.58 3.93
C ALA A 183 38.86 12.03 5.33
N PRO A 184 38.89 10.71 5.52
CA PRO A 184 38.68 10.14 6.84
C PRO A 184 39.97 10.07 7.62
N PRO A 185 39.91 10.25 8.94
CA PRO A 185 41.13 10.32 9.74
C PRO A 185 41.77 8.95 9.92
N GLU A 186 43.09 8.97 10.13
CA GLU A 186 43.83 7.78 10.52
C GLU A 186 43.91 7.74 12.06
N VAL A 187 43.36 6.69 12.65
CA VAL A 187 43.30 6.54 14.10
C VAL A 187 43.60 5.10 14.46
N VAL A 188 44.42 4.90 15.49
CA VAL A 188 44.71 3.58 16.02
C VAL A 188 43.73 3.25 17.13
N MET A 189 43.44 1.97 17.30
CA MET A 189 42.55 1.53 18.36
C MET A 189 43.14 1.89 19.73
N ASP A 190 42.33 1.70 20.77
CA ASP A 190 42.69 2.10 22.12
C ASP A 190 43.10 0.87 22.93
N PRO A 191 44.40 0.62 23.12
CA PRO A 191 44.82 -0.54 23.93
C PRO A 191 44.42 -0.43 25.40
N ALA A 192 43.90 0.71 25.83
CA ALA A 192 43.36 0.81 27.18
C ALA A 192 42.02 0.08 27.28
N LEU A 193 41.28 0.00 26.17
CA LEU A 193 40.04 -0.76 26.10
C LEU A 193 40.06 -1.85 25.05
N ALA A 194 41.18 -2.03 24.33
CA ALA A 194 41.27 -3.05 23.30
C ALA A 194 41.23 -4.46 23.88
N ALA A 195 41.52 -4.61 25.18
CA ALA A 195 41.22 -5.85 25.85
C ALA A 195 39.73 -6.04 26.10
N GLN A 196 38.94 -4.97 25.96
CA GLN A 196 37.50 -5.01 26.11
C GLN A 196 36.77 -4.74 24.80
N TYR A 197 37.50 -4.50 23.71
CA TYR A 197 36.90 -4.53 22.38
C TYR A 197 36.61 -5.97 21.96
N GLU A 198 36.28 -6.81 22.96
CA GLU A 198 35.96 -8.21 22.76
C GLU A 198 34.72 -8.64 23.54
N HIS A 199 34.10 -7.73 24.30
CA HIS A 199 32.83 -8.01 24.95
C HIS A 199 31.68 -7.52 24.07
N ASP A 200 31.52 -6.20 23.96
CA ASP A 200 30.52 -5.63 23.07
C ASP A 200 30.79 -5.93 21.59
N LEU A 201 31.88 -6.61 21.26
CA LEU A 201 32.15 -7.07 19.90
C LEU A 201 31.73 -8.52 19.70
N GLU A 202 32.10 -9.40 20.63
CA GLU A 202 31.62 -10.77 20.57
C GLU A 202 30.12 -10.85 20.79
N VAL A 203 29.55 -9.88 21.50
CA VAL A 203 28.09 -9.78 21.58
C VAL A 203 27.51 -9.53 20.20
N ALA A 204 27.96 -8.47 19.54
CA ALA A 204 27.53 -8.20 18.18
C ALA A 204 27.84 -9.36 17.26
N GLN A 205 28.93 -10.08 17.54
CA GLN A 205 29.31 -11.21 16.70
C GLN A 205 28.31 -12.36 16.81
N THR A 206 27.67 -12.52 17.97
CA THR A 206 26.74 -13.61 18.20
C THR A 206 25.28 -13.19 18.17
N THR A 207 25.01 -11.90 17.95
CA THR A 207 23.65 -11.43 17.67
C THR A 207 23.42 -11.53 16.18
N ALA A 208 22.51 -12.42 15.77
CA ALA A 208 22.34 -12.73 14.36
C ALA A 208 21.82 -11.53 13.59
N LEU A 209 22.29 -11.41 12.35
CA LEU A 209 21.81 -10.34 11.48
C LEU A 209 20.37 -10.62 11.05
N PRO A 210 19.54 -9.60 10.97
CA PRO A 210 18.13 -9.82 10.61
C PRO A 210 17.95 -10.03 9.11
N ASP A 211 16.84 -10.68 8.77
CA ASP A 211 16.41 -10.89 7.38
C ASP A 211 17.50 -11.55 6.55
N GLU A 212 18.05 -12.66 7.07
CA GLU A 212 19.10 -13.39 6.38
C GLU A 212 18.61 -14.01 5.06
N ASP A 213 17.30 -14.04 4.82
CA ASP A 213 16.76 -14.59 3.59
C ASP A 213 16.61 -13.56 2.48
N ASP A 214 17.05 -12.31 2.70
CA ASP A 214 17.01 -11.32 1.64
C ASP A 214 18.11 -11.57 0.62
N ASP A 215 18.09 -10.78 -0.46
CA ASP A 215 19.17 -10.82 -1.42
C ASP A 215 20.42 -10.10 -0.91
N LEU A 216 20.26 -9.22 0.07
CA LEU A 216 21.40 -8.55 0.69
C LEU A 216 21.20 -8.45 2.20
N THR B 17 32.56 16.61 -4.70
CA THR B 17 32.33 15.19 -4.42
C THR B 17 33.46 14.60 -3.59
N MET B 18 34.64 15.21 -3.70
CA MET B 18 35.82 14.81 -2.93
C MET B 18 36.18 13.35 -3.15
N GLU B 19 36.09 12.90 -4.41
CA GLU B 19 36.54 11.58 -4.80
C GLU B 19 37.46 11.59 -6.02
N GLU B 20 37.83 12.78 -6.51
CA GLU B 20 38.62 12.86 -7.75
C GLU B 20 40.09 12.54 -7.52
N ASP B 21 40.62 12.85 -6.34
CA ASP B 21 41.99 12.48 -5.98
C ASP B 21 42.08 11.03 -5.50
N GLU B 22 41.19 10.16 -5.96
CA GLU B 22 41.13 8.78 -5.49
C GLU B 22 40.88 7.84 -6.66
N GLU B 23 41.38 6.62 -6.51
CA GLU B 23 41.19 5.55 -7.48
C GLU B 23 40.44 4.40 -6.83
N VAL B 24 39.53 3.79 -7.58
CA VAL B 24 38.68 2.73 -7.03
C VAL B 24 39.41 1.40 -7.16
N LEU B 25 39.61 0.73 -6.03
CA LEU B 25 40.30 -0.56 -6.02
C LEU B 25 39.32 -1.73 -6.05
N TYR B 26 38.16 -1.59 -5.43
CA TYR B 26 37.21 -2.69 -5.30
C TYR B 26 35.81 -2.12 -5.17
N LYS B 27 34.85 -2.74 -5.86
CA LYS B 27 33.46 -2.32 -5.82
C LYS B 27 32.58 -3.55 -5.66
N VAL B 28 31.61 -3.48 -4.75
CA VAL B 28 30.71 -4.60 -4.53
C VAL B 28 29.43 -4.07 -3.90
N ARG B 29 28.30 -4.63 -4.33
CA ARG B 29 27.03 -4.35 -3.68
C ARG B 29 26.98 -5.01 -2.31
N ALA B 30 26.44 -4.29 -1.32
CA ALA B 30 26.45 -4.80 0.04
C ALA B 30 25.39 -4.06 0.85
N LYS B 31 25.12 -4.60 2.04
CA LYS B 31 24.21 -4.02 3.01
C LYS B 31 24.95 -3.84 4.31
N LEU B 32 24.90 -2.63 4.88
CA LEU B 32 25.71 -2.26 6.02
C LEU B 32 24.84 -2.11 7.26
N PHE B 33 25.29 -2.70 8.37
N PHE B 33 25.29 -2.68 8.37
CA PHE B 33 24.60 -2.62 9.65
CA PHE B 33 24.60 -2.58 9.65
C PHE B 33 25.50 -1.96 10.68
C PHE B 33 25.52 -1.94 10.68
N ARG B 34 24.88 -1.32 11.66
N ARG B 34 24.91 -1.25 11.65
CA ARG B 34 25.56 -0.83 12.84
CA ARG B 34 25.60 -0.82 12.85
C ARG B 34 24.95 -1.50 14.07
C ARG B 34 24.97 -1.53 14.04
N PHE B 35 25.80 -1.88 15.03
CA PHE B 35 25.31 -2.56 16.22
C PHE B 35 24.91 -1.55 17.27
N ASP B 36 23.65 -1.62 17.69
CA ASP B 36 23.14 -0.79 18.79
C ASP B 36 23.32 -1.59 20.07
N ALA B 37 24.46 -1.39 20.74
CA ALA B 37 24.76 -2.18 21.93
C ALA B 37 23.73 -1.98 23.03
N ASP B 38 23.04 -0.84 23.04
CA ASP B 38 22.00 -0.61 24.03
C ASP B 38 20.85 -1.59 23.84
N ALA B 39 20.26 -1.61 22.65
CA ALA B 39 19.14 -2.50 22.36
C ALA B 39 19.59 -3.91 22.00
N LYS B 40 20.89 -4.15 21.88
CA LYS B 40 21.44 -5.45 21.48
C LYS B 40 20.75 -5.99 20.24
N GLU B 41 20.81 -5.21 19.16
CA GLU B 41 20.24 -5.61 17.89
C GLU B 41 20.95 -4.87 16.77
N TRP B 42 20.98 -5.50 15.61
CA TRP B 42 21.59 -4.88 14.44
C TRP B 42 20.60 -3.94 13.76
N LYS B 43 21.05 -2.74 13.43
CA LYS B 43 20.24 -1.75 12.74
C LYS B 43 20.86 -1.47 11.38
N GLU B 44 20.03 -1.50 10.34
CA GLU B 44 20.50 -1.18 8.99
C GLU B 44 21.06 0.24 8.95
N ARG B 45 22.06 0.44 8.09
CA ARG B 45 22.59 1.77 7.86
C ARG B 45 22.65 2.17 6.39
N GLY B 46 22.68 1.22 5.46
CA GLY B 46 22.70 1.56 4.05
C GLY B 46 22.88 0.39 3.12
N THR B 47 22.30 0.49 1.93
CA THR B 47 22.48 -0.49 0.87
C THR B 47 22.97 0.25 -0.37
N GLY B 48 24.04 -0.27 -0.97
CA GLY B 48 24.59 0.36 -2.15
C GLY B 48 25.95 -0.24 -2.47
N ASP B 49 26.67 0.46 -3.34
CA ASP B 49 28.00 0.03 -3.74
C ASP B 49 29.01 0.35 -2.66
N CYS B 50 29.78 -0.65 -2.24
CA CYS B 50 30.87 -0.46 -1.30
C CYS B 50 32.18 -0.38 -2.09
N LYS B 51 32.93 0.69 -1.89
CA LYS B 51 34.11 0.97 -2.69
C LYS B 51 35.34 1.10 -1.82
N PHE B 52 36.46 0.58 -2.32
CA PHE B 52 37.77 0.81 -1.72
C PHE B 52 38.48 1.86 -2.56
N LEU B 53 38.76 3.02 -1.96
CA LEU B 53 39.36 4.15 -2.66
C LEU B 53 40.76 4.40 -2.14
N LYS B 54 41.75 4.32 -3.03
CA LYS B 54 43.14 4.60 -2.68
C LYS B 54 43.46 6.03 -3.11
N ASN B 55 43.73 6.90 -2.14
CA ASN B 55 44.15 8.25 -2.44
C ASN B 55 45.43 8.22 -3.26
N LYS B 56 45.42 8.90 -4.41
CA LYS B 56 46.57 8.87 -5.29
C LYS B 56 47.78 9.59 -4.72
N LYS B 57 47.57 10.53 -3.79
CA LYS B 57 48.69 11.26 -3.21
C LYS B 57 49.32 10.50 -2.05
N THR B 58 48.51 10.15 -1.05
CA THR B 58 49.00 9.56 0.19
C THR B 58 48.93 8.03 0.21
N ASN B 59 48.30 7.42 -0.78
CA ASN B 59 48.23 5.97 -0.92
C ASN B 59 47.53 5.26 0.24
N LYS B 60 46.75 5.98 1.03
CA LYS B 60 45.92 5.33 2.04
C LYS B 60 44.55 4.99 1.47
N VAL B 61 44.06 3.81 1.81
CA VAL B 61 42.81 3.29 1.26
C VAL B 61 41.71 3.43 2.29
N ARG B 62 40.55 3.90 1.85
CA ARG B 62 39.38 4.04 2.72
C ARG B 62 38.21 3.26 2.13
N ILE B 63 37.22 3.01 2.97
CA ILE B 63 35.94 2.44 2.56
C ILE B 63 34.97 3.60 2.38
N LEU B 64 34.34 3.68 1.21
CA LEU B 64 33.32 4.69 0.95
C LEU B 64 32.10 3.99 0.37
N MET B 65 30.97 4.15 1.03
CA MET B 65 29.74 3.48 0.65
C MET B 65 28.60 4.48 0.68
N ARG B 66 27.82 4.53 -0.40
CA ARG B 66 26.71 5.45 -0.53
C ARG B 66 25.40 4.68 -0.67
N ARG B 67 24.34 5.19 -0.06
CA ARG B 67 23.02 4.60 -0.24
C ARG B 67 22.58 4.72 -1.69
N ASP B 68 21.69 3.82 -2.11
CA ASP B 68 21.37 3.64 -3.52
C ASP B 68 20.84 4.90 -4.20
N LYS B 69 19.65 5.37 -3.81
CA LYS B 69 19.01 6.45 -4.54
C LYS B 69 19.44 7.83 -4.05
N THR B 70 19.51 8.04 -2.74
CA THR B 70 19.87 9.35 -2.21
C THR B 70 21.36 9.63 -2.28
N LEU B 71 22.19 8.60 -2.48
CA LEU B 71 23.63 8.73 -2.59
C LEU B 71 24.28 9.29 -1.33
N LYS B 72 23.56 9.28 -0.21
CA LYS B 72 24.14 9.68 1.06
C LYS B 72 25.15 8.65 1.54
N ILE B 73 26.15 9.12 2.28
CA ILE B 73 27.23 8.26 2.74
C ILE B 73 26.77 7.50 3.98
N CYS B 74 27.00 6.19 3.99
CA CYS B 74 26.74 5.37 5.16
C CYS B 74 28.01 4.75 5.74
N ALA B 75 29.15 4.87 5.07
CA ALA B 75 30.42 4.37 5.58
C ALA B 75 31.54 5.20 4.98
N ASN B 76 32.45 5.68 5.83
CA ASN B 76 33.55 6.52 5.38
C ASN B 76 34.66 6.45 6.44
N HIS B 77 35.63 5.58 6.21
CA HIS B 77 36.71 5.39 7.17
C HIS B 77 37.87 4.68 6.50
N ILE B 78 39.07 4.90 7.04
CA ILE B 78 40.26 4.23 6.54
C ILE B 78 40.19 2.75 6.86
N ILE B 79 40.65 1.91 5.94
CA ILE B 79 40.81 0.49 6.21
C ILE B 79 42.06 0.33 7.07
N ALA B 80 41.93 0.64 8.37
CA ALA B 80 43.08 0.62 9.26
C ALA B 80 43.63 -0.81 9.37
N PRO B 81 44.95 -0.96 9.50
CA PRO B 81 45.53 -2.30 9.60
C PRO B 81 45.18 -3.02 10.89
N GLU B 82 44.74 -2.30 11.92
CA GLU B 82 44.42 -2.91 13.21
C GLU B 82 43.05 -3.59 13.23
N TYR B 83 42.26 -3.45 12.18
CA TYR B 83 40.93 -4.04 12.15
C TYR B 83 40.99 -5.51 11.76
N THR B 84 40.06 -6.29 12.30
CA THR B 84 39.96 -7.72 12.03
C THR B 84 38.52 -8.08 11.70
N LEU B 85 38.35 -8.90 10.67
CA LEU B 85 37.03 -9.32 10.23
C LEU B 85 36.67 -10.65 10.89
N LYS B 86 35.50 -10.68 11.53
CA LYS B 86 34.99 -11.87 12.20
C LYS B 86 33.65 -12.27 11.61
N PRO B 87 33.30 -13.56 11.67
CA PRO B 87 32.00 -13.99 11.14
C PRO B 87 30.87 -13.70 12.11
N ASN B 88 29.68 -13.52 11.57
CA ASN B 88 28.47 -13.37 12.35
C ASN B 88 27.76 -14.72 12.44
N VAL B 89 27.15 -14.99 13.60
CA VAL B 89 26.65 -16.32 13.91
C VAL B 89 25.61 -16.78 12.89
N GLY B 90 24.84 -15.85 12.34
CA GLY B 90 23.74 -16.18 11.47
C GLY B 90 24.01 -16.08 9.98
N SER B 91 25.25 -15.86 9.56
CA SER B 91 25.50 -15.62 8.15
C SER B 91 26.86 -16.17 7.75
N ASP B 92 26.91 -16.83 6.59
CA ASP B 92 28.15 -17.22 5.95
C ASP B 92 28.53 -16.28 4.80
N ARG B 93 27.90 -15.11 4.73
CA ARG B 93 28.15 -14.12 3.70
C ARG B 93 28.28 -12.72 4.29
N SER B 94 28.74 -12.63 5.54
CA SER B 94 28.83 -11.36 6.24
C SER B 94 30.10 -11.32 7.07
N TRP B 95 30.52 -10.09 7.39
CA TRP B 95 31.67 -9.85 8.25
C TRP B 95 31.32 -8.80 9.29
N VAL B 96 31.90 -8.95 10.47
CA VAL B 96 31.73 -8.03 11.59
C VAL B 96 33.10 -7.49 11.98
N TYR B 97 33.16 -6.20 12.28
CA TYR B 97 34.40 -5.61 12.76
C TYR B 97 34.10 -4.27 13.42
N ALA B 98 35.05 -3.81 14.22
CA ALA B 98 34.92 -2.54 14.94
C ALA B 98 35.62 -1.43 14.17
N CYS B 99 35.05 -0.23 14.25
CA CYS B 99 35.57 0.94 13.58
C CYS B 99 35.59 2.09 14.57
N THR B 100 36.77 2.68 14.78
CA THR B 100 36.94 3.71 15.80
C THR B 100 36.75 5.13 15.27
N ALA B 101 36.71 5.33 13.95
CA ALA B 101 36.59 6.68 13.39
C ALA B 101 35.89 6.58 12.04
N ASP B 102 34.58 6.78 12.03
CA ASP B 102 33.76 6.81 10.82
C ASP B 102 33.05 8.15 10.75
N ILE B 103 33.21 8.85 9.62
CA ILE B 103 32.70 10.21 9.50
C ILE B 103 31.56 10.27 8.48
N ALA B 104 30.75 9.21 8.40
CA ALA B 104 29.63 9.22 7.48
C ALA B 104 28.53 10.18 7.97
N GLU B 105 28.19 10.10 9.25
CA GLU B 105 27.12 10.91 9.81
C GLU B 105 27.60 12.21 10.43
N GLY B 106 28.85 12.60 10.19
CA GLY B 106 29.34 13.86 10.70
C GLY B 106 30.66 13.74 11.44
N GLU B 107 30.67 14.14 12.71
CA GLU B 107 31.86 13.99 13.54
C GLU B 107 32.26 12.53 13.65
N ALA B 108 33.55 12.30 13.81
CA ALA B 108 34.08 10.94 13.88
C ALA B 108 33.47 10.19 15.05
N GLU B 109 32.78 9.09 14.76
CA GLU B 109 32.18 8.23 15.77
C GLU B 109 32.83 6.85 15.74
N ALA B 110 32.54 6.07 16.77
CA ALA B 110 32.96 4.68 16.85
C ALA B 110 31.76 3.78 16.57
N PHE B 111 32.00 2.70 15.82
CA PHE B 111 30.93 1.81 15.42
C PHE B 111 31.42 0.38 15.36
N THR B 112 30.52 -0.55 15.65
CA THR B 112 30.71 -1.97 15.35
C THR B 112 29.88 -2.26 14.11
N PHE B 113 30.55 -2.46 12.98
CA PHE B 113 29.88 -2.62 11.71
C PHE B 113 29.65 -4.09 11.39
N ALA B 114 28.60 -4.35 10.61
CA ALA B 114 28.39 -5.63 9.95
C ALA B 114 27.98 -5.33 8.52
N ILE B 115 28.59 -6.04 7.57
CA ILE B 115 28.33 -5.84 6.15
C ILE B 115 28.00 -7.18 5.53
N ARG B 116 26.89 -7.24 4.79
CA ARG B 116 26.40 -8.47 4.20
C ARG B 116 26.37 -8.33 2.68
N PHE B 117 26.69 -9.42 2.00
CA PHE B 117 26.83 -9.43 0.55
C PHE B 117 25.83 -10.40 -0.06
N GLY B 118 25.75 -10.38 -1.39
CA GLY B 118 24.79 -11.22 -2.08
C GLY B 118 25.14 -12.69 -2.07
N SER B 119 26.40 -13.03 -1.85
CA SER B 119 26.82 -14.43 -1.88
C SER B 119 28.07 -14.58 -1.02
N LYS B 120 28.33 -15.83 -0.62
CA LYS B 120 29.57 -16.12 0.10
C LYS B 120 30.77 -15.83 -0.77
N GLU B 121 30.64 -15.96 -2.09
CA GLU B 121 31.74 -15.65 -2.99
C GLU B 121 32.12 -14.18 -2.89
N ASN B 122 31.12 -13.29 -2.96
CA ASN B 122 31.40 -11.87 -2.80
C ASN B 122 31.93 -11.55 -1.40
N ALA B 123 31.51 -12.32 -0.40
CA ALA B 123 31.98 -12.06 0.96
C ALA B 123 33.43 -12.49 1.13
N ASP B 124 33.81 -13.63 0.54
CA ASP B 124 35.21 -14.04 0.60
C ASP B 124 36.10 -13.10 -0.20
N LYS B 125 35.65 -12.71 -1.40
CA LYS B 125 36.41 -11.77 -2.21
C LYS B 125 36.60 -10.45 -1.48
N PHE B 126 35.56 -9.97 -0.80
CA PHE B 126 35.69 -8.76 0.00
C PHE B 126 36.76 -8.90 1.06
N LYS B 127 36.78 -10.04 1.76
CA LYS B 127 37.79 -10.25 2.80
C LYS B 127 39.19 -10.29 2.21
N GLU B 128 39.34 -10.90 1.04
CA GLU B 128 40.62 -10.86 0.34
C GLU B 128 41.02 -9.42 0.04
N GLU B 129 40.10 -8.65 -0.57
CA GLU B 129 40.39 -7.26 -0.89
C GLU B 129 40.58 -6.43 0.37
N PHE B 130 39.75 -6.66 1.39
CA PHE B 130 39.87 -5.91 2.64
C PHE B 130 41.25 -6.09 3.27
N GLU B 131 41.81 -7.29 3.14
CA GLU B 131 43.12 -7.55 3.73
C GLU B 131 44.25 -7.07 2.83
N LYS B 132 44.09 -7.16 1.51
CA LYS B 132 45.05 -6.57 0.60
C LYS B 132 45.20 -5.08 0.87
N ALA B 133 44.08 -4.38 1.05
CA ALA B 133 44.12 -2.95 1.33
C ALA B 133 44.71 -2.64 2.69
N GLN B 134 44.70 -3.60 3.63
CA GLN B 134 45.36 -3.37 4.91
C GLN B 134 46.86 -3.32 4.75
N GLU B 135 47.41 -4.20 3.90
CA GLU B 135 48.85 -4.17 3.61
C GLU B 135 49.28 -2.87 2.96
N ILE B 136 48.35 -2.16 2.31
CA ILE B 136 48.71 -0.89 1.68
C ILE B 136 48.86 0.22 2.71
N ASN B 137 47.92 0.32 3.64
CA ASN B 137 47.98 1.34 4.68
C ASN B 137 49.06 1.05 5.73
N LYS B 138 49.74 -0.09 5.65
CA LYS B 138 50.80 -0.44 6.58
C LYS B 138 52.16 -0.09 6.00
N LYS B 139 52.31 1.20 5.66
CA LYS B 139 53.54 1.70 5.06
C LYS B 139 53.62 3.21 5.19
N GLY C 2 12.92 24.07 31.69
CA GLY C 2 12.65 25.32 32.38
C GLY C 2 11.43 25.26 33.27
N SER C 3 10.68 26.36 33.31
CA SER C 3 9.48 26.48 34.13
C SER C 3 8.26 26.75 33.27
N MET C 4 8.16 26.06 32.14
CA MET C 4 7.00 26.22 31.26
C MET C 4 5.78 25.46 31.75
N GLU C 5 5.93 24.58 32.75
CA GLU C 5 4.81 23.81 33.27
C GLU C 5 3.86 24.63 34.13
N GLY C 6 4.19 25.90 34.41
CA GLY C 6 3.34 26.70 35.27
C GLY C 6 1.95 26.92 34.71
N ILE C 7 1.80 26.89 33.39
CA ILE C 7 0.49 27.07 32.78
C ILE C 7 -0.41 25.87 33.04
N LEU C 8 0.16 24.72 33.39
CA LEU C 8 -0.64 23.54 33.72
C LEU C 8 -1.28 23.63 35.09
N ASP C 9 -0.83 24.55 35.94
CA ASP C 9 -1.47 24.79 37.23
C ASP C 9 -2.67 25.70 37.02
N PHE C 10 -3.85 25.24 37.41
CA PHE C 10 -5.09 25.97 37.18
C PHE C 10 -5.64 26.65 38.43
N SER C 11 -5.13 26.32 39.62
CA SER C 11 -5.53 27.05 40.83
C SER C 11 -5.24 28.53 40.69
N ASN C 12 -3.97 28.87 40.47
CA ASN C 12 -3.63 30.24 40.13
C ASN C 12 -4.08 30.55 38.70
N ASP C 13 -3.81 31.78 38.27
CA ASP C 13 -4.33 32.25 37.00
C ASP C 13 -3.38 31.93 35.85
N LEU C 14 -3.92 32.00 34.63
CA LEU C 14 -3.17 31.67 33.44
C LEU C 14 -2.31 32.87 33.04
N ASP C 15 -0.99 32.69 33.11
CA ASP C 15 -0.06 33.70 32.61
C ASP C 15 -0.10 33.68 31.10
N ILE C 16 -0.91 34.55 30.50
CA ILE C 16 -1.09 34.56 29.06
C ILE C 16 0.26 34.74 28.36
N ALA C 17 1.11 35.62 28.89
CA ALA C 17 2.43 35.80 28.32
C ALA C 17 3.21 34.48 28.32
N LEU C 18 3.23 33.79 29.46
CA LEU C 18 3.95 32.51 29.54
C LEU C 18 3.41 31.50 28.55
N LEU C 19 2.09 31.48 28.35
CA LEU C 19 1.50 30.60 27.35
C LEU C 19 2.04 30.92 25.96
N ASP C 20 2.08 32.20 25.61
CA ASP C 20 2.56 32.58 24.28
C ASP C 20 4.01 32.19 24.06
N GLN C 21 4.82 32.14 25.12
CA GLN C 21 6.20 31.74 24.95
C GLN C 21 6.32 30.24 24.73
N VAL C 22 5.53 29.45 25.48
CA VAL C 22 5.53 28.00 25.28
C VAL C 22 5.11 27.66 23.86
N VAL C 23 4.12 28.39 23.34
CA VAL C 23 3.67 28.15 21.96
C VAL C 23 4.77 28.54 20.98
N SER C 24 5.40 29.70 21.19
CA SER C 24 6.49 30.12 20.31
C SER C 24 7.66 29.15 20.37
N THR C 25 7.93 28.60 21.55
CA THR C 25 9.00 27.62 21.68
C THR C 25 8.70 26.35 20.90
N PHE C 26 7.42 25.98 20.81
CA PHE C 26 7.07 24.76 20.10
C PHE C 26 7.17 24.95 18.60
N TYR C 27 6.51 25.96 18.05
CA TYR C 27 6.47 26.13 16.60
C TYR C 27 7.82 26.62 16.05
N GLN C 28 8.43 27.59 16.71
CA GLN C 28 9.65 28.19 16.20
C GLN C 28 10.93 27.60 16.78
N GLY C 29 10.86 26.98 17.95
CA GLY C 29 12.05 26.45 18.60
C GLY C 29 12.59 25.19 17.96
N SER C 30 13.34 24.40 18.74
CA SER C 30 13.99 23.21 18.21
C SER C 30 14.47 22.35 19.36
N GLY C 31 14.59 21.05 19.10
CA GLY C 31 15.25 20.16 20.04
C GLY C 31 14.41 19.89 21.28
N VAL C 32 15.09 19.88 22.43
CA VAL C 32 14.44 19.51 23.68
C VAL C 32 13.42 20.56 24.08
N GLN C 33 13.78 21.84 23.99
CA GLN C 33 12.84 22.89 24.35
C GLN C 33 11.58 22.85 23.50
N GLN C 34 11.69 22.39 22.26
CA GLN C 34 10.51 22.22 21.43
C GLN C 34 9.68 21.03 21.90
N LYS C 35 10.34 19.90 22.20
CA LYS C 35 9.61 18.74 22.69
C LYS C 35 9.04 18.99 24.07
N GLN C 36 9.78 19.67 24.94
CA GLN C 36 9.25 20.05 26.25
C GLN C 36 7.98 20.87 26.08
N ALA C 37 8.02 21.88 25.20
CA ALA C 37 6.84 22.70 24.96
C ALA C 37 5.72 21.89 24.31
N GLN C 38 6.06 20.82 23.61
CA GLN C 38 5.04 20.02 22.93
C GLN C 38 4.19 19.27 23.95
N GLU C 39 4.82 18.54 24.87
CA GLU C 39 4.07 17.79 25.87
C GLU C 39 3.28 18.72 26.79
N ILE C 40 3.80 19.92 27.04
CA ILE C 40 3.09 20.86 27.91
C ILE C 40 1.83 21.37 27.22
N LEU C 41 1.92 21.68 25.92
CA LEU C 41 0.76 22.18 25.20
C LEU C 41 -0.31 21.10 25.03
N THR C 42 0.09 19.84 24.88
N THR C 42 0.09 19.84 24.87
CA THR C 42 -0.90 18.77 24.77
CA THR C 42 -0.88 18.75 24.77
C THR C 42 -1.64 18.57 26.08
C THR C 42 -1.63 18.58 26.08
N LYS C 43 -0.91 18.56 27.20
CA LYS C 43 -1.55 18.44 28.51
C LYS C 43 -2.45 19.64 28.79
N PHE C 44 -2.00 20.83 28.41
CA PHE C 44 -2.83 22.02 28.54
C PHE C 44 -4.10 21.87 27.71
N GLN C 45 -3.96 21.41 26.47
CA GLN C 45 -5.11 21.28 25.58
C GLN C 45 -6.05 20.17 26.06
N ASP C 46 -5.50 19.09 26.60
CA ASP C 46 -6.31 17.95 27.02
C ASP C 46 -6.96 18.14 28.38
N ASN C 47 -6.82 19.30 29.00
CA ASN C 47 -7.45 19.52 30.30
C ASN C 47 -8.95 19.78 30.08
N PRO C 48 -9.82 19.05 30.78
CA PRO C 48 -11.26 19.27 30.60
C PRO C 48 -11.73 20.68 30.94
N ASP C 49 -10.93 21.47 31.66
CA ASP C 49 -11.29 22.83 32.02
C ASP C 49 -10.51 23.87 31.25
N ALA C 50 -9.69 23.46 30.29
CA ALA C 50 -8.90 24.43 29.52
C ALA C 50 -9.77 25.34 28.67
N TRP C 51 -11.02 24.94 28.38
CA TRP C 51 -11.87 25.76 27.52
C TRP C 51 -12.31 27.04 28.23
N GLN C 52 -12.36 27.02 29.56
CA GLN C 52 -12.75 28.22 30.30
C GLN C 52 -11.70 29.32 30.20
N LYS C 53 -10.47 28.96 29.87
CA LYS C 53 -9.41 29.93 29.67
C LYS C 53 -9.27 30.37 28.22
N ALA C 54 -10.13 29.84 27.34
CA ALA C 54 -10.07 30.25 25.94
C ALA C 54 -10.62 31.65 25.73
N ASP C 55 -11.48 32.12 26.63
CA ASP C 55 -12.00 33.48 26.53
C ASP C 55 -10.87 34.49 26.65
N GLN C 56 -10.00 34.32 27.64
CA GLN C 56 -8.93 35.27 27.88
C GLN C 56 -7.76 35.08 26.93
N ILE C 57 -7.61 33.90 26.32
CA ILE C 57 -6.57 33.73 25.31
C ILE C 57 -6.94 34.48 24.05
N LEU C 58 -8.22 34.55 23.72
CA LEU C 58 -8.64 35.25 22.51
C LEU C 58 -8.51 36.76 22.65
N GLN C 59 -8.64 37.28 23.88
CA GLN C 59 -8.50 38.72 24.11
C GLN C 59 -7.05 39.12 24.29
N PHE C 60 -6.38 38.55 25.30
CA PHE C 60 -5.14 39.10 25.83
C PHE C 60 -3.89 38.51 25.21
N SER C 61 -4.00 37.59 24.25
CA SER C 61 -2.83 36.97 23.66
C SER C 61 -2.40 37.71 22.40
N THR C 62 -1.09 37.84 22.23
CA THR C 62 -0.49 38.47 21.06
C THR C 62 0.11 37.45 20.10
N ASN C 63 -0.37 36.21 20.15
CA ASN C 63 0.17 35.12 19.34
C ASN C 63 -0.98 34.45 18.60
N PRO C 64 -0.97 34.43 17.26
CA PRO C 64 -2.07 33.78 16.54
C PRO C 64 -2.15 32.28 16.79
N GLN C 65 -1.00 31.61 16.95
CA GLN C 65 -1.01 30.18 17.21
C GLN C 65 -1.66 29.86 18.55
N SER C 66 -1.50 30.74 19.54
CA SER C 66 -2.14 30.51 20.84
C SER C 66 -3.66 30.59 20.72
N LYS C 67 -4.16 31.59 19.98
CA LYS C 67 -5.60 31.68 19.75
C LYS C 67 -6.09 30.50 18.91
N PHE C 68 -5.24 29.95 18.06
CA PHE C 68 -5.60 28.76 17.31
C PHE C 68 -5.83 27.58 18.25
N ILE C 69 -4.89 27.34 19.16
CA ILE C 69 -5.00 26.22 20.09
C ILE C 69 -6.19 26.42 21.03
N ALA C 70 -6.47 27.67 21.41
CA ALA C 70 -7.65 27.95 22.21
C ALA C 70 -8.92 27.52 21.49
N LEU C 71 -8.97 27.70 20.17
CA LEU C 71 -10.11 27.23 19.40
C LEU C 71 -10.10 25.71 19.29
N SER C 72 -8.91 25.10 19.15
CA SER C 72 -8.83 23.65 19.21
C SER C 72 -9.37 23.11 20.51
N ILE C 73 -9.21 23.85 21.61
CA ILE C 73 -9.79 23.44 22.88
C ILE C 73 -11.30 23.61 22.86
N LEU C 74 -11.79 24.70 22.28
CA LEU C 74 -13.23 24.89 22.13
C LEU C 74 -13.82 23.85 21.19
N ASP C 75 -13.11 23.54 20.10
N ASP C 75 -13.11 23.53 20.09
CA ASP C 75 -13.60 22.55 19.15
CA ASP C 75 -13.62 22.54 19.15
C ASP C 75 -13.84 21.20 19.81
C ASP C 75 -13.85 21.20 19.83
N LYS C 76 -12.96 20.82 20.74
CA LYS C 76 -13.15 19.59 21.50
C LYS C 76 -14.41 19.67 22.36
N LEU C 77 -14.64 20.83 22.99
CA LEU C 77 -15.81 21.00 23.83
C LEU C 77 -17.10 20.97 23.01
N ILE C 78 -17.13 21.72 21.91
CA ILE C 78 -18.34 21.82 21.10
C ILE C 78 -18.69 20.47 20.48
N THR C 79 -17.68 19.72 20.06
CA THR C 79 -17.94 18.48 19.33
C THR C 79 -18.39 17.36 20.26
N ARG C 80 -17.96 17.37 21.51
CA ARG C 80 -18.12 16.20 22.37
C ARG C 80 -18.99 16.43 23.60
N LYS C 81 -18.91 17.61 24.23
CA LYS C 81 -19.58 17.83 25.51
C LYS C 81 -20.50 19.04 25.48
N TRP C 82 -20.98 19.44 24.31
CA TRP C 82 -21.77 20.67 24.19
C TRP C 82 -23.04 20.58 25.02
N LYS C 83 -23.81 19.51 24.85
CA LYS C 83 -25.14 19.42 25.44
C LYS C 83 -25.12 19.18 26.95
N LEU C 84 -23.94 19.16 27.58
CA LEU C 84 -23.85 19.09 29.03
C LEU C 84 -23.70 20.45 29.68
N LEU C 85 -23.20 21.44 28.95
CA LEU C 85 -23.05 22.79 29.48
C LEU C 85 -24.42 23.38 29.81
N PRO C 86 -24.49 24.28 30.79
CA PRO C 86 -25.74 25.01 31.02
C PRO C 86 -26.00 25.96 29.86
N ASN C 87 -27.28 26.31 29.69
CA ASN C 87 -27.70 27.10 28.54
C ASN C 87 -26.99 28.44 28.48
N ASP C 88 -26.55 28.97 29.63
CA ASP C 88 -25.86 30.25 29.64
C ASP C 88 -24.45 30.14 29.08
N HIS C 89 -23.79 29.00 29.28
CA HIS C 89 -22.45 28.82 28.73
C HIS C 89 -22.47 28.62 27.22
N ARG C 90 -23.54 28.03 26.69
CA ARG C 90 -23.61 27.81 25.25
C ARG C 90 -23.85 29.11 24.50
N ILE C 91 -24.74 29.97 25.02
CA ILE C 91 -24.94 31.28 24.44
C ILE C 91 -23.67 32.12 24.58
N GLY C 92 -22.98 31.98 25.71
CA GLY C 92 -21.77 32.76 25.93
C GLY C 92 -20.67 32.40 24.95
N ILE C 93 -20.51 31.12 24.64
CA ILE C 93 -19.49 30.71 23.70
C ILE C 93 -19.87 31.09 22.28
N ARG C 94 -21.16 30.98 21.94
CA ARG C 94 -21.63 31.38 20.61
C ARG C 94 -21.35 32.86 20.38
N ASN C 95 -21.84 33.73 21.28
CA ASN C 95 -21.61 35.16 21.14
C ASN C 95 -20.12 35.46 21.09
N PHE C 96 -19.32 34.72 21.86
CA PHE C 96 -17.88 34.97 21.88
C PHE C 96 -17.24 34.64 20.54
N VAL C 97 -17.63 33.53 19.92
CA VAL C 97 -17.05 33.14 18.64
C VAL C 97 -17.54 34.07 17.53
N VAL C 98 -18.85 34.35 17.51
CA VAL C 98 -19.41 35.22 16.48
C VAL C 98 -18.81 36.62 16.58
N GLY C 99 -18.74 37.16 17.80
CA GLY C 99 -18.20 38.49 17.98
C GLY C 99 -16.74 38.61 17.59
N MET C 100 -15.96 37.54 17.80
CA MET C 100 -14.54 37.59 17.43
C MET C 100 -14.37 37.57 15.92
N ILE C 101 -15.18 36.78 15.22
CA ILE C 101 -15.09 36.70 13.76
C ILE C 101 -15.39 38.06 13.14
N ILE C 102 -16.49 38.68 13.56
CA ILE C 102 -16.81 40.04 13.11
C ILE C 102 -15.70 41.00 13.49
N SER C 103 -15.09 40.79 14.65
CA SER C 103 -13.99 41.65 15.09
C SER C 103 -12.79 41.53 14.16
N MET C 104 -12.48 40.31 13.71
CA MET C 104 -11.32 40.10 12.86
C MET C 104 -11.59 40.47 11.40
N CYS C 105 -12.85 40.50 10.98
N CYS C 105 -12.85 40.51 10.98
CA CYS C 105 -13.16 40.88 9.60
CA CYS C 105 -13.19 40.87 9.61
C CYS C 105 -13.12 42.39 9.42
C CYS C 105 -13.30 42.36 9.37
N GLN C 106 -13.60 43.14 10.41
CA GLN C 106 -13.70 44.59 10.27
C GLN C 106 -12.37 45.30 10.43
N ASP C 107 -11.40 44.67 11.09
CA ASP C 107 -10.01 45.15 11.07
C ASP C 107 -9.40 44.70 9.76
N ASP C 108 -9.30 45.62 8.79
CA ASP C 108 -8.85 45.26 7.46
C ASP C 108 -7.45 44.63 7.47
N GLU C 109 -6.62 44.98 8.46
CA GLU C 109 -5.26 44.46 8.48
C GLU C 109 -5.22 43.04 9.02
N VAL C 110 -5.96 42.75 10.09
CA VAL C 110 -6.00 41.39 10.62
C VAL C 110 -6.65 40.45 9.63
N PHE C 111 -7.60 40.94 8.84
CA PHE C 111 -8.24 40.08 7.83
C PHE C 111 -7.25 39.57 6.81
N LYS C 112 -6.17 40.31 6.56
CA LYS C 112 -5.17 39.90 5.58
C LYS C 112 -4.10 39.00 6.18
N THR C 113 -3.65 39.30 7.39
CA THR C 113 -2.47 38.64 7.95
C THR C 113 -2.80 37.41 8.79
N GLN C 114 -3.97 37.36 9.41
CA GLN C 114 -4.32 36.21 10.24
C GLN C 114 -5.39 35.35 9.57
N LYS C 115 -5.04 34.76 8.43
CA LYS C 115 -6.04 34.04 7.63
C LYS C 115 -6.49 32.76 8.31
N ASN C 116 -5.53 31.96 8.80
N ASN C 116 -5.57 31.96 8.85
CA ASN C 116 -5.82 30.71 9.48
CA ASN C 116 -6.02 30.69 9.43
C ASN C 116 -6.70 30.93 10.69
C ASN C 116 -6.25 30.78 10.94
N LEU C 117 -6.40 31.98 11.47
CA LEU C 117 -7.10 32.15 12.74
C LEU C 117 -8.56 32.46 12.51
N ILE C 118 -8.87 33.13 11.40
CA ILE C 118 -10.25 33.31 10.98
C ILE C 118 -10.82 31.99 10.46
N ASN C 119 -10.03 31.27 9.64
CA ASN C 119 -10.49 30.00 9.10
C ASN C 119 -10.75 28.99 10.21
N LYS C 120 -9.88 28.95 11.22
CA LYS C 120 -10.13 28.11 12.39
C LYS C 120 -11.39 28.58 13.13
N SER C 121 -11.62 29.89 13.16
CA SER C 121 -12.81 30.42 13.81
C SER C 121 -14.08 30.05 13.04
N ASP C 122 -14.03 30.17 11.71
CA ASP C 122 -15.18 29.80 10.90
C ASP C 122 -15.52 28.33 11.08
N LEU C 123 -14.51 27.47 11.12
CA LEU C 123 -14.74 26.05 11.35
C LEU C 123 -15.33 25.82 12.74
N THR C 124 -14.85 26.57 13.73
CA THR C 124 -15.39 26.45 15.08
C THR C 124 -16.85 26.91 15.13
N LEU C 125 -17.17 27.99 14.43
CA LEU C 125 -18.56 28.44 14.36
C LEU C 125 -19.44 27.38 13.71
N VAL C 126 -18.91 26.67 12.70
CA VAL C 126 -19.69 25.63 12.03
C VAL C 126 -19.92 24.45 12.97
N GLN C 127 -18.98 24.18 13.87
CA GLN C 127 -19.21 23.14 14.88
C GLN C 127 -20.37 23.52 15.80
N ILE C 128 -20.53 24.82 16.09
CA ILE C 128 -21.69 25.27 16.85
C ILE C 128 -22.96 25.14 16.02
N LEU C 129 -22.87 25.45 14.73
CA LEU C 129 -24.04 25.33 13.85
C LEU C 129 -24.53 23.89 13.79
N LYS C 130 -23.61 22.93 13.80
CA LYS C 130 -24.01 21.53 13.74
C LYS C 130 -24.74 21.09 15.00
N GLN C 131 -24.57 21.79 16.12
CA GLN C 131 -25.23 21.46 17.37
C GLN C 131 -26.51 22.27 17.56
N GLU C 132 -26.52 23.54 17.18
CA GLU C 132 -27.58 24.47 17.53
C GLU C 132 -28.49 24.86 16.37
N TRP C 133 -28.00 24.80 15.14
CA TRP C 133 -28.77 25.29 14.00
C TRP C 133 -29.50 24.15 13.28
N PRO C 134 -30.74 24.41 12.82
CA PRO C 134 -31.47 25.67 12.96
C PRO C 134 -32.51 25.67 14.08
N GLN C 135 -32.66 24.53 14.78
CA GLN C 135 -33.68 24.41 15.81
C GLN C 135 -33.46 25.36 16.98
N ASN C 136 -32.28 25.97 17.09
CA ASN C 136 -32.01 26.94 18.15
C ASN C 136 -31.20 28.12 17.63
N TRP C 137 -31.35 28.43 16.35
CA TRP C 137 -30.70 29.57 15.71
C TRP C 137 -31.33 29.81 14.34
N PRO C 138 -32.67 29.89 14.26
CA PRO C 138 -33.33 29.84 12.94
C PRO C 138 -33.07 31.06 12.08
N GLU C 139 -32.43 32.10 12.61
CA GLU C 139 -32.18 33.31 11.86
C GLU C 139 -30.72 33.43 11.40
N PHE C 140 -29.95 32.34 11.47
CA PHE C 140 -28.53 32.42 11.14
C PHE C 140 -28.32 32.79 9.68
N ILE C 141 -28.96 32.06 8.75
CA ILE C 141 -28.79 32.36 7.34
C ILE C 141 -29.32 33.73 6.97
N PRO C 142 -30.52 34.15 7.39
CA PRO C 142 -30.95 35.52 7.08
C PRO C 142 -30.01 36.59 7.62
N GLU C 143 -29.57 36.46 8.87
CA GLU C 143 -28.65 37.43 9.44
C GLU C 143 -27.30 37.40 8.71
N LEU C 144 -26.84 36.21 8.33
CA LEU C 144 -25.59 36.11 7.58
C LEU C 144 -25.70 36.87 6.25
N ILE C 145 -26.77 36.63 5.51
CA ILE C 145 -26.97 37.33 4.24
C ILE C 145 -27.05 38.84 4.46
N GLY C 146 -27.71 39.25 5.54
CA GLY C 146 -27.81 40.67 5.82
C GLY C 146 -26.47 41.30 6.12
N SER C 147 -25.67 40.64 6.97
CA SER C 147 -24.36 41.16 7.33
C SER C 147 -23.37 41.15 6.17
N SER C 148 -23.72 40.53 5.05
CA SER C 148 -22.81 40.48 3.92
C SER C 148 -22.62 41.83 3.26
N SER C 149 -23.62 42.70 3.35
CA SER C 149 -23.56 43.99 2.67
C SER C 149 -22.88 45.07 3.49
N SER C 150 -22.81 44.92 4.82
N SER C 150 -22.79 44.90 4.82
CA SER C 150 -22.17 45.94 5.64
CA SER C 150 -22.18 45.93 5.66
C SER C 150 -20.68 46.04 5.39
C SER C 150 -20.67 46.02 5.44
N SER C 151 -20.04 44.93 5.04
CA SER C 151 -18.59 44.92 4.81
C SER C 151 -18.27 43.88 3.76
N VAL C 152 -17.31 44.21 2.87
CA VAL C 152 -16.88 43.27 1.86
C VAL C 152 -16.06 42.14 2.48
N ASN C 153 -15.29 42.44 3.54
CA ASN C 153 -14.56 41.39 4.24
C ASN C 153 -15.50 40.41 4.91
N VAL C 154 -16.56 40.92 5.55
CA VAL C 154 -17.54 40.04 6.17
C VAL C 154 -18.25 39.20 5.12
N CYS C 155 -18.46 39.76 3.92
CA CYS C 155 -19.11 39.01 2.85
C CYS C 155 -18.22 37.85 2.38
N GLU C 156 -16.94 38.13 2.15
CA GLU C 156 -16.02 37.08 1.72
C GLU C 156 -15.91 35.98 2.77
N ASN C 157 -15.80 36.37 4.05
CA ASN C 157 -15.68 35.37 5.10
C ASN C 157 -16.98 34.60 5.29
N ASN C 158 -18.12 35.20 4.94
CA ASN C 158 -19.37 34.46 4.99
C ASN C 158 -19.43 33.37 3.92
N MET C 159 -18.70 33.55 2.82
CA MET C 159 -18.59 32.49 1.82
C MET C 159 -17.76 31.33 2.35
N ILE C 160 -16.80 31.59 3.23
CA ILE C 160 -16.01 30.53 3.83
C ILE C 160 -16.85 29.74 4.82
N VAL C 161 -17.63 30.43 5.65
CA VAL C 161 -18.50 29.75 6.61
C VAL C 161 -19.50 28.87 5.89
N LEU C 162 -20.06 29.37 4.78
CA LEU C 162 -21.01 28.58 4.01
C LEU C 162 -20.33 27.41 3.32
N LYS C 163 -19.10 27.61 2.83
CA LYS C 163 -18.34 26.51 2.23
C LYS C 163 -18.07 25.42 3.25
N LEU C 164 -17.59 25.81 4.44
CA LEU C 164 -17.32 24.83 5.48
C LEU C 164 -18.60 24.15 5.95
N LEU C 165 -19.70 24.90 5.99
CA LEU C 165 -20.97 24.31 6.42
C LEU C 165 -21.46 23.29 5.40
N SER C 166 -21.28 23.58 4.11
CA SER C 166 -21.70 22.62 3.09
C SER C 166 -20.83 21.36 3.13
N GLU C 167 -19.54 21.51 3.43
CA GLU C 167 -18.65 20.36 3.51
C GLU C 167 -19.06 19.46 4.68
N GLU C 168 -19.31 20.04 5.85
CA GLU C 168 -19.58 19.24 7.04
C GLU C 168 -20.94 18.56 6.97
N VAL C 169 -21.88 19.12 6.23
CA VAL C 169 -23.24 18.58 6.18
C VAL C 169 -23.40 17.57 5.05
N PHE C 170 -22.81 17.83 3.89
CA PHE C 170 -23.02 16.99 2.72
C PHE C 170 -21.83 16.10 2.37
N ASP C 171 -20.61 16.55 2.61
CA ASP C 171 -19.43 15.82 2.16
C ASP C 171 -18.83 14.92 3.24
N PHE C 172 -18.85 15.34 4.51
CA PHE C 172 -18.17 14.60 5.57
C PHE C 172 -19.12 14.26 6.73
N SER C 173 -20.40 14.06 6.44
CA SER C 173 -21.38 13.73 7.46
C SER C 173 -21.64 12.24 7.59
N ALA C 174 -21.31 11.45 6.57
CA ALA C 174 -21.68 10.04 6.57
C ALA C 174 -21.09 9.30 7.76
N GLU C 175 -19.85 9.63 8.12
CA GLU C 175 -19.13 8.92 9.17
C GLU C 175 -19.06 9.71 10.48
N GLN C 176 -19.56 10.95 10.51
CA GLN C 176 -19.44 11.80 11.69
C GLN C 176 -20.76 12.08 12.38
N MET C 177 -21.89 11.87 11.72
CA MET C 177 -23.20 12.10 12.31
C MET C 177 -24.05 10.85 12.20
N THR C 178 -25.08 10.78 13.05
CA THR C 178 -26.09 9.75 12.87
C THR C 178 -26.85 10.00 11.56
N GLN C 179 -27.59 8.99 11.13
CA GLN C 179 -28.36 9.13 9.90
C GLN C 179 -29.45 10.18 10.04
N ALA C 180 -30.04 10.30 11.22
CA ALA C 180 -31.10 11.29 11.44
C ALA C 180 -30.52 12.70 11.54
N LYS C 181 -29.35 12.84 12.16
CA LYS C 181 -28.74 14.16 12.27
C LYS C 181 -28.26 14.68 10.92
N ALA C 182 -27.62 13.82 10.13
CA ALA C 182 -27.16 14.24 8.81
C ALA C 182 -28.33 14.57 7.89
N LEU C 183 -29.42 13.80 7.98
CA LEU C 183 -30.61 14.11 7.21
C LEU C 183 -31.26 15.40 7.70
N HIS C 184 -31.22 15.65 9.00
CA HIS C 184 -31.81 16.87 9.56
C HIS C 184 -31.06 18.10 9.07
N LEU C 185 -29.74 18.11 9.21
CA LEU C 185 -28.95 19.23 8.73
C LEU C 185 -29.00 19.34 7.21
N LYS C 186 -29.21 18.22 6.52
CA LYS C 186 -29.31 18.26 5.06
C LYS C 186 -30.56 19.01 4.62
N ASN C 187 -31.72 18.65 5.20
CA ASN C 187 -32.96 19.34 4.86
C ASN C 187 -32.91 20.81 5.27
N SER C 188 -32.19 21.13 6.34
CA SER C 188 -32.15 22.50 6.83
C SER C 188 -31.41 23.42 5.85
N MET C 189 -30.36 22.91 5.21
CA MET C 189 -29.67 23.72 4.21
C MET C 189 -30.43 23.78 2.91
N SER C 190 -31.11 22.67 2.54
N SER C 190 -31.11 22.68 2.53
CA SER C 190 -31.91 22.68 1.32
CA SER C 190 -31.90 22.70 1.31
C SER C 190 -33.09 23.63 1.44
C SER C 190 -33.09 23.63 1.43
N LYS C 191 -33.62 23.81 2.64
CA LYS C 191 -34.73 24.74 2.83
C LYS C 191 -34.29 26.17 2.59
N GLU C 192 -33.07 26.52 2.99
CA GLU C 192 -32.60 27.89 2.95
C GLU C 192 -31.68 28.19 1.78
N PHE C 193 -31.49 27.25 0.87
CA PHE C 193 -30.50 27.48 -0.18
C PHE C 193 -30.97 28.51 -1.19
N GLU C 194 -32.28 28.64 -1.40
CA GLU C 194 -32.78 29.65 -2.33
C GLU C 194 -32.23 31.02 -1.98
N GLN C 195 -32.22 31.37 -0.69
N GLN C 195 -32.17 31.35 -0.69
CA GLN C 195 -31.62 32.61 -0.26
CA GLN C 195 -31.63 32.64 -0.28
C GLN C 195 -30.11 32.61 -0.50
C GLN C 195 -30.10 32.66 -0.25
N ILE C 196 -29.45 31.50 -0.19
CA ILE C 196 -28.00 31.44 -0.27
C ILE C 196 -27.54 31.61 -1.72
N PHE C 197 -28.30 31.08 -2.67
CA PHE C 197 -27.91 31.23 -4.07
C PHE C 197 -28.08 32.66 -4.56
N LYS C 198 -29.08 33.38 -4.02
CA LYS C 198 -29.23 34.79 -4.37
C LYS C 198 -27.96 35.57 -4.06
N LEU C 199 -27.48 35.47 -2.81
CA LEU C 199 -26.26 36.16 -2.42
C LEU C 199 -25.08 35.71 -3.27
N CYS C 200 -24.95 34.40 -3.50
CA CYS C 200 -23.84 33.89 -4.31
CA CYS C 200 -23.84 33.89 -4.30
C CYS C 200 -23.92 34.41 -5.73
N PHE C 201 -25.10 34.36 -6.34
CA PHE C 201 -25.25 34.82 -7.71
C PHE C 201 -25.04 36.33 -7.81
N GLN C 202 -25.61 37.09 -6.86
CA GLN C 202 -25.39 38.54 -6.86
C GLN C 202 -23.90 38.86 -6.80
N VAL C 203 -23.17 38.19 -5.91
CA VAL C 203 -21.75 38.48 -5.74
C VAL C 203 -20.98 38.13 -7.01
N LEU C 204 -21.43 37.11 -7.75
CA LEU C 204 -20.78 36.76 -9.00
C LEU C 204 -21.23 37.67 -10.14
N GLU C 205 -22.47 38.14 -10.12
CA GLU C 205 -22.98 38.95 -11.23
C GLU C 205 -22.37 40.35 -11.20
N GLN C 206 -22.42 41.03 -10.05
CA GLN C 206 -21.76 42.32 -9.96
C GLN C 206 -20.24 42.17 -9.84
N GLY C 207 -19.78 41.21 -9.06
N GLY C 207 -19.76 41.07 -9.26
CA GLY C 207 -18.37 41.00 -8.79
CA GLY C 207 -18.48 40.44 -9.59
C GLY C 207 -17.57 42.20 -8.31
C GLY C 207 -17.24 41.22 -9.96
N SER C 208 -17.13 42.19 -7.04
N SER C 208 -16.49 40.63 -10.90
CA SER C 208 -16.08 43.12 -6.65
CA SER C 208 -15.14 40.93 -11.38
C SER C 208 -14.78 42.65 -7.29
C SER C 208 -14.28 39.68 -11.28
N SER C 209 -13.72 42.49 -6.50
N SER C 209 -13.18 39.74 -10.50
CA SER C 209 -12.47 42.00 -7.05
CA SER C 209 -12.30 38.58 -10.38
C SER C 209 -12.13 40.64 -6.46
C SER C 209 -11.23 38.74 -9.30
N SER C 210 -11.27 39.91 -7.20
N SER C 210 -11.55 38.49 -8.04
CA SER C 210 -10.82 38.54 -6.94
CA SER C 210 -10.54 38.40 -6.98
C SER C 210 -11.28 37.94 -5.61
C SER C 210 -11.21 37.95 -5.68
N SER C 211 -10.45 38.06 -4.58
CA SER C 211 -10.71 37.49 -3.25
C SER C 211 -12.15 37.17 -2.88
N LEU C 212 -13.07 38.11 -3.13
CA LEU C 212 -14.48 37.83 -2.84
C LEU C 212 -15.07 36.88 -3.87
N ILE C 213 -14.68 37.02 -5.13
CA ILE C 213 -15.17 36.13 -6.18
C ILE C 213 -14.64 34.72 -5.97
N VAL C 214 -13.34 34.60 -5.71
CA VAL C 214 -12.73 33.28 -5.52
C VAL C 214 -13.40 32.55 -4.36
N ALA C 215 -13.55 33.24 -3.23
CA ALA C 215 -14.23 32.63 -2.09
C ALA C 215 -15.67 32.28 -2.41
N THR C 216 -16.31 33.05 -3.30
CA THR C 216 -17.66 32.72 -3.72
C THR C 216 -17.67 31.47 -4.60
N LEU C 217 -16.73 31.38 -5.54
CA LEU C 217 -16.64 30.21 -6.42
C LEU C 217 -16.23 28.97 -5.64
N GLU C 218 -15.27 29.10 -4.71
N GLU C 218 -15.27 29.10 -4.71
CA GLU C 218 -14.88 27.97 -3.89
CA GLU C 218 -14.88 27.97 -3.88
C GLU C 218 -16.06 27.45 -3.07
C GLU C 218 -16.07 27.44 -3.10
N SER C 219 -16.96 28.32 -2.66
CA SER C 219 -18.17 27.87 -1.96
C SER C 219 -19.15 27.25 -2.93
N LEU C 220 -19.22 27.76 -4.17
CA LEU C 220 -20.13 27.19 -5.15
C LEU C 220 -19.71 25.78 -5.54
N LEU C 221 -18.40 25.52 -5.58
CA LEU C 221 -17.90 24.19 -5.90
C LEU C 221 -18.50 23.13 -4.97
N ARG C 222 -18.70 23.49 -3.70
CA ARG C 222 -19.29 22.55 -2.75
C ARG C 222 -20.79 22.42 -2.95
N TYR C 223 -21.47 23.50 -3.35
CA TYR C 223 -22.91 23.43 -3.58
C TYR C 223 -23.22 22.46 -4.73
N LEU C 224 -22.40 22.48 -5.77
CA LEU C 224 -22.68 21.67 -6.96
C LEU C 224 -22.70 20.18 -6.66
N HIS C 225 -22.19 19.76 -5.51
CA HIS C 225 -22.28 18.34 -5.14
C HIS C 225 -23.72 17.91 -4.96
N TRP C 226 -24.62 18.84 -4.59
CA TRP C 226 -25.93 18.44 -4.10
C TRP C 226 -27.09 19.34 -4.48
N ILE C 227 -26.87 20.53 -5.02
CA ILE C 227 -27.98 21.47 -5.24
C ILE C 227 -28.80 21.03 -6.44
N PRO C 228 -30.07 21.42 -6.53
CA PRO C 228 -30.89 21.03 -7.68
C PRO C 228 -30.35 21.61 -8.98
N TYR C 229 -30.67 20.94 -10.08
CA TYR C 229 -30.12 21.33 -11.39
C TYR C 229 -30.61 22.71 -11.83
N ARG C 230 -31.80 23.11 -11.37
CA ARG C 230 -32.38 24.35 -11.87
C ARG C 230 -31.55 25.58 -11.49
N TYR C 231 -30.82 25.51 -10.38
CA TYR C 231 -29.94 26.61 -10.02
C TYR C 231 -28.78 26.77 -11.00
N ILE C 232 -28.46 25.72 -11.76
CA ILE C 232 -27.36 25.79 -12.71
C ILE C 232 -27.83 26.16 -14.11
N TYR C 233 -29.04 25.73 -14.50
CA TYR C 233 -29.49 25.86 -15.88
C TYR C 233 -30.60 26.88 -16.08
N GLU C 234 -31.45 27.11 -15.08
CA GLU C 234 -32.50 28.11 -15.19
C GLU C 234 -32.04 29.50 -14.77
N THR C 235 -30.74 29.68 -14.52
CA THR C 235 -30.14 30.99 -14.34
C THR C 235 -29.09 31.21 -15.43
N ASN C 236 -28.26 32.24 -15.26
CA ASN C 236 -27.23 32.58 -16.23
C ASN C 236 -25.84 32.27 -15.70
N ILE C 237 -25.73 31.44 -14.66
CA ILE C 237 -24.44 31.24 -14.01
C ILE C 237 -23.50 30.43 -14.90
N LEU C 238 -24.05 29.58 -15.78
CA LEU C 238 -23.19 28.84 -16.70
C LEU C 238 -22.44 29.77 -17.64
N GLU C 239 -23.11 30.81 -18.12
CA GLU C 239 -22.44 31.78 -18.99
C GLU C 239 -21.36 32.56 -18.23
N LEU C 240 -21.60 32.82 -16.95
CA LEU C 240 -20.59 33.50 -16.14
C LEU C 240 -19.37 32.62 -15.92
N LEU C 241 -19.59 31.33 -15.66
CA LEU C 241 -18.49 30.42 -15.41
C LEU C 241 -17.69 30.15 -16.69
N SER C 242 -18.39 29.89 -17.79
CA SER C 242 -17.72 29.47 -19.01
C SER C 242 -17.10 30.62 -19.80
N THR C 243 -17.38 31.88 -19.45
CA THR C 243 -16.80 33.01 -20.16
C THR C 243 -16.08 33.96 -19.21
N LYS C 244 -16.81 34.67 -18.36
CA LYS C 244 -16.24 35.75 -17.56
C LYS C 244 -15.12 35.22 -16.67
N PHE C 245 -15.38 34.15 -15.92
CA PHE C 245 -14.42 33.68 -14.92
C PHE C 245 -13.33 32.80 -15.50
N MET C 246 -13.39 32.45 -16.79
CA MET C 246 -12.31 31.72 -17.43
C MET C 246 -11.21 32.63 -17.94
N THR C 247 -11.49 33.92 -18.14
CA THR C 247 -10.50 34.84 -18.67
C THR C 247 -9.45 35.23 -17.63
N SER C 248 -9.90 35.50 -16.40
CA SER C 248 -8.97 35.91 -15.35
C SER C 248 -8.30 34.70 -14.72
N PRO C 249 -6.98 34.57 -14.80
CA PRO C 249 -6.31 33.36 -14.29
C PRO C 249 -6.40 33.17 -12.78
N ASP C 250 -6.83 34.18 -12.03
CA ASP C 250 -6.98 34.03 -10.58
C ASP C 250 -8.34 33.45 -10.19
N THR C 251 -9.28 33.37 -11.13
CA THR C 251 -10.51 32.62 -10.95
C THR C 251 -10.63 31.44 -11.91
N ARG C 252 -9.61 31.22 -12.74
CA ARG C 252 -9.72 30.22 -13.81
C ARG C 252 -9.67 28.81 -13.24
N ALA C 253 -8.83 28.58 -12.22
CA ALA C 253 -8.68 27.24 -11.66
C ALA C 253 -9.97 26.79 -10.97
N ILE C 254 -10.52 27.62 -10.09
CA ILE C 254 -11.71 27.23 -9.34
C ILE C 254 -12.93 27.19 -10.26
N THR C 255 -12.93 28.00 -11.33
CA THR C 255 -14.04 27.92 -12.29
C THR C 255 -13.99 26.62 -13.07
N LEU C 256 -12.78 26.18 -13.44
CA LEU C 256 -12.64 24.92 -14.15
C LEU C 256 -13.09 23.74 -13.30
N LYS C 257 -12.88 23.81 -11.98
CA LYS C 257 -13.32 22.75 -11.10
C LYS C 257 -14.84 22.74 -10.93
N CYS C 258 -15.47 23.91 -10.97
CA CYS C 258 -16.93 23.96 -10.92
C CYS C 258 -17.54 23.39 -12.20
N LEU C 259 -17.01 23.78 -13.35
CA LEU C 259 -17.52 23.26 -14.62
C LEU C 259 -17.30 21.76 -14.74
N THR C 260 -16.25 21.24 -14.09
CA THR C 260 -16.09 19.79 -14.04
C THR C 260 -17.20 19.14 -13.22
N GLU C 261 -17.55 19.76 -12.09
CA GLU C 261 -18.65 19.23 -11.28
C GLU C 261 -19.97 19.32 -12.00
N VAL C 262 -20.22 20.44 -12.69
CA VAL C 262 -21.41 20.55 -13.53
C VAL C 262 -21.42 19.44 -14.57
N SER C 263 -20.28 19.21 -15.23
CA SER C 263 -20.22 18.25 -16.32
C SER C 263 -20.54 16.82 -15.88
N ASN C 264 -20.46 16.51 -14.60
CA ASN C 264 -20.54 15.14 -14.11
C ASN C 264 -21.94 14.74 -13.64
N LEU C 265 -22.96 15.52 -13.96
CA LEU C 265 -24.33 15.17 -13.59
C LEU C 265 -25.04 14.58 -14.81
N LYS C 266 -25.86 13.56 -14.58
CA LYS C 266 -26.61 12.91 -15.64
C LYS C 266 -27.89 13.72 -15.89
N ILE C 267 -27.86 14.59 -16.88
CA ILE C 267 -28.95 15.52 -17.15
C ILE C 267 -30.21 14.78 -17.56
N PRO C 268 -31.39 15.43 -17.46
CA PRO C 268 -32.56 14.91 -18.18
C PRO C 268 -32.25 14.78 -19.67
N GLN C 269 -31.81 13.60 -20.09
CA GLN C 269 -31.35 13.37 -21.46
C GLN C 269 -32.49 13.42 -22.49
N ASP C 270 -33.61 14.08 -22.19
CA ASP C 270 -34.71 14.23 -23.12
C ASP C 270 -35.08 15.69 -23.37
N ASN C 271 -34.43 16.63 -22.69
CA ASN C 271 -34.75 18.04 -22.73
C ASN C 271 -33.81 18.74 -23.70
N ASP C 272 -34.34 19.22 -24.81
CA ASP C 272 -33.51 19.87 -25.83
C ASP C 272 -32.85 21.14 -25.31
N LEU C 273 -33.51 21.83 -24.39
CA LEU C 273 -32.95 23.09 -23.88
C LEU C 273 -31.70 22.84 -23.05
N ILE C 274 -31.80 21.95 -22.06
CA ILE C 274 -30.66 21.66 -21.20
C ILE C 274 -29.49 21.14 -22.03
N LYS C 275 -29.78 20.31 -23.03
CA LYS C 275 -28.72 19.83 -23.92
C LYS C 275 -28.04 20.99 -24.63
N ARG C 276 -28.80 22.02 -24.99
CA ARG C 276 -28.21 23.18 -25.66
C ARG C 276 -27.31 23.96 -24.71
N GLN C 277 -27.68 24.04 -23.43
CA GLN C 277 -26.84 24.73 -22.46
C GLN C 277 -25.58 23.92 -22.15
N THR C 278 -25.70 22.59 -22.11
CA THR C 278 -24.53 21.75 -21.86
C THR C 278 -23.52 21.86 -22.99
N VAL C 279 -23.99 21.98 -24.23
CA VAL C 279 -23.07 22.23 -25.34
C VAL C 279 -22.48 23.62 -25.23
N LEU C 280 -23.24 24.57 -24.70
CA LEU C 280 -22.83 25.97 -24.75
C LEU C 280 -21.66 26.26 -23.82
N PHE C 281 -21.75 25.80 -22.56
CA PHE C 281 -20.67 26.12 -21.63
C PHE C 281 -19.39 25.39 -21.99
N PHE C 282 -19.49 24.23 -22.63
CA PHE C 282 -18.30 23.57 -23.16
C PHE C 282 -17.73 24.35 -24.33
N GLN C 283 -18.61 24.89 -25.19
CA GLN C 283 -18.15 25.69 -26.31
C GLN C 283 -17.47 26.96 -25.84
N ASN C 284 -18.01 27.61 -24.81
CA ASN C 284 -17.40 28.83 -24.29
C ASN C 284 -16.07 28.53 -23.61
N THR C 285 -16.04 27.49 -22.78
CA THR C 285 -14.82 27.15 -22.05
C THR C 285 -13.67 26.83 -23.00
N LEU C 286 -13.93 26.03 -24.02
CA LEU C 286 -12.90 25.71 -24.99
C LEU C 286 -12.50 26.94 -25.80
N GLN C 287 -13.42 27.88 -26.01
CA GLN C 287 -13.05 29.12 -26.70
C GLN C 287 -12.13 29.97 -25.84
N GLN C 288 -12.38 30.03 -24.53
CA GLN C 288 -11.55 30.85 -23.65
C GLN C 288 -10.16 30.26 -23.51
N ILE C 289 -10.05 28.94 -23.47
CA ILE C 289 -8.73 28.31 -23.41
C ILE C 289 -7.95 28.57 -24.69
N ALA C 290 -8.62 28.51 -25.84
CA ALA C 290 -7.93 28.64 -27.12
C ALA C 290 -7.40 30.05 -27.33
N THR C 291 -8.09 31.07 -26.84
CA THR C 291 -7.69 32.45 -27.07
C THR C 291 -6.92 33.06 -25.92
N SER C 292 -7.18 32.65 -24.68
CA SER C 292 -6.57 33.26 -23.51
C SER C 292 -5.46 32.45 -22.87
N VAL C 293 -5.42 31.13 -23.07
CA VAL C 293 -4.44 30.28 -22.40
C VAL C 293 -3.37 29.82 -23.39
N MET C 294 -3.73 28.93 -24.32
N MET C 294 -3.74 28.98 -24.36
CA MET C 294 -2.86 28.62 -25.45
CA MET C 294 -2.89 28.24 -25.28
C MET C 294 -3.61 27.70 -26.42
C MET C 294 -3.72 27.78 -26.48
N PRO C 295 -3.16 27.66 -27.68
CA PRO C 295 -3.92 27.02 -28.75
C PRO C 295 -3.81 25.50 -28.74
N VAL C 296 -4.62 24.89 -29.60
CA VAL C 296 -4.69 23.43 -29.68
C VAL C 296 -3.40 22.80 -30.20
N THR C 297 -2.53 23.59 -30.83
CA THR C 297 -1.26 23.08 -31.33
C THR C 297 -0.12 23.22 -30.33
N ALA C 298 -0.39 23.76 -29.14
CA ALA C 298 0.68 24.04 -28.19
C ALA C 298 1.31 22.74 -27.69
N ASP C 299 2.61 22.82 -27.39
CA ASP C 299 3.37 21.69 -26.85
C ASP C 299 3.12 21.64 -25.36
N LEU C 300 2.06 20.92 -24.96
CA LEU C 300 1.73 20.82 -23.55
C LEU C 300 2.74 19.95 -22.79
N LYS C 301 3.40 19.04 -23.50
CA LYS C 301 4.45 18.24 -22.87
C LYS C 301 5.58 19.12 -22.35
N ALA C 302 5.97 20.13 -23.12
CA ALA C 302 7.04 21.02 -22.71
C ALA C 302 6.57 22.06 -21.70
N THR C 303 5.32 22.51 -21.81
CA THR C 303 4.80 23.44 -20.82
C THR C 303 4.71 22.79 -19.45
N TYR C 304 4.24 21.55 -19.38
CA TYR C 304 4.16 20.85 -18.11
C TYR C 304 5.54 20.62 -17.52
N ALA C 305 6.54 20.37 -18.37
CA ALA C 305 7.88 20.11 -17.87
C ALA C 305 8.57 21.36 -17.37
N ASN C 306 8.21 22.53 -17.92
CA ASN C 306 8.83 23.77 -17.49
C ASN C 306 8.36 24.18 -16.09
N ALA C 307 7.12 23.85 -15.75
CA ALA C 307 6.57 24.08 -14.42
C ALA C 307 6.65 25.55 -14.01
N ASN C 308 6.04 26.40 -14.83
CA ASN C 308 5.89 27.81 -14.50
C ASN C 308 4.57 28.03 -13.79
N GLY C 309 4.62 28.79 -12.70
CA GLY C 309 3.41 29.15 -11.97
C GLY C 309 2.55 27.97 -11.61
N ASN C 310 1.30 27.98 -12.08
CA ASN C 310 0.34 26.92 -11.84
C ASN C 310 0.02 26.16 -13.13
N ASP C 311 0.97 26.10 -14.06
CA ASP C 311 0.73 25.42 -15.34
C ASP C 311 0.40 23.95 -15.12
N GLN C 312 1.14 23.28 -14.24
CA GLN C 312 0.90 21.86 -14.02
C GLN C 312 -0.49 21.62 -13.43
N SER C 313 -0.88 22.45 -12.45
CA SER C 313 -2.20 22.28 -11.85
C SER C 313 -3.30 22.58 -12.86
N PHE C 314 -3.07 23.54 -13.76
CA PHE C 314 -4.09 23.88 -14.74
C PHE C 314 -4.25 22.78 -15.77
N LEU C 315 -3.14 22.20 -16.23
CA LEU C 315 -3.23 21.12 -17.22
C LEU C 315 -3.83 19.86 -16.59
N GLN C 316 -3.58 19.63 -15.30
CA GLN C 316 -4.26 18.55 -14.59
C GLN C 316 -5.75 18.82 -14.53
N ASP C 317 -6.14 20.04 -14.15
CA ASP C 317 -7.56 20.40 -14.09
C ASP C 317 -8.20 20.40 -15.48
N LEU C 318 -7.44 20.75 -16.52
CA LEU C 318 -7.99 20.72 -17.87
C LEU C 318 -8.25 19.30 -18.32
N ALA C 319 -7.30 18.39 -18.06
CA ALA C 319 -7.50 16.99 -18.40
C ALA C 319 -8.71 16.42 -17.66
N MET C 320 -8.87 16.77 -16.39
CA MET C 320 -10.03 16.29 -15.64
C MET C 320 -11.34 16.85 -16.20
N PHE C 321 -11.32 18.11 -16.66
CA PHE C 321 -12.53 18.71 -17.19
C PHE C 321 -12.92 18.08 -18.53
N LEU C 322 -11.96 17.97 -19.45
CA LEU C 322 -12.28 17.44 -20.77
C LEU C 322 -12.71 15.98 -20.69
N THR C 323 -12.05 15.19 -19.83
CA THR C 323 -12.41 13.77 -19.72
C THR C 323 -13.75 13.59 -19.02
N THR C 324 -14.03 14.38 -17.98
CA THR C 324 -15.31 14.27 -17.30
C THR C 324 -16.46 14.67 -18.22
N TYR C 325 -16.32 15.79 -18.93
CA TYR C 325 -17.39 16.25 -19.81
C TYR C 325 -17.60 15.28 -20.96
N LEU C 326 -16.53 14.97 -21.70
CA LEU C 326 -16.66 14.18 -22.92
C LEU C 326 -17.15 12.76 -22.61
N ALA C 327 -16.71 12.18 -21.50
CA ALA C 327 -17.16 10.83 -21.17
C ALA C 327 -18.66 10.77 -20.94
N ARG C 328 -19.28 11.89 -20.60
CA ARG C 328 -20.70 11.93 -20.31
C ARG C 328 -21.52 12.60 -21.41
N ASN C 329 -20.94 13.56 -22.14
CA ASN C 329 -21.73 14.41 -23.02
C ASN C 329 -21.16 14.53 -24.44
N ARG C 330 -20.19 13.70 -24.82
CA ARG C 330 -19.63 13.84 -26.17
C ARG C 330 -20.64 13.48 -27.25
N ALA C 331 -21.65 12.68 -26.93
CA ALA C 331 -22.66 12.32 -27.92
C ALA C 331 -23.46 13.53 -28.38
N LEU C 332 -23.51 14.57 -27.54
CA LEU C 332 -24.21 15.80 -27.92
C LEU C 332 -23.51 16.52 -29.07
N LEU C 333 -22.24 16.20 -29.33
CA LEU C 333 -21.46 16.88 -30.35
C LEU C 333 -21.19 16.03 -31.58
N GLU C 334 -21.54 14.75 -31.57
CA GLU C 334 -21.12 13.84 -32.63
C GLU C 334 -22.03 13.86 -33.84
N SER C 335 -23.28 14.30 -33.70
CA SER C 335 -24.23 14.31 -34.81
C SER C 335 -24.31 15.66 -35.50
N ASP C 336 -24.48 16.74 -34.74
CA ASP C 336 -24.53 18.07 -35.32
C ASP C 336 -23.20 18.41 -35.96
N GLU C 337 -23.23 18.73 -37.26
CA GLU C 337 -22.00 18.97 -38.00
C GLU C 337 -21.34 20.30 -37.65
N SER C 338 -22.11 21.26 -37.11
CA SER C 338 -21.50 22.51 -36.69
C SER C 338 -20.69 22.37 -35.40
N LEU C 339 -20.90 21.29 -34.65
CA LEU C 339 -20.15 21.02 -33.44
C LEU C 339 -18.98 20.07 -33.66
N ARG C 340 -18.70 19.72 -34.92
CA ARG C 340 -17.65 18.75 -35.20
C ARG C 340 -16.28 19.31 -34.87
N GLU C 341 -16.02 20.58 -35.20
CA GLU C 341 -14.72 21.17 -34.91
C GLU C 341 -14.48 21.26 -33.41
N LEU C 342 -15.52 21.58 -32.64
CA LEU C 342 -15.39 21.64 -31.18
C LEU C 342 -15.09 20.26 -30.61
N LEU C 343 -15.78 19.24 -31.10
CA LEU C 343 -15.57 17.88 -30.61
C LEU C 343 -14.14 17.42 -30.84
N LEU C 344 -13.59 17.71 -32.02
CA LEU C 344 -12.25 17.25 -32.36
C LEU C 344 -11.18 18.12 -31.70
N ASN C 345 -11.42 19.43 -31.59
CA ASN C 345 -10.47 20.29 -30.87
C ASN C 345 -10.37 19.87 -29.41
N ALA C 346 -11.49 19.47 -28.80
CA ALA C 346 -11.45 19.02 -27.42
C ALA C 346 -10.62 17.75 -27.29
N HIS C 347 -10.79 16.80 -28.21
CA HIS C 347 -10.01 15.57 -28.17
C HIS C 347 -8.57 15.81 -28.57
N GLN C 348 -8.31 16.77 -29.45
CA GLN C 348 -6.93 17.10 -29.81
C GLN C 348 -6.18 17.69 -28.63
N TYR C 349 -6.87 18.44 -27.76
CA TYR C 349 -6.26 18.86 -26.51
C TYR C 349 -5.86 17.66 -25.67
N LEU C 350 -6.70 16.62 -25.65
CA LEU C 350 -6.39 15.42 -24.87
C LEU C 350 -5.19 14.68 -25.45
N ILE C 351 -5.07 14.66 -26.78
CA ILE C 351 -3.89 14.07 -27.40
C ILE C 351 -2.62 14.80 -26.95
N GLN C 352 -2.68 16.13 -26.93
CA GLN C 352 -1.53 16.90 -26.47
C GLN C 352 -1.28 16.68 -24.98
N LEU C 353 -2.35 16.54 -24.19
CA LEU C 353 -2.19 16.24 -22.77
C LEU C 353 -1.69 14.83 -22.53
N SER C 354 -1.89 13.93 -23.49
CA SER C 354 -1.44 12.54 -23.36
C SER C 354 0.03 12.37 -23.70
N LYS C 355 0.72 13.44 -24.10
CA LYS C 355 2.15 13.40 -24.36
C LYS C 355 2.97 13.91 -23.18
N ILE C 356 2.31 14.41 -22.14
CA ILE C 356 3.01 14.90 -20.96
C ILE C 356 3.67 13.74 -20.24
N GLU C 357 4.93 13.94 -19.83
CA GLU C 357 5.65 12.95 -19.03
C GLU C 357 5.22 13.12 -17.58
N GLU C 358 4.15 12.42 -17.20
CA GLU C 358 3.64 12.47 -15.83
C GLU C 358 2.75 11.24 -15.66
N ARG C 359 3.27 10.25 -14.92
CA ARG C 359 2.63 8.95 -14.83
C ARG C 359 1.15 9.07 -14.47
N GLU C 360 0.85 9.81 -13.41
CA GLU C 360 -0.53 9.85 -12.91
C GLU C 360 -1.44 10.66 -13.82
N LEU C 361 -0.90 11.65 -14.54
CA LEU C 361 -1.72 12.37 -15.51
C LEU C 361 -1.95 11.52 -16.76
N PHE C 362 -1.01 10.66 -17.11
CA PHE C 362 -1.20 9.77 -18.26
C PHE C 362 -2.30 8.75 -17.97
N LYS C 363 -2.33 8.21 -16.75
CA LYS C 363 -3.36 7.24 -16.40
C LYS C 363 -4.75 7.87 -16.38
N THR C 364 -4.82 9.17 -16.12
CA THR C 364 -6.11 9.86 -16.16
C THR C 364 -6.63 9.98 -17.59
N THR C 365 -5.76 10.39 -18.51
CA THR C 365 -6.16 10.50 -19.91
C THR C 365 -6.32 9.13 -20.54
N LEU C 366 -5.47 8.18 -20.17
CA LEU C 366 -5.60 6.82 -20.69
C LEU C 366 -6.93 6.21 -20.27
N ASP C 367 -7.40 6.54 -19.07
N ASP C 367 -7.42 6.56 -19.08
CA ASP C 367 -8.72 6.06 -18.64
CA ASP C 367 -8.71 6.05 -18.62
C ASP C 367 -9.81 6.53 -19.57
C ASP C 367 -9.84 6.57 -19.50
N TYR C 368 -9.73 7.80 -20.02
CA TYR C 368 -10.75 8.30 -20.95
C TYR C 368 -10.59 7.66 -22.32
N TRP C 369 -9.35 7.52 -22.80
CA TRP C 369 -9.14 6.87 -24.09
C TRP C 369 -9.73 5.46 -24.08
N HIS C 370 -9.62 4.76 -22.95
CA HIS C 370 -10.30 3.48 -22.81
C HIS C 370 -11.81 3.65 -22.92
N ASN C 371 -12.36 4.70 -22.33
CA ASN C 371 -13.79 4.96 -22.44
C ASN C 371 -14.20 5.23 -23.87
N LEU C 372 -13.34 5.92 -24.63
CA LEU C 372 -13.68 6.27 -26.01
C LEU C 372 -13.62 5.05 -26.92
N VAL C 373 -12.45 4.40 -26.98
CA VAL C 373 -12.25 3.34 -27.97
C VAL C 373 -13.15 2.15 -27.70
N ALA C 374 -13.50 1.91 -26.44
CA ALA C 374 -14.48 0.86 -26.14
C ALA C 374 -15.86 1.22 -26.70
N ASP C 375 -16.20 2.51 -26.70
CA ASP C 375 -17.48 2.93 -27.26
C ASP C 375 -17.47 2.88 -28.77
N LEU C 376 -16.36 3.31 -29.40
CA LEU C 376 -16.24 3.20 -30.84
C LEU C 376 -16.20 1.75 -31.31
N PHE C 377 -15.83 0.82 -30.42
CA PHE C 377 -15.73 -0.58 -30.81
C PHE C 377 -17.09 -1.23 -30.97
N TYR C 378 -18.11 -0.72 -30.27
CA TYR C 378 -19.45 -1.29 -30.33
C TYR C 378 -20.50 -0.37 -30.94
N GLU C 379 -20.38 0.93 -30.75
CA GLU C 379 -21.41 1.86 -31.20
C GLU C 379 -21.31 2.06 -32.71
N PRO C 380 -22.36 1.78 -33.47
CA PRO C 380 -22.29 1.94 -34.92
C PRO C 380 -22.12 3.40 -35.34
N LEU C 381 -21.39 3.60 -36.45
CA LEU C 381 -21.29 4.88 -37.14
C LEU C 381 -20.48 5.92 -36.40
N LYS C 382 -19.69 5.53 -35.41
CA LYS C 382 -18.92 6.51 -34.62
C LYS C 382 -17.44 6.54 -34.96
N LYS C 383 -16.83 5.39 -35.24
CA LYS C 383 -15.37 5.31 -35.31
C LYS C 383 -14.80 6.26 -36.36
N HIS C 384 -15.57 6.60 -37.40
CA HIS C 384 -15.02 7.42 -38.48
C HIS C 384 -14.84 8.87 -38.02
N ILE C 385 -15.60 9.31 -37.02
CA ILE C 385 -15.43 10.67 -36.51
C ILE C 385 -14.04 10.85 -35.92
N TYR C 386 -13.55 9.85 -35.21
CA TYR C 386 -12.30 9.95 -34.46
C TYR C 386 -11.15 9.24 -35.14
N GLU C 387 -11.19 9.12 -36.47
CA GLU C 387 -10.16 8.38 -37.19
C GLU C 387 -8.80 9.03 -37.02
N GLU C 388 -8.74 10.36 -37.11
CA GLU C 388 -7.46 11.04 -36.96
C GLU C 388 -7.04 11.13 -35.49
N ILE C 389 -8.00 11.20 -34.58
CA ILE C 389 -7.67 11.17 -33.15
C ILE C 389 -7.07 9.82 -32.78
N CYS C 390 -7.67 8.73 -33.26
CA CYS C 390 -7.16 7.39 -32.93
C CYS C 390 -5.82 7.15 -33.59
N SER C 391 -5.60 7.66 -34.80
CA SER C 391 -4.33 7.46 -35.45
C SER C 391 -3.21 8.18 -34.71
N GLN C 392 -3.49 9.36 -34.17
CA GLN C 392 -2.52 10.02 -33.31
C GLN C 392 -2.32 9.23 -32.02
N LEU C 393 -3.41 8.68 -31.48
CA LEU C 393 -3.33 8.01 -30.18
C LEU C 393 -2.52 6.72 -30.28
N ARG C 394 -2.61 6.00 -31.40
CA ARG C 394 -1.79 4.81 -31.58
C ARG C 394 -0.31 5.14 -31.47
N LEU C 395 0.10 6.27 -32.02
CA LEU C 395 1.50 6.67 -31.94
C LEU C 395 1.90 7.01 -30.50
N VAL C 396 1.00 7.65 -29.75
CA VAL C 396 1.32 8.04 -28.38
C VAL C 396 1.45 6.81 -27.49
N ILE C 397 0.52 5.86 -27.62
N ILE C 397 0.55 5.85 -27.64
CA ILE C 397 0.54 4.65 -26.80
CA ILE C 397 0.57 4.68 -26.77
C ILE C 397 1.79 3.83 -27.10
C ILE C 397 1.75 3.77 -27.11
N ILE C 398 2.06 3.62 -28.39
CA ILE C 398 3.19 2.78 -28.79
C ILE C 398 4.51 3.36 -28.30
N GLU C 399 4.64 4.69 -28.32
CA GLU C 399 5.88 5.33 -27.90
C GLU C 399 5.99 5.50 -26.39
N ASN C 400 4.94 5.19 -25.63
CA ASN C 400 4.95 5.33 -24.18
C ASN C 400 4.60 4.04 -23.47
N MET C 401 4.85 2.90 -24.12
N MET C 401 4.87 2.89 -24.10
CA MET C 401 4.61 1.60 -23.49
CA MET C 401 4.58 1.61 -23.48
C MET C 401 5.56 1.40 -22.33
C MET C 401 5.57 1.32 -22.37
N VAL C 402 5.04 0.89 -21.22
CA VAL C 402 5.86 0.61 -20.05
C VAL C 402 6.15 -0.88 -19.99
N ARG C 403 7.02 -1.27 -19.07
CA ARG C 403 7.60 -2.61 -19.08
C ARG C 403 6.62 -3.63 -18.50
N PRO C 404 6.26 -4.68 -19.23
CA PRO C 404 5.36 -5.70 -18.68
C PRO C 404 6.03 -6.56 -17.61
N GLU C 405 5.25 -7.47 -17.01
CA GLU C 405 5.79 -8.36 -15.98
C GLU C 405 6.96 -9.16 -16.52
N GLU C 406 6.77 -9.83 -17.66
CA GLU C 406 7.70 -10.86 -18.11
C GLU C 406 9.10 -10.33 -18.39
N VAL C 407 9.25 -9.04 -18.64
CA VAL C 407 10.55 -8.47 -18.95
C VAL C 407 11.30 -8.25 -17.64
N LEU C 408 12.29 -9.09 -17.38
CA LEU C 408 13.09 -9.01 -16.16
C LEU C 408 14.37 -8.21 -16.33
N VAL C 409 14.61 -7.66 -17.52
CA VAL C 409 15.81 -6.87 -17.80
C VAL C 409 15.42 -5.39 -17.74
N VAL C 410 16.12 -4.63 -16.90
CA VAL C 410 15.83 -3.22 -16.72
C VAL C 410 17.15 -2.45 -16.64
N GLU C 411 17.11 -1.19 -17.04
CA GLU C 411 18.30 -0.35 -17.10
C GLU C 411 18.44 0.44 -15.80
N ASN C 412 19.58 0.30 -15.14
CA ASN C 412 19.85 1.01 -13.90
C ASN C 412 19.99 2.50 -14.14
N GLU C 416 23.66 0.88 -17.77
CA GLU C 416 23.72 -0.37 -17.01
C GLU C 416 22.42 -1.15 -17.14
N ILE C 417 22.51 -2.38 -17.64
CA ILE C 417 21.36 -3.25 -17.83
C ILE C 417 21.47 -4.41 -16.85
N VAL C 418 20.71 -4.35 -15.76
CA VAL C 418 20.78 -5.34 -14.69
C VAL C 418 19.43 -6.03 -14.55
N ARG C 419 19.32 -6.96 -13.61
CA ARG C 419 18.11 -7.74 -13.41
C ARG C 419 17.15 -7.01 -12.46
N GLU C 420 15.86 -7.27 -12.67
CA GLU C 420 14.82 -6.65 -11.85
C GLU C 420 14.86 -7.22 -10.43
N PHE C 421 14.97 -6.34 -9.43
CA PHE C 421 14.89 -6.82 -8.06
C PHE C 421 13.47 -6.72 -7.50
N VAL C 422 12.81 -5.57 -7.68
CA VAL C 422 11.44 -5.39 -7.21
C VAL C 422 10.48 -5.43 -8.38
N LYS C 423 9.37 -6.13 -8.21
CA LYS C 423 8.26 -6.00 -9.14
C LYS C 423 7.61 -4.63 -8.97
N GLU C 424 7.30 -3.99 -10.09
CA GLU C 424 6.65 -2.68 -10.09
C GLU C 424 5.17 -2.90 -10.38
N SER C 425 4.37 -3.06 -9.31
CA SER C 425 2.95 -3.32 -9.50
C SER C 425 2.24 -2.15 -10.16
N ASP C 426 2.74 -0.93 -9.95
CA ASP C 426 2.14 0.22 -10.62
C ASP C 426 2.47 0.23 -12.11
N THR C 427 3.70 -0.18 -12.46
CA THR C 427 4.06 -0.25 -13.87
C THR C 427 3.30 -1.37 -14.58
N ILE C 428 3.16 -2.52 -13.93
CA ILE C 428 2.46 -3.65 -14.54
C ILE C 428 1.01 -3.28 -14.83
N GLN C 429 0.35 -2.61 -13.89
CA GLN C 429 -1.04 -2.23 -14.10
C GLN C 429 -1.18 -1.19 -15.21
N LEU C 430 -0.22 -0.27 -15.32
CA LEU C 430 -0.26 0.70 -16.42
C LEU C 430 -0.07 0.02 -17.76
N TYR C 431 0.79 -1.00 -17.82
CA TYR C 431 0.96 -1.73 -19.07
C TYR C 431 -0.33 -2.40 -19.50
N LYS C 432 -1.01 -3.07 -18.56
CA LYS C 432 -2.25 -3.75 -18.89
C LYS C 432 -3.31 -2.76 -19.34
N SER C 433 -3.32 -1.56 -18.74
CA SER C 433 -4.28 -0.55 -19.15
C SER C 433 -3.93 -0.01 -20.54
N GLU C 434 -2.64 0.08 -20.86
CA GLU C 434 -2.22 0.49 -22.19
C GLU C 434 -2.53 -0.59 -23.22
N ARG C 435 -2.36 -1.85 -22.85
CA ARG C 435 -2.67 -2.93 -23.78
C ARG C 435 -4.15 -2.98 -24.13
N GLU C 436 -5.02 -2.73 -23.15
CA GLU C 436 -6.46 -2.70 -23.39
C GLU C 436 -6.82 -1.68 -24.47
N VAL C 437 -6.29 -0.46 -24.35
CA VAL C 437 -6.63 0.58 -25.31
C VAL C 437 -5.99 0.28 -26.66
N LEU C 438 -4.75 -0.23 -26.66
CA LEU C 438 -4.07 -0.50 -27.92
C LEU C 438 -4.68 -1.69 -28.64
N VAL C 439 -5.20 -2.68 -27.91
CA VAL C 439 -5.93 -3.76 -28.53
C VAL C 439 -7.20 -3.23 -29.18
N TYR C 440 -7.89 -2.32 -28.51
CA TYR C 440 -9.07 -1.67 -29.10
C TYR C 440 -8.67 -0.85 -30.32
N LEU C 441 -7.61 -0.06 -30.21
CA LEU C 441 -7.17 0.76 -31.34
C LEU C 441 -6.75 -0.09 -32.52
N THR C 442 -6.25 -1.30 -32.26
CA THR C 442 -5.89 -2.19 -33.36
C THR C 442 -7.13 -2.69 -34.09
N HIS C 443 -8.15 -3.10 -33.34
CA HIS C 443 -9.41 -3.54 -33.95
C HIS C 443 -10.04 -2.43 -34.79
N LEU C 444 -9.89 -1.18 -34.36
CA LEU C 444 -10.53 -0.08 -35.08
C LEU C 444 -9.87 0.17 -36.43
N ASN C 445 -8.58 -0.13 -36.55
CA ASN C 445 -7.85 -0.01 -37.82
C ASN C 445 -6.57 -0.82 -37.77
N VAL C 446 -6.62 -2.09 -38.17
N VAL C 446 -6.64 -2.10 -38.14
CA VAL C 446 -5.45 -2.95 -38.05
CA VAL C 446 -5.46 -2.96 -38.09
C VAL C 446 -4.38 -2.61 -39.09
C VAL C 446 -4.37 -2.44 -39.02
N ILE C 447 -4.76 -1.95 -40.20
CA ILE C 447 -3.78 -1.56 -41.20
C ILE C 447 -2.91 -0.43 -40.68
N ASP C 448 -3.52 0.57 -40.06
CA ASP C 448 -2.75 1.70 -39.52
C ASP C 448 -1.80 1.23 -38.43
N THR C 449 -2.29 0.38 -37.52
CA THR C 449 -1.45 -0.11 -36.43
C THR C 449 -0.25 -0.88 -36.95
N GLU C 450 -0.47 -1.74 -37.95
CA GLU C 450 0.63 -2.54 -38.48
C GLU C 450 1.68 -1.67 -39.17
N GLU C 451 1.24 -0.67 -39.93
CA GLU C 451 2.20 0.20 -40.62
C GLU C 451 3.03 0.99 -39.64
N ILE C 452 2.41 1.48 -38.56
CA ILE C 452 3.15 2.23 -37.55
C ILE C 452 4.23 1.35 -36.92
N MET C 453 3.89 0.10 -36.63
CA MET C 453 4.86 -0.82 -36.03
C MET C 453 5.90 -1.28 -37.04
N ILE C 454 5.48 -1.55 -38.28
CA ILE C 454 6.41 -2.00 -39.30
C ILE C 454 7.37 -0.89 -39.69
N SER C 455 6.89 0.36 -39.73
CA SER C 455 7.76 1.48 -40.05
C SER C 455 8.78 1.71 -38.95
N LYS C 456 8.35 1.63 -37.69
CA LYS C 456 9.26 1.84 -36.57
C LYS C 456 10.29 0.72 -36.48
N LEU C 457 9.88 -0.52 -36.77
CA LEU C 457 10.84 -1.62 -36.74
C LEU C 457 11.87 -1.47 -37.85
N ALA C 458 11.47 -0.93 -38.99
CA ALA C 458 12.43 -0.69 -40.07
C ALA C 458 13.50 0.31 -39.65
N ARG C 459 13.12 1.28 -38.83
CA ARG C 459 14.06 2.30 -38.37
C ARG C 459 14.84 1.88 -37.14
N GLN C 460 14.64 0.64 -36.65
CA GLN C 460 15.58 0.02 -35.73
C GLN C 460 16.60 -0.82 -36.49
N ILE C 461 16.16 -1.47 -37.57
CA ILE C 461 17.08 -2.17 -38.46
C ILE C 461 18.04 -1.18 -39.10
N ASP C 462 17.51 -0.06 -39.59
CA ASP C 462 18.33 0.99 -40.19
C ASP C 462 19.36 1.55 -39.23
N GLY C 463 19.14 1.43 -37.93
CA GLY C 463 19.85 2.24 -36.98
C GLY C 463 19.43 3.69 -37.00
N SER C 464 18.44 4.04 -37.83
CA SER C 464 18.02 5.44 -37.96
C SER C 464 17.50 5.97 -36.63
N GLU C 465 16.77 5.15 -35.89
CA GLU C 465 16.18 5.55 -34.61
C GLU C 465 16.48 4.53 -33.53
N TRP C 466 17.66 3.91 -33.58
CA TRP C 466 17.98 2.87 -32.62
C TRP C 466 18.20 3.46 -31.24
N SER C 467 17.63 2.79 -30.23
CA SER C 467 17.92 3.02 -28.83
C SER C 467 17.24 1.93 -28.03
N TRP C 468 17.69 1.77 -26.78
CA TRP C 468 17.06 0.81 -25.89
C TRP C 468 15.59 1.15 -25.66
N HIS C 469 15.29 2.44 -25.48
CA HIS C 469 13.90 2.85 -25.24
C HIS C 469 13.03 2.55 -26.44
N ASN C 470 13.52 2.84 -27.65
CA ASN C 470 12.68 2.69 -28.84
C ASN C 470 12.47 1.25 -29.23
N ILE C 471 13.48 0.39 -29.03
CA ILE C 471 13.28 -1.02 -29.34
C ILE C 471 12.40 -1.70 -28.29
N ASN C 472 12.44 -1.21 -27.05
CA ASN C 472 11.64 -1.82 -25.99
C ASN C 472 10.16 -1.46 -26.14
N THR C 473 9.85 -0.17 -26.24
CA THR C 473 8.46 0.24 -26.37
C THR C 473 7.82 -0.38 -27.61
N LEU C 474 8.58 -0.45 -28.71
CA LEU C 474 8.06 -1.07 -29.92
C LEU C 474 7.82 -2.56 -29.71
N SER C 475 8.80 -3.26 -29.13
CA SER C 475 8.65 -4.69 -28.90
C SER C 475 7.51 -4.97 -27.92
N TRP C 476 7.37 -4.14 -26.89
CA TRP C 476 6.30 -4.33 -25.92
C TRP C 476 4.94 -4.07 -26.57
N ALA C 477 4.86 -3.07 -27.44
CA ALA C 477 3.61 -2.78 -28.13
C ALA C 477 3.24 -3.92 -29.08
N ILE C 478 4.24 -4.54 -29.72
CA ILE C 478 3.97 -5.61 -30.66
C ILE C 478 3.37 -6.82 -29.95
N GLY C 479 3.90 -7.15 -28.77
CA GLY C 479 3.38 -8.29 -28.04
C GLY C 479 2.03 -8.03 -27.40
N SER C 480 1.72 -6.77 -27.10
CA SER C 480 0.48 -6.45 -26.40
C SER C 480 -0.74 -6.65 -27.29
N ILE C 481 -0.60 -6.49 -28.60
CA ILE C 481 -1.73 -6.55 -29.51
C ILE C 481 -1.98 -7.97 -29.99
N SER C 482 -1.37 -8.94 -29.31
CA SER C 482 -1.53 -10.34 -29.67
C SER C 482 -3.01 -10.73 -29.64
N GLY C 483 -3.47 -11.33 -30.72
CA GLY C 483 -4.86 -11.76 -30.82
C GLY C 483 -5.78 -10.81 -31.56
N THR C 484 -5.28 -9.66 -31.99
CA THR C 484 -6.10 -8.67 -32.68
C THR C 484 -6.04 -8.81 -34.20
N MET C 485 -5.07 -9.55 -34.73
CA MET C 485 -4.92 -9.74 -36.16
C MET C 485 -5.49 -11.10 -36.58
N SER C 486 -5.68 -11.25 -37.88
CA SER C 486 -6.05 -12.53 -38.46
C SER C 486 -4.83 -13.44 -38.51
N GLU C 487 -5.08 -14.75 -38.44
CA GLU C 487 -3.97 -15.71 -38.43
C GLU C 487 -3.06 -15.52 -39.63
N ASP C 488 -3.64 -15.21 -40.79
CA ASP C 488 -2.82 -14.94 -41.97
C ASP C 488 -2.03 -13.65 -41.81
N THR C 489 -2.71 -12.55 -41.49
CA THR C 489 -2.01 -11.29 -41.28
C THR C 489 -1.03 -11.39 -40.11
N GLU C 490 -1.41 -12.12 -39.06
CA GLU C 490 -0.51 -12.32 -37.93
C GLU C 490 0.70 -13.16 -38.33
N LYS C 491 0.48 -14.19 -39.17
CA LYS C 491 1.59 -15.01 -39.65
C LYS C 491 2.64 -14.15 -40.33
N ARG C 492 2.24 -13.38 -41.33
CA ARG C 492 3.18 -12.51 -42.02
C ARG C 492 3.76 -11.46 -41.08
N PHE C 493 3.01 -11.07 -40.05
CA PHE C 493 3.45 -10.00 -39.17
C PHE C 493 4.55 -10.48 -38.22
N VAL C 494 4.32 -11.58 -37.51
CA VAL C 494 5.28 -12.00 -36.50
C VAL C 494 6.51 -12.65 -37.12
N VAL C 495 6.37 -13.29 -38.29
CA VAL C 495 7.54 -13.83 -38.99
C VAL C 495 8.52 -12.71 -39.29
N THR C 496 8.00 -11.58 -39.77
CA THR C 496 8.81 -10.39 -39.99
C THR C 496 9.50 -9.95 -38.70
N VAL C 497 8.68 -9.54 -37.72
CA VAL C 497 9.19 -9.01 -36.45
C VAL C 497 10.25 -9.92 -35.86
N ILE C 498 9.99 -11.23 -35.83
CA ILE C 498 10.92 -12.16 -35.21
C ILE C 498 12.22 -12.23 -36.01
N LYS C 499 12.11 -12.29 -37.34
CA LYS C 499 13.32 -12.37 -38.17
C LYS C 499 14.20 -11.14 -37.98
N ASP C 500 13.58 -9.96 -37.98
CA ASP C 500 14.33 -8.72 -37.81
C ASP C 500 14.93 -8.61 -36.42
N LEU C 501 14.19 -9.08 -35.41
CA LEU C 501 14.71 -9.04 -34.04
C LEU C 501 15.91 -9.96 -33.87
N LEU C 502 15.84 -11.16 -34.45
CA LEU C 502 17.00 -12.05 -34.43
C LEU C 502 18.17 -11.42 -35.15
N GLY C 503 17.92 -10.80 -36.30
CA GLY C 503 18.98 -10.10 -37.00
C GLY C 503 19.55 -8.94 -36.20
N LEU C 504 18.72 -8.32 -35.36
CA LEU C 504 19.22 -7.25 -34.50
C LEU C 504 20.17 -7.79 -33.43
N CYS C 505 19.87 -8.97 -32.89
CA CYS C 505 20.70 -9.53 -31.82
C CYS C 505 22.04 -9.99 -32.36
N GLU C 506 22.04 -10.74 -33.47
CA GLU C 506 23.29 -11.22 -34.04
C GLU C 506 24.17 -10.09 -34.54
N GLN C 507 23.58 -8.93 -34.84
CA GLN C 507 24.37 -7.79 -35.31
C GLN C 507 25.09 -7.11 -34.16
N LYS C 508 24.34 -6.56 -33.21
CA LYS C 508 24.93 -5.72 -32.19
C LYS C 508 25.54 -6.55 -31.08
N ARG C 509 26.82 -6.35 -30.83
CA ARG C 509 27.55 -7.06 -29.79
C ARG C 509 27.64 -6.19 -28.55
N GLY C 510 27.61 -6.84 -27.39
CA GLY C 510 27.64 -6.14 -26.13
C GLY C 510 26.87 -6.87 -25.05
N LYS C 511 27.42 -6.90 -23.84
CA LYS C 511 26.75 -7.55 -22.73
C LYS C 511 25.37 -6.96 -22.51
N ASP C 512 25.22 -5.64 -22.71
CA ASP C 512 23.94 -4.97 -22.49
C ASP C 512 23.05 -5.06 -23.71
N ASN C 513 23.57 -4.72 -24.89
CA ASN C 513 22.75 -4.68 -26.10
C ASN C 513 22.15 -6.03 -26.42
N LYS C 514 22.97 -7.08 -26.43
CA LYS C 514 22.47 -8.42 -26.72
C LYS C 514 21.48 -8.90 -25.67
N ALA C 515 21.52 -8.34 -24.46
CA ALA C 515 20.55 -8.69 -23.44
C ALA C 515 19.23 -7.94 -23.59
N VAL C 516 19.28 -6.72 -24.13
CA VAL C 516 18.06 -5.97 -24.37
C VAL C 516 17.25 -6.61 -25.49
N VAL C 517 17.91 -6.97 -26.59
CA VAL C 517 17.21 -7.59 -27.70
C VAL C 517 16.74 -8.98 -27.33
N ALA C 518 17.46 -9.66 -26.44
CA ALA C 518 17.04 -10.99 -26.01
C ALA C 518 15.70 -10.92 -25.28
N SER C 519 15.57 -9.96 -24.36
CA SER C 519 14.31 -9.82 -23.62
C SER C 519 13.17 -9.39 -24.52
N ASP C 520 13.46 -8.61 -25.56
CA ASP C 520 12.41 -8.20 -26.49
C ASP C 520 11.98 -9.37 -27.37
N ILE C 521 12.94 -10.18 -27.85
CA ILE C 521 12.59 -11.39 -28.57
C ILE C 521 11.76 -12.31 -27.70
N MET C 522 12.15 -12.47 -26.43
CA MET C 522 11.46 -13.41 -25.55
C MET C 522 10.06 -12.93 -25.19
N TYR C 523 9.85 -11.61 -25.10
CA TYR C 523 8.51 -11.14 -24.78
C TYR C 523 7.57 -11.30 -25.97
N VAL C 524 8.05 -10.99 -27.18
CA VAL C 524 7.20 -11.07 -28.36
C VAL C 524 6.78 -12.52 -28.61
N VAL C 525 7.74 -13.44 -28.59
N VAL C 525 7.75 -13.44 -28.58
CA VAL C 525 7.43 -14.83 -28.91
CA VAL C 525 7.47 -14.83 -28.91
C VAL C 525 6.55 -15.45 -27.84
C VAL C 525 6.58 -15.47 -27.84
N GLY C 526 6.72 -15.05 -26.58
CA GLY C 526 5.87 -15.59 -25.53
C GLY C 526 4.43 -15.17 -25.63
N GLN C 527 4.17 -14.06 -26.33
CA GLN C 527 2.83 -13.51 -26.45
C GLN C 527 2.07 -14.05 -27.65
N TYR C 528 2.72 -14.79 -28.54
CA TYR C 528 2.09 -15.33 -29.75
C TYR C 528 2.19 -16.85 -29.76
N PRO C 529 1.48 -17.54 -28.84
CA PRO C 529 1.50 -19.00 -28.89
C PRO C 529 0.68 -19.58 -30.02
N ARG C 530 -0.41 -18.91 -30.42
CA ARG C 530 -1.21 -19.40 -31.55
C ARG C 530 -0.35 -19.54 -32.80
N PHE C 531 0.50 -18.56 -33.06
CA PHE C 531 1.41 -18.69 -34.20
C PHE C 531 2.40 -19.82 -33.99
N LEU C 532 2.88 -20.00 -32.76
CA LEU C 532 3.88 -21.02 -32.50
C LEU C 532 3.29 -22.43 -32.63
N LYS C 533 2.01 -22.59 -32.31
CA LYS C 533 1.39 -23.92 -32.41
C LYS C 533 1.37 -24.39 -33.86
N ALA C 534 0.98 -23.51 -34.78
CA ALA C 534 0.77 -23.89 -36.17
C ALA C 534 2.05 -23.87 -37.00
N HIS C 535 3.20 -23.70 -36.37
CA HIS C 535 4.48 -23.65 -37.11
C HIS C 535 5.53 -24.32 -36.22
N TRP C 536 5.67 -25.63 -36.37
CA TRP C 536 6.58 -26.37 -35.49
C TRP C 536 8.03 -25.92 -35.70
N ASN C 537 8.42 -25.67 -36.96
CA ASN C 537 9.79 -25.23 -37.23
C ASN C 537 10.12 -23.96 -36.46
N PHE C 538 9.19 -23.00 -36.42
CA PHE C 538 9.38 -21.80 -35.63
C PHE C 538 9.46 -22.13 -34.15
N LEU C 539 8.49 -22.88 -33.64
CA LEU C 539 8.46 -23.23 -32.23
C LEU C 539 9.75 -23.92 -31.79
N ARG C 540 10.25 -24.85 -32.61
CA ARG C 540 11.49 -25.54 -32.27
C ARG C 540 12.67 -24.59 -32.29
N THR C 541 12.76 -23.73 -33.31
CA THR C 541 13.84 -22.75 -33.36
C THR C 541 13.73 -21.77 -32.20
N VAL C 542 12.51 -21.42 -31.80
CA VAL C 542 12.31 -20.55 -30.65
C VAL C 542 12.84 -21.21 -29.38
N ILE C 543 12.40 -22.46 -29.13
CA ILE C 543 12.79 -23.16 -27.92
C ILE C 543 14.30 -23.29 -27.84
N LEU C 544 14.95 -23.59 -28.96
CA LEU C 544 16.41 -23.73 -28.96
C LEU C 544 17.09 -22.40 -28.68
N LYS C 545 16.54 -21.29 -29.18
CA LYS C 545 17.10 -19.99 -28.87
C LYS C 545 16.95 -19.66 -27.39
N LEU C 546 15.81 -20.06 -26.79
CA LEU C 546 15.67 -19.93 -25.35
C LEU C 546 16.75 -20.72 -24.62
N PHE C 547 17.04 -21.93 -25.11
CA PHE C 547 18.13 -22.71 -24.53
C PHE C 547 19.47 -22.04 -24.75
N GLU C 548 19.62 -21.32 -25.87
CA GLU C 548 20.84 -20.55 -26.11
C GLU C 548 20.96 -19.40 -25.11
N PHE C 549 19.82 -18.79 -24.76
CA PHE C 549 19.82 -17.72 -23.76
C PHE C 549 20.06 -18.25 -22.36
N MET C 550 19.74 -19.52 -22.10
CA MET C 550 20.00 -20.11 -20.78
C MET C 550 21.48 -20.26 -20.49
N HIS C 551 22.36 -19.95 -21.44
CA HIS C 551 23.80 -19.98 -21.22
C HIS C 551 24.42 -18.59 -21.22
N GLU C 552 23.61 -17.54 -21.35
CA GLU C 552 24.15 -16.19 -21.30
C GLU C 552 24.61 -15.85 -19.89
N THR C 553 25.54 -14.90 -19.81
CA THR C 553 26.11 -14.54 -18.51
C THR C 553 25.11 -13.78 -17.65
N HIS C 554 24.22 -13.00 -18.27
CA HIS C 554 23.27 -12.17 -17.53
C HIS C 554 22.16 -13.05 -16.96
N GLU C 555 22.02 -13.06 -15.64
CA GLU C 555 21.01 -13.90 -14.99
C GLU C 555 19.60 -13.53 -15.43
N GLY C 556 19.36 -12.25 -15.73
CA GLY C 556 18.04 -11.83 -16.16
C GLY C 556 17.63 -12.48 -17.48
N VAL C 557 18.58 -12.59 -18.42
CA VAL C 557 18.29 -13.28 -19.67
C VAL C 557 18.03 -14.76 -19.41
N GLN C 558 18.82 -15.37 -18.52
CA GLN C 558 18.56 -16.76 -18.13
C GLN C 558 17.20 -16.88 -17.46
N ASP C 559 16.93 -16.02 -16.48
CA ASP C 559 15.68 -16.07 -15.73
C ASP C 559 14.49 -15.95 -16.67
N MET C 560 14.54 -14.98 -17.60
CA MET C 560 13.43 -14.78 -18.51
C MET C 560 13.29 -15.93 -19.51
N ALA C 561 14.42 -16.53 -19.91
CA ALA C 561 14.34 -17.67 -20.82
C ALA C 561 13.60 -18.84 -20.17
N CYS C 562 13.82 -19.06 -18.87
CA CYS C 562 13.09 -20.10 -18.17
C CYS C 562 11.62 -19.76 -18.04
N ASP C 563 11.31 -18.49 -17.77
CA ASP C 563 9.91 -18.07 -17.63
C ASP C 563 9.20 -18.05 -18.99
N THR C 564 9.91 -17.65 -20.04
CA THR C 564 9.32 -17.74 -21.38
C THR C 564 9.13 -19.19 -21.79
N PHE C 565 10.03 -20.06 -21.37
CA PHE C 565 9.87 -21.49 -21.61
C PHE C 565 8.57 -22.01 -21.02
N ILE C 566 8.31 -21.68 -19.76
CA ILE C 566 7.07 -22.12 -19.11
C ILE C 566 5.86 -21.50 -19.79
N LYS C 567 5.98 -20.23 -20.20
CA LYS C 567 4.83 -19.53 -20.79
C LYS C 567 4.45 -20.13 -22.14
N ILE C 568 5.44 -20.42 -22.99
CA ILE C 568 5.17 -21.08 -24.27
C ILE C 568 4.61 -22.48 -24.02
N VAL C 569 5.22 -23.23 -23.10
CA VAL C 569 4.88 -24.63 -22.92
C VAL C 569 3.48 -24.78 -22.32
N GLN C 570 3.05 -23.84 -21.49
CA GLN C 570 1.70 -23.91 -20.95
C GLN C 570 0.64 -23.87 -22.04
N LYS C 571 0.95 -23.33 -23.21
CA LYS C 571 0.02 -23.25 -24.32
C LYS C 571 0.32 -24.22 -25.45
N CYS C 572 1.59 -24.59 -25.66
CA CYS C 572 1.98 -25.39 -26.81
C CYS C 572 2.53 -26.76 -26.39
N LYS C 573 2.14 -27.26 -25.22
CA LYS C 573 2.71 -28.51 -24.72
C LYS C 573 2.39 -29.69 -25.62
N TYR C 574 1.28 -29.63 -26.36
CA TYR C 574 0.91 -30.73 -27.23
C TYR C 574 1.95 -30.99 -28.30
N HIS C 575 2.66 -29.96 -28.76
CA HIS C 575 3.61 -30.11 -29.85
C HIS C 575 4.98 -30.60 -29.37
N PHE C 576 5.18 -30.79 -28.07
CA PHE C 576 6.41 -31.34 -27.53
C PHE C 576 6.31 -32.83 -27.22
N VAL C 577 5.10 -33.37 -27.13
CA VAL C 577 4.89 -34.75 -26.72
C VAL C 577 4.68 -35.70 -27.90
N ILE C 578 4.13 -35.23 -29.03
CA ILE C 578 3.93 -36.09 -30.18
C ILE C 578 5.22 -36.16 -31.00
N GLN C 579 5.29 -37.17 -31.87
CA GLN C 579 6.37 -37.25 -32.85
C GLN C 579 6.05 -36.30 -34.00
N GLN C 580 6.82 -35.22 -34.12
CA GLN C 580 6.60 -34.28 -35.19
C GLN C 580 7.04 -34.89 -36.52
N PRO C 581 6.41 -34.49 -37.63
CA PRO C 581 6.92 -34.88 -38.94
C PRO C 581 8.35 -34.38 -39.12
N ARG C 582 9.15 -35.18 -39.82
CA ARG C 582 10.57 -34.89 -40.03
C ARG C 582 11.34 -34.82 -38.72
N GLU C 583 10.97 -35.67 -37.77
CA GLU C 583 11.63 -35.71 -36.47
C GLU C 583 11.81 -37.14 -36.01
N SER C 584 12.85 -37.35 -35.21
CA SER C 584 13.21 -38.69 -34.78
C SER C 584 12.41 -39.16 -33.56
N GLU C 585 11.92 -38.24 -32.76
CA GLU C 585 11.31 -38.58 -31.47
C GLU C 585 10.52 -37.37 -30.98
N PRO C 586 9.63 -37.57 -30.01
CA PRO C 586 8.99 -36.43 -29.36
C PRO C 586 10.03 -35.48 -28.78
N PHE C 587 9.80 -34.18 -28.98
CA PHE C 587 10.76 -33.17 -28.55
C PHE C 587 10.98 -33.20 -27.04
N ILE C 588 10.00 -33.68 -26.27
CA ILE C 588 10.20 -33.80 -24.83
C ILE C 588 11.32 -34.79 -24.54
N GLN C 589 11.39 -35.88 -25.31
CA GLN C 589 12.44 -36.88 -25.10
C GLN C 589 13.81 -36.28 -25.36
N THR C 590 13.92 -35.40 -26.36
CA THR C 590 15.19 -34.74 -26.63
C THR C 590 15.57 -33.80 -25.50
N ILE C 591 14.60 -33.02 -25.00
CA ILE C 591 14.88 -32.07 -23.93
C ILE C 591 15.34 -32.80 -22.67
N ILE C 592 14.65 -33.89 -22.32
CA ILE C 592 14.98 -34.63 -21.11
C ILE C 592 16.40 -35.19 -21.18
N ARG C 593 16.87 -35.57 -22.36
CA ARG C 593 18.20 -36.17 -22.47
C ARG C 593 19.29 -35.12 -22.29
N ASP C 594 19.15 -33.96 -22.92
CA ASP C 594 20.12 -32.88 -22.80
C ASP C 594 19.91 -32.03 -21.55
N ILE C 595 19.11 -32.49 -20.60
CA ILE C 595 18.71 -31.65 -19.48
C ILE C 595 19.91 -31.27 -18.62
N GLN C 596 20.97 -32.07 -18.64
CA GLN C 596 22.18 -31.72 -17.90
C GLN C 596 23.01 -30.70 -18.66
N LYS C 597 22.98 -30.75 -19.99
CA LYS C 597 23.72 -29.78 -20.79
C LYS C 597 22.95 -28.47 -20.94
N THR C 598 21.63 -28.53 -21.08
CA THR C 598 20.85 -27.31 -21.25
C THR C 598 20.88 -26.44 -20.00
N THR C 599 20.74 -27.06 -18.82
CA THR C 599 20.69 -26.34 -17.56
C THR C 599 22.05 -26.28 -16.87
N ALA C 600 23.14 -26.45 -17.61
CA ALA C 600 24.46 -26.52 -16.99
C ALA C 600 24.84 -25.20 -16.32
N ASP C 601 24.46 -24.07 -16.92
CA ASP C 601 24.84 -22.77 -16.39
C ASP C 601 23.73 -22.10 -15.59
N LEU C 602 22.60 -22.77 -15.40
CA LEU C 602 21.51 -22.19 -14.62
C LEU C 602 21.76 -22.38 -13.13
N GLN C 603 21.28 -21.43 -12.35
CA GLN C 603 21.33 -21.55 -10.89
C GLN C 603 20.18 -22.43 -10.41
N PRO C 604 20.27 -22.95 -9.18
CA PRO C 604 19.28 -23.95 -8.73
C PRO C 604 17.83 -23.57 -8.97
N GLN C 605 17.38 -22.40 -8.51
CA GLN C 605 15.96 -22.09 -8.63
C GLN C 605 15.50 -21.86 -10.06
N GLN C 606 16.43 -21.73 -11.00
CA GLN C 606 16.07 -21.70 -12.42
C GLN C 606 16.10 -23.08 -13.05
N VAL C 607 16.88 -24.01 -12.49
CA VAL C 607 16.82 -25.40 -12.94
C VAL C 607 15.47 -26.01 -12.55
N HIS C 608 14.98 -25.69 -11.36
CA HIS C 608 13.68 -26.20 -10.93
C HIS C 608 12.57 -25.65 -11.80
N THR C 609 12.68 -24.38 -12.21
CA THR C 609 11.72 -23.82 -13.16
C THR C 609 11.74 -24.58 -14.48
N PHE C 610 12.93 -25.00 -14.91
CA PHE C 610 13.04 -25.82 -16.12
C PHE C 610 12.29 -27.14 -15.94
N TYR C 611 12.51 -27.81 -14.80
CA TYR C 611 11.86 -29.09 -14.55
C TYR C 611 10.35 -28.95 -14.46
N LYS C 612 9.87 -27.84 -13.90
CA LYS C 612 8.43 -27.61 -13.85
C LYS C 612 7.85 -27.42 -15.24
N ALA C 613 8.61 -26.79 -16.14
CA ALA C 613 8.18 -26.67 -17.53
C ALA C 613 8.10 -28.04 -18.19
N CYS C 614 9.08 -28.91 -17.90
CA CYS C 614 9.03 -30.27 -18.44
C CYS C 614 7.80 -31.02 -17.91
N GLY C 615 7.45 -30.80 -16.64
CA GLY C 615 6.29 -31.46 -16.08
C GLY C 615 4.99 -31.03 -16.74
N ILE C 616 4.93 -29.79 -17.23
CA ILE C 616 3.75 -29.33 -17.95
C ILE C 616 3.58 -30.12 -19.24
N ILE C 617 4.68 -30.34 -19.96
CA ILE C 617 4.62 -31.13 -21.19
C ILE C 617 4.20 -32.56 -20.88
N ILE C 618 4.86 -33.17 -19.88
CA ILE C 618 4.63 -34.59 -19.59
C ILE C 618 3.18 -34.83 -19.22
N SER C 619 2.58 -33.93 -18.45
CA SER C 619 1.18 -34.08 -18.05
C SER C 619 0.22 -33.97 -19.23
N GLU C 620 0.68 -33.54 -20.41
CA GLU C 620 -0.16 -33.59 -21.59
C GLU C 620 -0.39 -35.03 -22.04
N GLU C 621 0.58 -35.91 -21.83
CA GLU C 621 0.44 -37.31 -22.19
C GLU C 621 -0.59 -37.98 -21.29
N ARG C 622 -1.63 -38.55 -21.89
CA ARG C 622 -2.69 -39.19 -21.13
C ARG C 622 -2.52 -40.69 -20.99
N SER C 623 -1.70 -41.32 -21.83
CA SER C 623 -1.37 -42.73 -21.63
C SER C 623 -0.59 -42.86 -20.33
N VAL C 624 -1.14 -43.62 -19.38
CA VAL C 624 -0.58 -43.70 -18.03
C VAL C 624 0.85 -44.22 -18.08
N ALA C 625 1.05 -45.36 -18.77
CA ALA C 625 2.37 -45.99 -18.80
C ALA C 625 3.41 -45.06 -19.42
N GLU C 626 3.09 -44.45 -20.56
CA GLU C 626 4.05 -43.55 -21.20
C GLU C 626 4.33 -42.33 -20.33
N ARG C 627 3.31 -41.79 -19.67
CA ARG C 627 3.52 -40.62 -18.81
C ARG C 627 4.36 -40.98 -17.59
N ASN C 628 4.06 -42.12 -16.95
CA ASN C 628 4.85 -42.55 -15.81
C ASN C 628 6.30 -42.82 -16.20
N ARG C 629 6.52 -43.20 -17.47
CA ARG C 629 7.89 -43.37 -17.95
C ARG C 629 8.55 -42.03 -18.25
N LEU C 630 7.83 -41.13 -18.91
CA LEU C 630 8.34 -39.78 -19.13
C LEU C 630 8.67 -39.11 -17.81
N LEU C 631 7.84 -39.33 -16.79
CA LEU C 631 8.13 -38.79 -15.45
C LEU C 631 9.43 -39.37 -14.90
N SER C 632 9.63 -40.68 -15.05
CA SER C 632 10.85 -41.29 -14.56
C SER C 632 12.07 -40.79 -15.31
N ASP C 633 11.97 -40.69 -16.65
CA ASP C 633 13.08 -40.17 -17.43
C ASP C 633 13.45 -38.76 -17.00
N LEU C 634 12.47 -37.98 -16.55
CA LEU C 634 12.74 -36.61 -16.12
C LEU C 634 13.47 -36.57 -14.79
N MET C 635 13.07 -37.44 -13.85
CA MET C 635 13.56 -37.38 -12.49
C MET C 635 14.84 -38.19 -12.28
N GLN C 636 15.50 -38.64 -13.35
CA GLN C 636 16.65 -39.52 -13.20
C GLN C 636 17.78 -38.85 -12.42
N LEU C 637 18.18 -37.65 -12.84
CA LEU C 637 19.27 -36.96 -12.16
C LEU C 637 18.96 -36.66 -10.70
N PRO C 638 17.78 -36.13 -10.33
CA PRO C 638 17.50 -35.99 -8.90
C PRO C 638 17.27 -37.31 -8.19
N ASN C 639 16.75 -38.33 -8.87
CA ASN C 639 16.60 -39.63 -8.22
C ASN C 639 17.96 -40.33 -8.05
N MET C 640 18.85 -40.19 -9.03
CA MET C 640 20.19 -40.73 -8.89
C MET C 640 20.89 -40.12 -7.68
N ALA C 641 20.89 -38.79 -7.59
CA ALA C 641 21.49 -38.12 -6.43
C ALA C 641 20.72 -38.44 -5.16
N TRP C 642 19.40 -38.62 -5.25
CA TRP C 642 18.63 -39.00 -4.08
C TRP C 642 19.02 -40.38 -3.58
N ASP C 643 19.15 -41.35 -4.50
CA ASP C 643 19.53 -42.70 -4.11
C ASP C 643 20.89 -42.71 -3.44
N THR C 644 21.83 -41.92 -3.95
CA THR C 644 23.16 -41.84 -3.35
C THR C 644 23.08 -41.34 -1.91
N ILE C 645 22.47 -40.17 -1.71
CA ILE C 645 22.45 -39.50 -0.41
C ILE C 645 21.47 -40.18 0.53
N VAL C 646 20.79 -41.23 0.07
CA VAL C 646 19.98 -42.07 0.94
C VAL C 646 20.74 -43.31 1.38
N GLU C 647 21.46 -43.94 0.45
CA GLU C 647 22.30 -45.08 0.79
C GLU C 647 23.28 -44.73 1.91
N GLN C 648 24.19 -43.79 1.65
CA GLN C 648 25.18 -43.39 2.63
C GLN C 648 24.71 -42.19 3.46
N SER C 649 23.48 -42.29 3.96
CA SER C 649 23.00 -41.43 5.03
C SER C 649 22.17 -42.18 6.07
N THR C 650 21.42 -43.21 5.70
CA THR C 650 20.94 -44.16 6.69
C THR C 650 22.10 -44.81 7.40
N ALA C 651 23.10 -45.27 6.63
CA ALA C 651 24.42 -45.54 7.16
C ALA C 651 25.21 -44.23 7.17
N ASN C 652 26.04 -44.06 8.20
CA ASN C 652 26.79 -42.82 8.41
C ASN C 652 25.82 -41.66 8.65
N PRO C 653 25.03 -41.71 9.74
CA PRO C 653 24.01 -40.67 9.94
C PRO C 653 24.56 -39.30 10.25
N THR C 654 25.87 -39.17 10.50
CA THR C 654 26.44 -37.84 10.71
C THR C 654 26.49 -37.05 9.42
N LEU C 655 26.73 -37.73 8.29
CA LEU C 655 26.92 -37.14 6.96
C LEU C 655 26.09 -35.88 6.71
N LEU C 656 24.90 -35.82 7.32
CA LEU C 656 24.04 -34.65 7.24
C LEU C 656 24.67 -33.43 7.91
N LEU C 657 25.86 -33.59 8.50
CA LEU C 657 26.59 -32.43 8.97
C LEU C 657 27.01 -31.54 7.81
N ASP C 658 27.42 -32.15 6.70
CA ASP C 658 28.02 -31.43 5.58
C ASP C 658 27.05 -30.41 5.03
N SER C 659 27.48 -29.14 5.04
CA SER C 659 26.65 -28.08 4.48
C SER C 659 26.37 -28.31 3.01
N GLU C 660 27.36 -28.81 2.27
CA GLU C 660 27.17 -29.07 0.85
C GLU C 660 26.17 -30.20 0.62
N THR C 661 26.09 -31.17 1.53
CA THR C 661 25.08 -32.22 1.41
C THR C 661 23.69 -31.67 1.69
N VAL C 662 23.58 -30.71 2.62
CA VAL C 662 22.28 -30.10 2.89
C VAL C 662 21.77 -29.37 1.66
N LYS C 663 22.67 -28.64 0.97
CA LYS C 663 22.26 -27.91 -0.23
C LYS C 663 21.83 -28.86 -1.33
N ILE C 664 22.50 -30.01 -1.44
CA ILE C 664 22.13 -30.99 -2.45
C ILE C 664 20.76 -31.59 -2.14
N ILE C 665 20.52 -31.91 -0.86
CA ILE C 665 19.25 -32.50 -0.47
C ILE C 665 18.10 -31.52 -0.71
N ALA C 666 18.30 -30.25 -0.33
CA ALA C 666 17.24 -29.27 -0.50
C ALA C 666 16.90 -29.06 -1.96
N ASN C 667 17.92 -28.98 -2.83
CA ASN C 667 17.67 -28.80 -4.25
C ASN C 667 16.98 -30.01 -4.86
N ILE C 668 17.24 -31.21 -4.34
CA ILE C 668 16.56 -32.40 -4.83
C ILE C 668 15.07 -32.33 -4.51
N ILE C 669 14.74 -31.98 -3.27
CA ILE C 669 13.34 -31.85 -2.88
CA ILE C 669 13.33 -31.86 -2.90
C ILE C 669 12.71 -30.65 -3.57
N LYS C 670 13.49 -29.58 -3.80
CA LYS C 670 12.97 -28.44 -4.54
C LYS C 670 12.60 -28.83 -5.96
N THR C 671 13.39 -29.71 -6.58
CA THR C 671 13.05 -30.18 -7.92
C THR C 671 11.79 -31.04 -7.90
N ASN C 672 11.59 -31.81 -6.83
CA ASN C 672 10.37 -32.60 -6.71
C ASN C 672 9.16 -31.71 -6.47
N VAL C 673 9.34 -30.62 -5.72
CA VAL C 673 8.25 -29.65 -5.54
C VAL C 673 7.90 -29.00 -6.87
N ALA C 674 8.92 -28.62 -7.64
CA ALA C 674 8.70 -27.94 -8.90
C ALA C 674 7.91 -28.81 -9.88
N VAL C 675 8.29 -30.07 -10.01
CA VAL C 675 7.60 -30.96 -10.94
C VAL C 675 6.20 -31.27 -10.42
N CYS C 676 6.06 -31.48 -9.11
CA CYS C 676 4.75 -31.80 -8.55
C CYS C 676 3.78 -30.64 -8.68
N THR C 677 4.30 -29.42 -8.73
CA THR C 677 3.43 -28.25 -8.87
C THR C 677 2.66 -28.29 -10.19
N SER C 678 3.35 -28.62 -11.27
CA SER C 678 2.72 -28.60 -12.59
C SER C 678 1.97 -29.89 -12.89
N MET C 679 2.45 -31.02 -12.40
CA MET C 679 1.80 -32.29 -12.72
C MET C 679 0.66 -32.63 -11.77
N GLY C 680 0.76 -32.24 -10.51
CA GLY C 680 -0.27 -32.52 -9.53
C GLY C 680 -0.53 -33.99 -9.26
N ALA C 681 -1.75 -34.44 -9.58
CA ALA C 681 -2.11 -35.83 -9.31
C ALA C 681 -1.29 -36.82 -10.12
N ASP C 682 -0.74 -36.39 -11.26
CA ASP C 682 0.09 -37.28 -12.06
C ASP C 682 1.49 -37.47 -11.49
N PHE C 683 1.77 -36.90 -10.33
CA PHE C 683 3.08 -37.01 -9.68
C PHE C 683 3.16 -38.16 -8.70
N TYR C 684 2.07 -38.88 -8.47
CA TYR C 684 2.05 -39.92 -7.44
C TYR C 684 3.12 -40.99 -7.62
N PRO C 685 3.39 -41.52 -8.82
CA PRO C 685 4.47 -42.52 -8.93
C PRO C 685 5.81 -42.02 -8.42
N GLN C 686 6.18 -40.78 -8.75
CA GLN C 686 7.46 -40.25 -8.30
C GLN C 686 7.45 -39.96 -6.80
N LEU C 687 6.31 -39.55 -6.25
CA LEU C 687 6.22 -39.34 -4.81
C LEU C 687 6.41 -40.65 -4.06
N GLY C 688 5.81 -41.73 -4.56
CA GLY C 688 5.95 -43.03 -3.91
C GLY C 688 7.37 -43.56 -3.95
N HIS C 689 8.15 -43.18 -4.96
CA HIS C 689 9.52 -43.64 -5.07
C HIS C 689 10.41 -43.10 -3.96
N ILE C 690 10.03 -41.97 -3.34
CA ILE C 690 10.87 -41.32 -2.35
C ILE C 690 10.14 -41.11 -1.02
N TYR C 691 8.86 -41.46 -0.91
CA TYR C 691 8.07 -41.01 0.22
C TYR C 691 8.59 -41.56 1.55
N TYR C 692 8.72 -42.88 1.65
CA TYR C 692 9.09 -43.49 2.92
C TYR C 692 10.51 -43.11 3.35
N ASN C 693 11.41 -42.95 2.38
CA ASN C 693 12.76 -42.49 2.72
C ASN C 693 12.76 -41.01 3.08
N MET C 694 11.93 -40.22 2.39
CA MET C 694 11.87 -38.79 2.67
C MET C 694 11.43 -38.51 4.09
N LEU C 695 10.45 -39.25 4.59
CA LEU C 695 9.98 -39.04 5.96
C LEU C 695 11.01 -39.48 6.98
N GLN C 696 11.83 -40.47 6.66
CA GLN C 696 12.94 -40.83 7.56
C GLN C 696 13.98 -39.72 7.58
N LEU C 697 14.34 -39.19 6.41
CA LEU C 697 15.22 -38.03 6.35
C LEU C 697 14.64 -36.88 7.17
N TYR C 698 13.33 -36.65 7.07
CA TYR C 698 12.68 -35.65 7.91
C TYR C 698 12.94 -35.92 9.39
N ARG C 699 12.87 -37.19 9.79
CA ARG C 699 13.17 -37.53 11.18
C ARG C 699 14.66 -37.35 11.48
N ALA C 700 15.52 -37.74 10.53
CA ALA C 700 16.95 -37.59 10.74
C ALA C 700 17.34 -36.13 10.87
N VAL C 701 16.83 -35.28 9.97
N VAL C 701 16.83 -35.29 9.96
CA VAL C 701 17.18 -33.86 10.06
CA VAL C 701 17.12 -33.86 10.02
C VAL C 701 16.53 -33.22 11.27
C VAL C 701 16.55 -33.25 11.29
N SER C 702 15.39 -33.75 11.74
CA SER C 702 14.76 -33.19 12.93
C SER C 702 15.61 -33.42 14.17
N SER C 703 16.23 -34.60 14.29
CA SER C 703 17.02 -34.90 15.48
C SER C 703 18.26 -34.02 15.55
N MET C 704 18.92 -33.81 14.42
CA MET C 704 20.11 -32.93 14.42
C MET C 704 19.74 -31.53 14.84
N ILE C 705 18.61 -31.03 14.36
CA ILE C 705 18.16 -29.68 14.73
C ILE C 705 18.00 -29.58 16.23
N SER C 706 17.30 -30.55 16.84
CA SER C 706 17.17 -30.56 18.29
C SER C 706 18.51 -30.76 18.98
N ALA C 707 19.42 -31.51 18.35
CA ALA C 707 20.74 -31.70 18.94
C ALA C 707 21.53 -30.39 18.95
N GLN C 708 21.48 -29.63 17.85
CA GLN C 708 22.22 -28.39 17.78
C GLN C 708 21.69 -27.37 18.78
N VAL C 709 20.36 -27.32 18.96
CA VAL C 709 19.78 -26.37 19.89
C VAL C 709 20.16 -26.71 21.33
N ALA C 710 20.28 -28.00 21.65
CA ALA C 710 20.73 -28.37 22.98
C ALA C 710 22.21 -28.09 23.16
N ALA C 711 23.01 -28.29 22.12
CA ALA C 711 24.46 -28.12 22.24
C ALA C 711 24.89 -26.67 22.12
N GLU C 712 24.18 -25.86 21.33
CA GLU C 712 24.56 -24.48 21.09
C GLU C 712 23.63 -23.47 21.73
N GLY C 713 22.36 -23.81 21.91
CA GLY C 713 21.38 -22.87 22.41
C GLY C 713 20.38 -22.51 21.32
N LEU C 714 19.44 -21.62 21.70
CA LEU C 714 18.45 -21.17 20.74
C LEU C 714 19.07 -20.43 19.57
N ILE C 715 20.25 -19.84 19.78
CA ILE C 715 20.95 -19.11 18.72
C ILE C 715 21.27 -20.02 17.56
N ALA C 716 21.31 -21.34 17.79
CA ALA C 716 21.59 -22.29 16.72
C ALA C 716 20.55 -22.21 15.62
N THR C 717 19.31 -21.84 15.95
CA THR C 717 18.27 -21.71 14.94
C THR C 717 18.60 -20.63 13.92
N LYS C 718 19.52 -19.72 14.23
CA LYS C 718 19.92 -18.66 13.33
C LYS C 718 21.11 -19.03 12.45
N THR C 719 21.86 -20.08 12.82
CA THR C 719 23.05 -20.43 12.08
C THR C 719 22.70 -20.94 10.68
N PRO C 720 23.63 -20.80 9.72
CA PRO C 720 23.37 -21.34 8.38
C PRO C 720 23.16 -22.84 8.36
N LYS C 721 23.81 -23.59 9.26
CA LYS C 721 23.68 -25.04 9.27
C LYS C 721 22.25 -25.46 9.61
N VAL C 722 21.71 -24.91 10.70
CA VAL C 722 20.36 -25.28 11.11
C VAL C 722 19.33 -24.73 10.13
N ARG C 723 19.52 -23.49 9.68
CA ARG C 723 18.61 -22.93 8.68
C ARG C 723 18.59 -23.77 7.42
N GLY C 724 19.74 -24.36 7.06
CA GLY C 724 19.76 -25.27 5.92
C GLY C 724 19.02 -26.56 6.21
N LEU C 725 19.16 -27.10 7.41
CA LEU C 725 18.46 -28.32 7.77
C LEU C 725 16.96 -28.10 7.80
N ARG C 726 16.52 -26.97 8.37
CA ARG C 726 15.10 -26.68 8.42
C ARG C 726 14.51 -26.46 7.03
N THR C 727 15.34 -26.01 6.08
CA THR C 727 14.88 -25.89 4.69
C THR C 727 14.45 -27.26 4.15
N ILE C 728 15.18 -28.31 4.52
CA ILE C 728 14.80 -29.66 4.08
C ILE C 728 13.43 -30.03 4.64
N LYS C 729 13.18 -29.69 5.91
CA LYS C 729 11.87 -29.96 6.49
C LYS C 729 10.78 -29.13 5.84
N LYS C 730 11.04 -27.84 5.61
CA LYS C 730 10.05 -26.99 4.95
C LYS C 730 9.75 -27.48 3.54
N GLU C 731 10.79 -27.89 2.80
CA GLU C 731 10.58 -28.32 1.42
C GLU C 731 9.87 -29.68 1.36
N ILE C 732 10.12 -30.55 2.33
CA ILE C 732 9.40 -31.83 2.38
C ILE C 732 7.92 -31.60 2.62
N LEU C 733 7.59 -30.79 3.62
CA LEU C 733 6.20 -30.46 3.90
C LEU C 733 5.56 -29.78 2.69
N LYS C 734 6.31 -28.88 2.02
CA LYS C 734 5.77 -28.22 0.85
C LYS C 734 5.48 -29.19 -0.28
N LEU C 735 6.29 -30.24 -0.40
CA LEU C 735 6.04 -31.25 -1.42
C LEU C 735 4.82 -32.09 -1.07
N VAL C 736 4.67 -32.47 0.19
CA VAL C 736 3.48 -33.22 0.60
C VAL C 736 2.24 -32.34 0.47
N GLU C 737 2.34 -31.08 0.89
CA GLU C 737 1.21 -30.17 0.77
C GLU C 737 0.85 -29.94 -0.69
N THR C 738 1.85 -29.82 -1.56
CA THR C 738 1.58 -29.57 -2.98
C THR C 738 0.81 -30.72 -3.61
N TYR C 739 1.19 -31.95 -3.31
CA TYR C 739 0.52 -33.09 -3.94
C TYR C 739 -0.90 -33.24 -3.40
N ILE C 740 -1.06 -33.29 -2.08
CA ILE C 740 -2.36 -33.55 -1.49
C ILE C 740 -3.39 -32.51 -1.92
N SER C 741 -2.94 -31.28 -2.21
CA SER C 741 -3.86 -30.25 -2.66
C SER C 741 -4.37 -30.49 -4.08
N LYS C 742 -3.65 -31.27 -4.89
CA LYS C 742 -4.03 -31.55 -6.26
C LYS C 742 -4.38 -33.02 -6.48
N ALA C 743 -4.38 -33.84 -5.44
CA ALA C 743 -4.59 -35.26 -5.60
C ALA C 743 -6.05 -35.57 -5.91
N ARG C 744 -6.27 -36.47 -6.87
CA ARG C 744 -7.60 -36.95 -7.20
C ARG C 744 -7.94 -38.28 -6.53
N ASN C 745 -6.92 -39.07 -6.19
CA ASN C 745 -7.10 -40.38 -5.56
C ASN C 745 -6.96 -40.19 -4.06
N LEU C 746 -8.05 -39.74 -3.43
CA LEU C 746 -8.05 -39.51 -1.99
C LEU C 746 -7.95 -40.81 -1.19
N ASP C 747 -8.29 -41.94 -1.81
CA ASP C 747 -8.17 -43.22 -1.12
C ASP C 747 -6.71 -43.58 -0.88
N ASP C 748 -5.84 -43.30 -1.83
CA ASP C 748 -4.42 -43.54 -1.62
C ASP C 748 -3.83 -42.58 -0.61
N VAL C 749 -4.32 -41.34 -0.57
CA VAL C 749 -3.81 -40.37 0.40
C VAL C 749 -4.09 -40.85 1.81
N VAL C 750 -5.32 -41.27 2.09
CA VAL C 750 -5.69 -41.70 3.43
C VAL C 750 -4.99 -43.00 3.80
N LYS C 751 -4.94 -43.95 2.87
CA LYS C 751 -4.44 -45.29 3.18
C LYS C 751 -2.92 -45.39 3.17
N VAL C 752 -2.23 -44.48 2.48
CA VAL C 752 -0.79 -44.58 2.26
C VAL C 752 -0.04 -43.38 2.83
N LEU C 753 -0.55 -42.17 2.57
CA LEU C 753 0.22 -40.96 2.85
C LEU C 753 -0.04 -40.39 4.25
N VAL C 754 -1.27 -40.47 4.74
CA VAL C 754 -1.63 -39.70 5.93
C VAL C 754 -0.98 -40.28 7.18
N GLU C 755 -0.96 -41.61 7.32
CA GLU C 755 -0.50 -42.18 8.58
C GLU C 755 1.02 -42.04 8.80
N PRO C 756 1.89 -42.19 7.80
CA PRO C 756 3.32 -41.94 8.06
C PRO C 756 3.65 -40.46 8.15
N LEU C 757 2.83 -39.60 7.55
CA LEU C 757 3.06 -38.16 7.65
C LEU C 757 2.84 -37.66 9.07
N LEU C 758 1.69 -38.02 9.66
CA LEU C 758 1.38 -37.56 11.00
C LEU C 758 2.37 -38.13 12.02
N ASN C 759 2.83 -39.37 11.82
CA ASN C 759 3.82 -39.94 12.71
C ASN C 759 5.13 -39.18 12.67
N ALA C 760 5.50 -38.65 11.50
CA ALA C 760 6.79 -38.03 11.31
C ALA C 760 6.84 -36.55 11.70
N VAL C 761 5.69 -35.86 11.73
CA VAL C 761 5.72 -34.41 11.85
C VAL C 761 5.05 -33.91 13.11
N LEU C 762 4.10 -34.67 13.65
CA LEU C 762 3.23 -34.13 14.69
C LEU C 762 3.93 -34.02 16.03
N GLU C 763 4.43 -35.15 16.56
N GLU C 763 4.43 -35.14 16.55
CA GLU C 763 5.13 -35.11 17.84
CA GLU C 763 5.11 -35.11 17.84
C GLU C 763 6.42 -34.33 17.75
C GLU C 763 6.44 -34.35 17.76
N ASP C 764 7.08 -34.35 16.58
CA ASP C 764 8.29 -33.55 16.41
C ASP C 764 7.98 -32.06 16.55
N TYR C 765 6.83 -31.63 16.04
CA TYR C 765 6.39 -30.25 16.23
C TYR C 765 6.03 -30.00 17.68
N MET C 766 5.27 -30.91 18.29
CA MET C 766 4.79 -30.70 19.65
C MET C 766 5.92 -30.71 20.67
N ASN C 767 7.00 -31.45 20.40
CA ASN C 767 8.07 -31.65 21.37
C ASN C 767 9.33 -30.87 21.05
N ASN C 768 9.33 -30.04 20.01
CA ASN C 768 10.42 -29.12 19.79
C ASN C 768 10.17 -27.83 20.56
N VAL C 769 11.25 -27.11 20.86
CA VAL C 769 11.14 -25.81 21.52
C VAL C 769 10.40 -24.87 20.56
N PRO C 770 9.71 -23.83 21.07
CA PRO C 770 8.94 -22.96 20.16
C PRO C 770 9.75 -22.40 19.00
N ASP C 771 10.97 -21.91 19.26
CA ASP C 771 11.78 -21.33 18.20
C ASP C 771 12.21 -22.34 17.14
N ALA C 772 11.96 -23.63 17.36
CA ALA C 772 12.32 -24.66 16.40
C ALA C 772 11.13 -25.21 15.65
N ARG C 773 9.92 -24.78 15.99
CA ARG C 773 8.73 -25.27 15.31
C ARG C 773 8.55 -24.55 13.99
N ASP C 774 8.35 -25.33 12.92
CA ASP C 774 8.11 -24.78 11.60
C ASP C 774 6.62 -24.55 11.41
N ALA C 775 6.24 -23.28 11.17
CA ALA C 775 4.85 -22.96 10.90
C ALA C 775 4.32 -23.69 9.67
N GLU C 776 5.20 -24.14 8.79
CA GLU C 776 4.79 -24.90 7.61
C GLU C 776 4.14 -26.22 7.98
N VAL C 777 4.33 -26.70 9.22
CA VAL C 777 3.61 -27.88 9.67
C VAL C 777 2.12 -27.61 9.71
N LEU C 778 1.74 -26.47 10.32
CA LEU C 778 0.33 -26.09 10.37
C LEU C 778 -0.24 -25.92 8.97
N ASN C 779 0.54 -25.34 8.05
CA ASN C 779 0.07 -25.16 6.68
C ASN C 779 -0.17 -26.50 6.01
N CYS C 780 0.67 -27.50 6.32
CA CYS C 780 0.51 -28.81 5.71
C CYS C 780 -0.74 -29.51 6.23
N MET C 781 -1.00 -29.39 7.53
CA MET C 781 -2.17 -30.04 8.10
C MET C 781 -3.46 -29.44 7.59
N THR C 782 -3.47 -28.13 7.30
CA THR C 782 -4.66 -27.50 6.76
C THR C 782 -5.05 -28.13 5.43
N THR C 783 -4.07 -28.38 4.56
CA THR C 783 -4.36 -29.06 3.31
C THR C 783 -4.84 -30.48 3.55
N VAL C 784 -4.25 -31.17 4.52
CA VAL C 784 -4.68 -32.52 4.85
C VAL C 784 -6.13 -32.51 5.32
N VAL C 785 -6.47 -31.61 6.24
CA VAL C 785 -7.84 -31.54 6.73
C VAL C 785 -8.79 -31.06 5.66
N GLU C 786 -8.34 -30.19 4.75
CA GLU C 786 -9.23 -29.66 3.72
C GLU C 786 -9.60 -30.73 2.70
N LYS C 787 -8.64 -31.56 2.31
N LYS C 787 -8.64 -31.55 2.29
CA LYS C 787 -8.86 -32.51 1.21
CA LYS C 787 -8.87 -32.51 1.21
C LYS C 787 -9.31 -33.88 1.67
C LYS C 787 -9.36 -33.86 1.69
N VAL C 788 -8.89 -34.34 2.85
CA VAL C 788 -9.27 -35.66 3.33
C VAL C 788 -9.68 -35.63 4.79
N GLY C 789 -10.01 -34.45 5.31
CA GLY C 789 -10.39 -34.35 6.72
C GLY C 789 -11.63 -35.12 7.07
N HIS C 790 -12.53 -35.31 6.11
CA HIS C 790 -13.76 -36.06 6.34
C HIS C 790 -13.54 -37.57 6.38
N MET C 791 -12.35 -38.04 6.02
CA MET C 791 -12.05 -39.47 5.99
C MET C 791 -11.12 -39.90 7.12
N ILE C 792 -10.63 -38.97 7.93
CA ILE C 792 -9.70 -39.30 9.00
C ILE C 792 -10.09 -38.60 10.29
N PRO C 793 -11.30 -38.80 10.81
CA PRO C 793 -11.72 -38.03 11.99
C PRO C 793 -10.84 -38.27 13.21
N GLN C 794 -10.16 -39.41 13.29
CA GLN C 794 -9.22 -39.63 14.37
C GLN C 794 -7.86 -39.00 14.07
N GLY C 795 -7.53 -38.82 12.79
CA GLY C 795 -6.33 -38.09 12.46
C GLY C 795 -6.46 -36.61 12.77
N VAL C 796 -7.64 -36.04 12.54
CA VAL C 796 -7.87 -34.64 12.86
C VAL C 796 -7.78 -34.41 14.36
N ILE C 797 -8.33 -35.34 15.14
CA ILE C 797 -8.22 -35.25 16.60
C ILE C 797 -6.76 -35.25 17.02
N LEU C 798 -5.96 -36.13 16.43
CA LEU C 798 -4.53 -36.18 16.75
C LEU C 798 -3.83 -34.89 16.35
N ILE C 799 -4.18 -34.33 15.19
CA ILE C 799 -3.58 -33.08 14.76
C ILE C 799 -3.86 -31.98 15.76
N LEU C 800 -5.09 -31.88 16.23
CA LEU C 800 -5.45 -30.88 17.24
C LEU C 800 -4.59 -31.04 18.49
N GLN C 801 -4.51 -32.27 19.02
CA GLN C 801 -3.79 -32.48 20.27
C GLN C 801 -2.32 -32.10 20.15
N SER C 802 -1.72 -32.30 18.98
CA SER C 802 -0.29 -32.04 18.84
C SER C 802 0.02 -30.55 18.68
N VAL C 803 -0.90 -29.77 18.12
CA VAL C 803 -0.54 -28.41 17.71
C VAL C 803 -1.35 -27.36 18.46
N PHE C 804 -2.56 -27.70 18.91
CA PHE C 804 -3.50 -26.67 19.35
C PHE C 804 -2.97 -25.91 20.56
N GLU C 805 -2.71 -26.62 21.66
CA GLU C 805 -2.41 -25.92 22.91
C GLU C 805 -1.01 -25.30 22.88
N CYS C 806 -0.04 -26.00 22.29
CA CYS C 806 1.33 -25.49 22.32
C CYS C 806 1.52 -24.32 21.36
N THR C 807 0.81 -24.31 20.23
CA THR C 807 0.90 -23.18 19.32
C THR C 807 0.16 -21.97 19.87
N LEU C 808 -1.01 -22.19 20.47
CA LEU C 808 -1.75 -21.09 21.08
C LEU C 808 -0.93 -20.41 22.17
N ASP C 809 -0.14 -21.19 22.92
CA ASP C 809 0.69 -20.61 23.96
C ASP C 809 1.80 -19.74 23.39
N MET C 810 2.22 -20.00 22.14
CA MET C 810 3.23 -19.16 21.52
C MET C 810 2.69 -17.81 21.11
N ILE C 811 1.38 -17.68 20.89
CA ILE C 811 0.81 -16.54 20.21
C ILE C 811 -0.22 -15.80 21.06
N ASN C 812 -0.34 -16.12 22.36
CA ASN C 812 -1.31 -15.46 23.21
C ASN C 812 -0.68 -14.53 24.24
N LYS C 813 0.60 -14.21 24.10
CA LYS C 813 1.25 -13.26 24.99
C LYS C 813 1.36 -11.87 24.37
N ASP C 814 1.36 -11.78 23.04
CA ASP C 814 1.38 -10.51 22.34
C ASP C 814 0.68 -10.71 21.00
N PHE C 815 0.73 -9.67 20.15
CA PHE C 815 0.09 -9.72 18.84
C PHE C 815 1.12 -9.84 17.70
N THR C 816 2.40 -10.00 18.02
CA THR C 816 3.44 -9.93 16.99
C THR C 816 4.44 -11.06 17.00
N GLU C 817 4.57 -11.83 18.09
CA GLU C 817 5.54 -12.92 18.12
C GLU C 817 5.03 -14.10 17.31
N TYR C 818 5.94 -14.73 16.58
CA TYR C 818 5.65 -15.85 15.69
C TYR C 818 4.53 -15.48 14.73
N PRO C 819 4.79 -14.59 13.76
CA PRO C 819 3.69 -14.12 12.90
C PRO C 819 3.19 -15.16 11.92
N GLU C 820 4.08 -15.99 11.36
CA GLU C 820 3.62 -17.02 10.45
C GLU C 820 2.82 -18.09 11.17
N HIS C 821 3.07 -18.28 12.46
CA HIS C 821 2.32 -19.30 13.20
C HIS C 821 0.88 -18.85 13.44
N ARG C 822 0.67 -17.57 13.78
CA ARG C 822 -0.68 -17.05 13.97
C ARG C 822 -1.54 -17.29 12.74
N VAL C 823 -1.01 -16.96 11.56
CA VAL C 823 -1.79 -17.05 10.34
C VAL C 823 -2.17 -18.51 10.05
N GLU C 824 -1.18 -19.39 10.02
CA GLU C 824 -1.45 -20.80 9.73
C GLU C 824 -2.28 -21.46 10.83
N PHE C 825 -2.09 -21.01 12.08
CA PHE C 825 -2.85 -21.58 13.20
C PHE C 825 -4.34 -21.37 13.00
N TYR C 826 -4.76 -20.14 12.70
CA TYR C 826 -6.17 -19.86 12.52
C TYR C 826 -6.70 -20.31 11.17
N LYS C 827 -5.83 -20.47 10.17
CA LYS C 827 -6.26 -21.16 8.96
C LYS C 827 -6.54 -22.63 9.24
N LEU C 828 -5.80 -23.24 10.18
CA LEU C 828 -6.02 -24.63 10.52
C LEU C 828 -7.29 -24.80 11.34
N LEU C 829 -7.49 -23.94 12.34
CA LEU C 829 -8.70 -24.04 13.16
C LEU C 829 -9.95 -23.78 12.33
N LYS C 830 -9.85 -22.97 11.28
CA LYS C 830 -11.01 -22.68 10.45
C LYS C 830 -11.45 -23.91 9.68
N VAL C 831 -10.51 -24.61 9.04
CA VAL C 831 -10.88 -25.75 8.22
C VAL C 831 -11.31 -26.93 9.08
N ILE C 832 -10.74 -27.07 10.27
CA ILE C 832 -11.18 -28.13 11.17
C ILE C 832 -12.60 -27.85 11.67
N ASN C 833 -12.86 -26.62 12.10
CA ASN C 833 -14.20 -26.24 12.50
C ASN C 833 -15.18 -26.29 11.34
N GLU C 834 -14.68 -26.25 10.10
CA GLU C 834 -15.54 -26.25 8.92
C GLU C 834 -15.83 -27.67 8.44
N LYS C 835 -14.78 -28.45 8.18
CA LYS C 835 -14.93 -29.76 7.56
C LYS C 835 -14.79 -30.92 8.55
N SER C 836 -14.63 -30.64 9.84
CA SER C 836 -14.50 -31.71 10.83
CA SER C 836 -14.49 -31.70 10.84
C SER C 836 -14.79 -31.18 12.23
N PHE C 837 -15.98 -30.58 12.42
CA PHE C 837 -16.32 -29.98 13.70
C PHE C 837 -16.34 -31.01 14.83
N ALA C 838 -16.49 -32.29 14.52
CA ALA C 838 -16.57 -33.30 15.56
C ALA C 838 -15.30 -33.34 16.40
N ALA C 839 -14.15 -32.98 15.82
CA ALA C 839 -12.90 -33.00 16.56
C ALA C 839 -12.90 -32.02 17.72
N PHE C 840 -13.71 -30.96 17.66
CA PHE C 840 -13.82 -30.04 18.79
C PHE C 840 -14.78 -30.56 19.85
N LEU C 841 -15.76 -31.36 19.46
CA LEU C 841 -16.63 -32.00 20.44
C LEU C 841 -15.87 -33.01 21.28
N GLU C 842 -14.79 -33.56 20.75
CA GLU C 842 -13.95 -34.50 21.47
C GLU C 842 -12.92 -33.81 22.36
N LEU C 843 -12.91 -32.49 22.41
CA LEU C 843 -11.97 -31.78 23.26
C LEU C 843 -12.45 -31.79 24.71
N PRO C 844 -11.54 -31.94 25.67
CA PRO C 844 -11.91 -31.76 27.06
C PRO C 844 -12.47 -30.36 27.28
N PRO C 845 -13.40 -30.20 28.22
CA PRO C 845 -14.03 -28.88 28.41
C PRO C 845 -13.04 -27.76 28.67
N ALA C 846 -11.91 -28.05 29.30
CA ALA C 846 -10.88 -27.03 29.48
C ALA C 846 -10.26 -26.64 28.15
N ALA C 847 -10.03 -27.63 27.27
CA ALA C 847 -9.45 -27.34 25.97
C ALA C 847 -10.45 -26.64 25.05
N PHE C 848 -11.74 -26.84 25.27
CA PHE C 848 -12.73 -26.10 24.51
C PHE C 848 -12.79 -24.65 24.97
N LYS C 849 -12.57 -24.39 26.26
CA LYS C 849 -12.47 -23.02 26.74
C LYS C 849 -11.33 -22.28 26.05
N LEU C 850 -10.18 -22.95 25.88
CA LEU C 850 -9.08 -22.34 25.14
C LEU C 850 -9.45 -22.11 23.68
N PHE C 851 -10.28 -22.98 23.11
CA PHE C 851 -10.71 -22.78 21.73
C PHE C 851 -11.53 -21.51 21.58
N VAL C 852 -12.47 -21.28 22.51
CA VAL C 852 -13.22 -20.03 22.48
C VAL C 852 -12.30 -18.86 22.77
N ASP C 853 -11.39 -19.02 23.74
CA ASP C 853 -10.41 -17.97 24.01
C ASP C 853 -9.53 -17.70 22.80
N ALA C 854 -9.21 -18.74 22.03
CA ALA C 854 -8.39 -18.55 20.84
C ALA C 854 -9.15 -17.79 19.77
N ILE C 855 -10.47 -17.96 19.68
CA ILE C 855 -11.26 -17.27 18.68
C ILE C 855 -11.35 -15.79 19.01
N CYS C 856 -11.77 -15.46 20.24
CA CYS C 856 -11.89 -14.05 20.62
C CYS C 856 -10.53 -13.36 20.62
N TRP C 857 -9.45 -14.11 20.82
CA TRP C 857 -8.12 -13.55 20.69
C TRP C 857 -7.85 -13.10 19.27
N ALA C 858 -8.42 -13.79 18.28
CA ALA C 858 -8.24 -13.39 16.89
C ALA C 858 -9.08 -12.18 16.53
N PHE C 859 -10.19 -11.96 17.24
CA PHE C 859 -10.98 -10.75 17.03
C PHE C 859 -10.12 -9.50 17.17
N LYS C 860 -9.30 -9.47 18.23
CA LYS C 860 -8.60 -8.26 18.64
C LYS C 860 -7.31 -8.02 17.89
N HIS C 861 -6.95 -8.89 16.96
CA HIS C 861 -5.80 -8.63 16.09
C HIS C 861 -6.14 -7.51 15.11
N ASN C 862 -5.16 -6.65 14.84
CA ASN C 862 -5.26 -5.75 13.71
C ASN C 862 -4.74 -6.38 12.43
N ASN C 863 -3.99 -7.47 12.55
CA ASN C 863 -3.60 -8.29 11.41
C ASN C 863 -4.86 -8.85 10.75
N ARG C 864 -5.06 -8.50 9.48
CA ARG C 864 -6.27 -8.94 8.79
C ARG C 864 -6.26 -10.44 8.51
N ASP C 865 -5.08 -11.02 8.30
CA ASP C 865 -5.01 -12.46 8.06
C ASP C 865 -5.50 -13.26 9.27
N VAL C 866 -5.34 -12.71 10.46
CA VAL C 866 -5.85 -13.36 11.67
C VAL C 866 -7.26 -12.88 12.01
N GLU C 867 -7.51 -11.58 11.84
CA GLU C 867 -8.80 -11.02 12.22
C GLU C 867 -9.93 -11.59 11.38
N VAL C 868 -9.69 -11.77 10.07
CA VAL C 868 -10.74 -12.27 9.19
C VAL C 868 -11.08 -13.72 9.52
N ASN C 869 -10.06 -14.54 9.76
CA ASN C 869 -10.31 -15.94 10.08
C ASN C 869 -10.97 -16.09 11.45
N GLY C 870 -10.62 -15.23 12.40
CA GLY C 870 -11.22 -15.33 13.73
C GLY C 870 -12.71 -15.03 13.71
N LEU C 871 -13.12 -14.00 12.97
CA LEU C 871 -14.54 -13.68 12.87
C LEU C 871 -15.29 -14.73 12.06
N GLN C 872 -14.60 -15.41 11.14
CA GLN C 872 -15.24 -16.47 10.37
C GLN C 872 -15.41 -17.73 11.20
N ILE C 873 -14.38 -18.09 11.99
CA ILE C 873 -14.48 -19.26 12.86
C ILE C 873 -15.63 -19.10 13.84
N ALA C 874 -15.74 -17.92 14.45
CA ALA C 874 -16.84 -17.67 15.36
C ALA C 874 -18.19 -17.79 14.67
N LEU C 875 -18.27 -17.33 13.43
CA LEU C 875 -19.52 -17.44 12.67
C LEU C 875 -19.84 -18.89 12.36
N ASP C 876 -18.83 -19.65 11.91
CA ASP C 876 -19.05 -21.06 11.60
C ASP C 876 -19.29 -21.88 12.86
N LEU C 877 -18.67 -21.50 13.98
CA LEU C 877 -18.88 -22.21 15.24
C LEU C 877 -20.33 -22.06 15.71
N VAL C 878 -20.87 -20.85 15.61
CA VAL C 878 -22.27 -20.62 16.00
C VAL C 878 -23.21 -21.45 15.11
N LYS C 879 -22.93 -21.49 13.81
CA LYS C 879 -23.71 -22.33 12.91
C LYS C 879 -23.60 -23.80 13.29
N ASN C 880 -22.39 -24.25 13.62
CA ASN C 880 -22.19 -25.65 13.99
C ASN C 880 -22.98 -25.99 15.25
N ILE C 881 -22.91 -25.12 16.26
CA ILE C 881 -23.65 -25.36 17.50
C ILE C 881 -25.14 -25.38 17.23
N GLU C 882 -25.62 -24.47 16.39
CA GLU C 882 -27.04 -24.42 16.07
C GLU C 882 -27.51 -25.68 15.35
N ARG C 883 -26.64 -26.25 14.50
CA ARG C 883 -27.04 -27.44 13.75
C ARG C 883 -27.25 -28.65 14.66
N MET C 884 -26.56 -28.69 15.80
CA MET C 884 -26.69 -29.84 16.70
C MET C 884 -28.11 -29.93 17.27
N GLY C 885 -28.81 -28.81 17.35
CA GLY C 885 -30.16 -28.80 17.89
C GLY C 885 -30.21 -28.63 19.39
N ASN C 886 -31.10 -29.36 20.04
CA ASN C 886 -31.34 -29.22 21.48
C ASN C 886 -30.73 -30.43 22.19
N VAL C 887 -29.41 -30.36 22.38
CA VAL C 887 -28.65 -31.41 23.06
C VAL C 887 -27.87 -30.76 24.21
N PRO C 888 -27.26 -31.55 25.11
CA PRO C 888 -26.49 -30.91 26.20
C PRO C 888 -25.34 -30.04 25.73
N PHE C 889 -24.53 -30.51 24.78
CA PHE C 889 -23.37 -29.73 24.36
C PHE C 889 -23.79 -28.39 23.78
N ALA C 890 -24.90 -28.36 23.03
CA ALA C 890 -25.35 -27.10 22.47
C ALA C 890 -25.89 -26.17 23.56
N ASN C 891 -26.49 -26.72 24.61
CA ASN C 891 -27.01 -25.89 25.68
C ASN C 891 -25.91 -25.48 26.65
N GLU C 892 -24.97 -26.39 26.93
CA GLU C 892 -23.80 -26.01 27.71
C GLU C 892 -23.01 -24.92 27.01
N PHE C 893 -22.96 -24.96 25.68
CA PHE C 893 -22.23 -23.94 24.93
C PHE C 893 -22.86 -22.56 25.13
N HIS C 894 -24.17 -22.46 24.91
CA HIS C 894 -24.84 -21.16 25.03
C HIS C 894 -24.77 -20.64 26.45
N LYS C 895 -24.85 -21.53 27.43
CA LYS C 895 -24.75 -21.10 28.83
C LYS C 895 -23.38 -20.51 29.11
N ASN C 896 -22.31 -21.13 28.61
CA ASN C 896 -20.97 -20.74 28.96
C ASN C 896 -20.36 -19.70 28.03
N TYR C 897 -20.83 -19.60 26.78
CA TYR C 897 -20.14 -18.79 25.79
C TYR C 897 -20.99 -17.83 24.98
N PHE C 898 -22.33 -17.89 25.09
CA PHE C 898 -23.14 -17.00 24.25
C PHE C 898 -22.85 -15.54 24.55
N PHE C 899 -22.73 -15.18 25.83
CA PHE C 899 -22.46 -13.80 26.19
C PHE C 899 -20.99 -13.44 26.11
N ILE C 900 -20.10 -14.42 26.17
CA ILE C 900 -18.70 -14.15 25.87
C ILE C 900 -18.54 -13.72 24.42
N PHE C 901 -19.33 -14.31 23.52
CA PHE C 901 -19.27 -13.93 22.12
C PHE C 901 -19.98 -12.62 21.86
N VAL C 902 -21.08 -12.35 22.55
CA VAL C 902 -21.81 -11.10 22.36
C VAL C 902 -21.00 -9.93 22.89
N SER C 903 -20.37 -10.09 24.05
CA SER C 903 -19.62 -8.99 24.65
C SER C 903 -18.31 -8.75 23.90
N GLU C 904 -17.58 -9.83 23.59
CA GLU C 904 -16.31 -9.67 22.88
C GLU C 904 -16.50 -9.15 21.46
N THR C 905 -17.68 -9.35 20.88
CA THR C 905 -17.98 -8.74 19.58
C THR C 905 -18.30 -7.26 19.74
N PHE C 906 -19.03 -6.89 20.80
CA PHE C 906 -19.30 -5.49 21.06
C PHE C 906 -18.03 -4.72 21.40
N PHE C 907 -17.04 -5.37 22.03
CA PHE C 907 -15.82 -4.67 22.40
C PHE C 907 -15.04 -4.22 21.18
N VAL C 908 -14.84 -5.11 20.22
CA VAL C 908 -14.10 -4.75 19.02
C VAL C 908 -14.91 -3.85 18.10
N LEU C 909 -16.24 -3.88 18.22
CA LEU C 909 -17.07 -2.98 17.42
C LEU C 909 -16.93 -1.53 17.88
N THR C 910 -16.67 -1.31 19.16
CA THR C 910 -16.76 0.01 19.75
C THR C 910 -15.45 0.55 20.29
N ASP C 911 -14.34 -0.16 20.13
CA ASP C 911 -13.07 0.28 20.72
C ASP C 911 -12.24 1.16 19.78
N SER C 912 -12.77 1.50 18.61
CA SER C 912 -12.14 2.39 17.63
C SER C 912 -10.81 1.87 17.11
N ASP C 913 -10.50 0.58 17.31
CA ASP C 913 -9.22 0.03 16.90
C ASP C 913 -9.36 -1.18 15.99
N HIS C 914 -10.58 -1.55 15.59
CA HIS C 914 -10.78 -2.66 14.68
C HIS C 914 -11.82 -2.30 13.62
N LYS C 915 -11.71 -1.08 13.09
CA LYS C 915 -12.66 -0.62 12.08
C LYS C 915 -12.58 -1.43 10.80
N SER C 916 -11.45 -2.09 10.54
CA SER C 916 -11.28 -2.82 9.30
C SER C 916 -12.16 -4.06 9.21
N GLY C 917 -12.68 -4.54 10.33
CA GLY C 917 -13.51 -5.73 10.32
C GLY C 917 -14.95 -5.47 10.73
N PHE C 918 -15.41 -4.23 10.52
CA PHE C 918 -16.73 -3.85 11.02
C PHE C 918 -17.84 -4.69 10.39
N SER C 919 -17.68 -5.07 9.13
CA SER C 919 -18.75 -5.78 8.44
C SER C 919 -18.93 -7.19 8.97
N LYS C 920 -17.84 -7.92 9.15
CA LYS C 920 -17.95 -9.28 9.67
C LYS C 920 -18.28 -9.28 11.16
N GLN C 921 -17.90 -8.23 11.89
CA GLN C 921 -18.30 -8.11 13.29
C GLN C 921 -19.80 -7.89 13.39
N ALA C 922 -20.35 -7.01 12.56
CA ALA C 922 -21.79 -6.76 12.58
C ALA C 922 -22.56 -8.01 12.17
N LEU C 923 -22.03 -8.77 11.23
CA LEU C 923 -22.70 -10.00 10.81
C LEU C 923 -22.74 -11.03 11.93
N LEU C 924 -21.66 -11.12 12.71
CA LEU C 924 -21.61 -12.07 13.82
C LEU C 924 -22.59 -11.67 14.92
N LEU C 925 -22.58 -10.39 15.30
CA LEU C 925 -23.50 -9.93 16.34
C LEU C 925 -24.95 -10.10 15.91
N MET C 926 -25.23 -9.95 14.62
CA MET C 926 -26.59 -10.11 14.14
C MET C 926 -27.04 -11.56 14.21
N LYS C 927 -26.14 -12.49 13.92
CA LYS C 927 -26.47 -13.91 14.04
C LYS C 927 -26.72 -14.29 15.50
N LEU C 928 -25.86 -13.81 16.39
CA LEU C 928 -26.03 -14.09 17.82
C LEU C 928 -27.36 -13.54 18.33
N ILE C 929 -27.65 -12.28 18.02
CA ILE C 929 -28.91 -11.67 18.45
C ILE C 929 -30.09 -12.42 17.85
N SER C 930 -29.96 -12.85 16.60
CA SER C 930 -31.08 -13.53 15.93
C SER C 930 -31.35 -14.89 16.56
N LEU C 931 -30.33 -15.54 17.13
CA LEU C 931 -30.54 -16.82 17.80
C LEU C 931 -31.58 -16.69 18.90
N VAL C 932 -31.46 -15.65 19.73
CA VAL C 932 -32.37 -15.50 20.86
C VAL C 932 -33.77 -15.14 20.38
N TYR C 933 -33.88 -14.24 19.41
CA TYR C 933 -35.17 -13.76 18.95
C TYR C 933 -35.82 -14.71 17.93
N ASP C 934 -35.21 -15.85 17.69
CA ASP C 934 -35.88 -16.97 17.01
C ASP C 934 -36.02 -18.17 17.94
N ASN C 935 -35.78 -17.98 19.24
CA ASN C 935 -35.91 -19.03 20.25
C ASN C 935 -35.16 -20.29 19.85
N LYS C 936 -33.96 -20.10 19.28
CA LYS C 936 -33.07 -21.19 18.94
C LYS C 936 -32.25 -21.67 20.13
N ILE C 937 -32.29 -20.95 21.26
CA ILE C 937 -31.57 -21.32 22.47
C ILE C 937 -32.61 -21.76 23.48
N SER C 938 -32.74 -23.08 23.66
CA SER C 938 -33.80 -23.68 24.47
C SER C 938 -33.40 -23.80 25.95
N VAL C 939 -32.54 -22.92 26.44
CA VAL C 939 -32.18 -22.90 27.87
C VAL C 939 -32.09 -21.47 28.34
N PRO C 940 -32.34 -21.24 29.63
CA PRO C 940 -32.14 -19.89 30.18
C PRO C 940 -30.66 -19.56 30.23
N LEU C 941 -30.30 -18.42 29.64
CA LEU C 941 -28.92 -17.96 29.60
C LEU C 941 -28.47 -17.32 30.91
N TYR C 942 -29.31 -17.36 31.94
CA TYR C 942 -29.00 -16.79 33.25
C TYR C 942 -28.95 -17.92 34.28
N GLN C 943 -28.13 -17.72 35.31
CA GLN C 943 -28.00 -18.71 36.37
C GLN C 943 -29.04 -18.48 37.47
N VAL C 947 -32.47 -13.06 38.58
CA VAL C 947 -33.51 -12.83 37.59
C VAL C 947 -34.66 -13.79 37.80
N PRO C 948 -35.89 -13.26 37.80
CA PRO C 948 -37.06 -14.11 38.04
C PRO C 948 -37.21 -15.18 36.97
N GLN C 949 -37.65 -16.36 37.40
CA GLN C 949 -37.85 -17.47 36.48
C GLN C 949 -39.10 -17.25 35.64
N GLY C 950 -39.11 -17.85 34.46
CA GLY C 950 -40.17 -17.63 33.50
C GLY C 950 -39.85 -16.56 32.49
N THR C 951 -39.00 -15.59 32.85
CA THR C 951 -38.59 -14.56 31.92
C THR C 951 -37.89 -15.16 30.71
N SER C 952 -38.10 -14.54 29.56
CA SER C 952 -37.59 -15.06 28.30
C SER C 952 -36.15 -14.62 28.08
N ASN C 953 -35.43 -15.41 27.27
CA ASN C 953 -34.08 -15.04 26.87
C ASN C 953 -34.08 -13.74 26.08
N GLN C 954 -35.18 -13.44 25.38
CA GLN C 954 -35.31 -12.14 24.73
C GLN C 954 -35.21 -11.02 25.74
N VAL C 955 -35.80 -11.21 26.93
CA VAL C 955 -35.80 -10.16 27.94
C VAL C 955 -34.43 -10.06 28.61
N TYR C 956 -33.88 -11.19 29.04
CA TYR C 956 -32.59 -11.17 29.72
C TYR C 956 -31.49 -10.63 28.82
N LEU C 957 -31.59 -10.87 27.51
CA LEU C 957 -30.59 -10.33 26.59
C LEU C 957 -30.64 -8.80 26.58
N SER C 958 -31.84 -8.22 26.65
CA SER C 958 -31.94 -6.76 26.66
C SER C 958 -31.52 -6.17 27.99
N GLN C 959 -31.79 -6.87 29.10
CA GLN C 959 -31.27 -6.42 30.39
C GLN C 959 -29.75 -6.54 30.44
N TYR C 960 -29.20 -7.63 29.92
CA TYR C 960 -27.76 -7.83 29.92
C TYR C 960 -27.07 -6.75 29.10
N LEU C 961 -27.53 -6.53 27.86
CA LEU C 961 -26.87 -5.58 26.98
C LEU C 961 -27.03 -4.15 27.48
N ALA C 962 -28.18 -3.82 28.05
CA ALA C 962 -28.36 -2.48 28.62
C ALA C 962 -27.44 -2.27 29.82
N ASN C 963 -27.24 -3.31 30.62
CA ASN C 963 -26.33 -3.20 31.75
C ASN C 963 -24.88 -3.14 31.29
N MET C 964 -24.52 -3.96 30.30
CA MET C 964 -23.14 -3.96 29.80
C MET C 964 -22.77 -2.61 29.21
N LEU C 965 -23.67 -2.02 28.43
CA LEU C 965 -23.37 -0.74 27.79
C LEU C 965 -23.41 0.41 28.78
N SER C 966 -24.27 0.32 29.81
CA SER C 966 -24.35 1.39 30.80
C SER C 966 -23.06 1.50 31.60
N ASN C 967 -22.35 0.38 31.79
CA ASN C 967 -21.11 0.42 32.55
C ASN C 967 -19.92 0.76 31.66
N ALA C 968 -19.91 0.27 30.43
CA ALA C 968 -18.82 0.55 29.51
C ALA C 968 -18.92 1.93 28.88
N PHE C 969 -20.12 2.51 28.82
CA PHE C 969 -20.33 3.86 28.28
C PHE C 969 -21.23 4.61 29.24
N PRO C 970 -20.69 5.04 30.39
CA PRO C 970 -21.56 5.65 31.41
C PRO C 970 -22.16 6.99 31.00
N HIS C 971 -21.61 7.65 29.99
CA HIS C 971 -22.11 8.95 29.56
C HIS C 971 -23.35 8.85 28.68
N LEU C 972 -23.87 7.65 28.45
CA LEU C 972 -25.08 7.46 27.67
C LEU C 972 -26.29 7.46 28.60
N THR C 973 -27.32 8.22 28.23
CA THR C 973 -28.56 8.17 28.98
C THR C 973 -29.18 6.77 28.85
N SER C 974 -30.09 6.45 29.77
CA SER C 974 -30.74 5.15 29.74
C SER C 974 -31.56 4.97 28.47
N GLU C 975 -32.20 6.04 28.00
CA GLU C 975 -33.05 5.93 26.81
C GLU C 975 -32.23 5.81 25.54
N GLN C 976 -31.02 6.36 25.51
CA GLN C 976 -30.12 6.11 24.38
C GLN C 976 -29.84 4.62 24.26
N ILE C 977 -29.47 3.97 25.36
CA ILE C 977 -29.20 2.55 25.34
C ILE C 977 -30.48 1.76 25.10
N ALA C 978 -31.62 2.26 25.56
CA ALA C 978 -32.88 1.56 25.36
C ALA C 978 -33.31 1.60 23.90
N SER C 979 -33.28 2.79 23.28
CA SER C 979 -33.68 2.91 21.89
C SER C 979 -32.73 2.18 20.96
N PHE C 980 -31.43 2.23 21.25
CA PHE C 980 -30.45 1.55 20.42
C PHE C 980 -30.67 0.04 20.40
N LEU C 981 -30.78 -0.56 21.59
CA LEU C 981 -31.01 -2.01 21.66
C LEU C 981 -32.36 -2.38 21.06
N SER C 982 -33.37 -1.53 21.27
CA SER C 982 -34.68 -1.78 20.67
CA SER C 982 -34.68 -1.79 20.66
C SER C 982 -34.58 -1.81 19.15
N ALA C 983 -33.91 -0.82 18.56
CA ALA C 983 -33.72 -0.80 17.11
C ALA C 983 -32.78 -1.92 16.67
N LEU C 984 -31.69 -2.13 17.41
CA LEU C 984 -30.76 -3.20 17.07
C LEU C 984 -31.44 -4.56 17.06
N THR C 985 -32.50 -4.71 17.86
CA THR C 985 -33.20 -5.99 17.94
C THR C 985 -34.20 -6.15 16.79
N LYS C 986 -34.96 -5.10 16.48
CA LYS C 986 -35.92 -5.18 15.40
C LYS C 986 -35.26 -5.46 14.06
N GLN C 987 -33.99 -5.08 13.91
CA GLN C 987 -33.32 -5.11 12.62
C GLN C 987 -32.35 -6.27 12.47
N CYS C 988 -32.44 -7.29 13.32
CA CYS C 988 -31.46 -8.37 13.32
C CYS C 988 -31.66 -9.37 12.18
N LYS C 989 -32.46 -9.02 11.17
CA LYS C 989 -32.55 -9.79 9.94
C LYS C 989 -32.28 -8.92 8.72
N ASP C 990 -31.79 -7.70 8.92
CA ASP C 990 -31.63 -6.70 7.87
C ASP C 990 -30.24 -6.09 8.05
N LEU C 991 -29.24 -6.70 7.43
CA LEU C 991 -27.85 -6.37 7.74
C LEU C 991 -27.52 -4.91 7.44
N VAL C 992 -28.10 -4.35 6.37
CA VAL C 992 -27.79 -2.98 5.99
C VAL C 992 -28.28 -2.00 7.05
N VAL C 993 -29.51 -2.18 7.53
CA VAL C 993 -30.04 -1.31 8.57
C VAL C 993 -29.36 -1.60 9.90
N PHE C 994 -29.12 -2.88 10.19
CA PHE C 994 -28.40 -3.27 11.39
C PHE C 994 -27.04 -2.57 11.46
N LYS C 995 -26.30 -2.61 10.35
CA LYS C 995 -25.02 -1.92 10.31
C LYS C 995 -25.19 -0.42 10.44
N GLY C 996 -26.31 0.12 9.95
CA GLY C 996 -26.54 1.55 10.08
C GLY C 996 -26.84 1.97 11.51
N THR C 997 -27.61 1.14 12.23
CA THR C 997 -27.87 1.43 13.64
C THR C 997 -26.59 1.33 14.46
N LEU C 998 -25.70 0.40 14.09
CA LEU C 998 -24.42 0.29 14.78
C LEU C 998 -23.56 1.52 14.54
N ARG C 999 -23.47 1.96 13.28
CA ARG C 999 -22.69 3.17 12.97
C ARG C 999 -23.28 4.40 13.66
N ASP C 1000 -24.61 4.45 13.80
CA ASP C 1000 -25.22 5.54 14.58
C ASP C 1000 -24.80 5.47 16.03
N PHE C 1001 -24.64 4.26 16.57
CA PHE C 1001 -24.24 4.11 17.96
C PHE C 1001 -22.79 4.52 18.16
N LEU C 1002 -21.92 4.18 17.21
CA LEU C 1002 -20.52 4.57 17.32
C LEU C 1002 -20.32 6.08 17.20
N VAL C 1003 -21.27 6.78 16.61
CA VAL C 1003 -21.23 8.24 16.60
C VAL C 1003 -21.63 8.79 17.97
N GLN C 1004 -22.62 8.18 18.60
CA GLN C 1004 -23.16 8.75 19.83
C GLN C 1004 -22.25 8.48 21.03
N ILE C 1005 -21.40 7.46 20.96
CA ILE C 1005 -20.56 7.11 22.10
C ILE C 1005 -19.37 8.04 22.14
N LYS C 1006 -19.29 8.92 21.16
CA LYS C 1006 -18.21 9.90 21.07
C LYS C 1006 -18.64 11.30 21.48
N GLU C 1007 -19.89 11.47 21.89
CA GLU C 1007 -20.38 12.79 22.31
C GLU C 1007 -21.39 12.61 23.42
N VAL C 1008 -21.80 13.73 24.02
CA VAL C 1008 -22.73 13.75 25.13
C VAL C 1008 -24.04 14.35 24.63
N GLY C 1009 -25.14 13.66 24.89
CA GLY C 1009 -26.46 14.16 24.55
C GLY C 1009 -27.05 13.67 23.26
N GLY C 1010 -26.68 12.48 22.80
CA GLY C 1010 -27.22 11.96 21.55
C GLY C 1010 -28.72 11.74 21.64
N ASP C 1011 -29.42 12.11 20.58
CA ASP C 1011 -30.86 11.96 20.54
C ASP C 1011 -31.24 10.49 20.42
N PRO C 1012 -31.97 9.93 21.38
CA PRO C 1012 -32.35 8.52 21.27
C PRO C 1012 -33.31 8.24 20.14
N THR C 1013 -34.03 9.25 19.65
CA THR C 1013 -34.92 9.07 18.51
C THR C 1013 -34.16 8.86 17.21
N ASP C 1014 -32.85 9.08 17.20
CA ASP C 1014 -32.06 8.82 16.00
C ASP C 1014 -32.14 7.37 15.57
N TYR C 1015 -32.38 6.45 16.51
CA TYR C 1015 -32.45 5.03 16.20
C TYR C 1015 -33.79 4.61 15.60
N LEU C 1016 -34.66 5.58 15.29
CA LEU C 1016 -35.89 5.33 14.55
C LEU C 1016 -35.77 5.73 13.09
N PHE C 1017 -34.54 5.85 12.57
CA PHE C 1017 -34.34 6.29 11.20
C PHE C 1017 -34.99 5.34 10.20
N ALA C 1018 -35.05 4.05 10.52
CA ALA C 1018 -35.71 3.08 9.66
C ALA C 1018 -37.04 2.64 10.28
PG GNP D . 1.33 6.10 14.13
O1G GNP D . 0.36 5.60 15.19
O2G GNP D . 0.63 7.14 13.23
O3G GNP D . 2.55 6.74 14.82
N3B GNP D . 1.86 4.79 13.19
PB GNP D . 2.84 5.05 11.82
O1B GNP D . 3.97 6.04 12.18
O2B GNP D . 2.01 5.60 10.70
O3A GNP D . 3.51 3.59 11.36
PA GNP D . 4.98 3.04 11.92
O1A GNP D . 5.13 3.41 13.38
O2A GNP D . 6.11 3.69 11.12
O5' GNP D . 5.06 1.37 11.76
C5' GNP D . 3.88 0.67 11.49
C4' GNP D . 4.19 -0.76 11.11
O4' GNP D . 4.16 -0.90 9.79
C3' GNP D . 5.61 -1.13 11.55
O3' GNP D . 5.63 -2.38 12.06
C2' GNP D . 6.45 -1.07 10.25
O2' GNP D . 7.61 -2.06 10.33
C1' GNP D . 5.61 -1.43 9.32
N9 GNP D . 5.97 -0.80 8.08
C8 GNP D . 6.24 0.49 7.77
N7 GNP D . 6.52 0.55 6.48
C5 GNP D . 6.40 -0.70 5.97
C6 GNP D . 6.56 -1.19 4.70
O6 GNP D . 6.87 -0.47 3.82
N1 GNP D . 6.38 -2.49 4.47
C2 GNP D . 6.05 -3.32 5.49
N2 GNP D . 5.86 -4.81 5.15
N3 GNP D . 5.88 -2.83 6.72
C4 GNP D . 6.06 -1.52 6.96
MG MG E . 4.33 6.99 13.87
C1 GOL F . -24.60 18.35 -17.49
O1 GOL F . -23.77 19.45 -17.79
C2 GOL F . -24.69 18.18 -15.98
O2 GOL F . -23.46 18.56 -15.43
C3 GOL F . -25.77 19.07 -15.36
O3 GOL F . -26.80 18.29 -14.79
#